data_2MNZ
#
_entry.id   2MNZ
#
loop_
_entity.id
_entity.type
_entity.pdbx_description
1 polymer 'Lysine-specific demethylase 5B'
2 polymer H3K4me0
3 non-polymer 'ZINC ION'
#
loop_
_entity_poly.entity_id
_entity_poly.type
_entity_poly.pdbx_seq_one_letter_code
_entity_poly.pdbx_strand_id
1 'polypeptide(L)' AVDLYVCLLCGSGNDEDRLLLCDGCDDSYHTFCLIPPLHDVPKGDWRCPKCLAQE A
2 'polypeptide(L)' ARTKQTARKS B
#
# COMPACT_ATOMS: atom_id res chain seq x y z
N ALA A 1 14.38 -4.81 -3.10
CA ALA A 1 13.36 -5.88 -3.29
C ALA A 1 11.96 -5.27 -3.25
N VAL A 2 11.12 -5.64 -4.17
CA VAL A 2 9.74 -5.08 -4.19
C VAL A 2 8.97 -5.56 -2.95
N ASP A 3 9.18 -6.78 -2.53
CA ASP A 3 8.47 -7.29 -1.33
C ASP A 3 8.85 -6.44 -0.11
N LEU A 4 10.05 -5.94 -0.10
CA LEU A 4 10.51 -5.11 1.05
C LEU A 4 9.53 -3.97 1.31
N TYR A 5 8.84 -3.51 0.30
CA TYR A 5 7.89 -2.40 0.51
C TYR A 5 6.83 -2.79 1.55
N VAL A 6 6.76 -2.04 2.61
CA VAL A 6 5.76 -2.34 3.68
C VAL A 6 4.92 -1.10 3.95
N CYS A 7 3.74 -1.27 4.50
CA CYS A 7 2.88 -0.08 4.78
C CYS A 7 3.72 0.95 5.53
N LEU A 8 3.95 2.07 4.92
CA LEU A 8 4.79 3.12 5.55
C LEU A 8 4.28 3.42 6.96
N LEU A 9 2.99 3.48 7.13
CA LEU A 9 2.43 3.78 8.48
C LEU A 9 2.70 2.61 9.45
N CYS A 10 2.51 1.38 9.02
CA CYS A 10 2.78 0.23 9.94
C CYS A 10 4.22 -0.24 9.76
N GLY A 11 4.48 -0.87 8.65
CA GLY A 11 5.84 -1.39 8.39
C GLY A 11 5.81 -2.92 8.44
N SER A 12 4.64 -3.49 8.59
CA SER A 12 4.53 -4.98 8.64
C SER A 12 4.45 -5.52 7.21
N GLY A 13 3.85 -4.77 6.33
CA GLY A 13 3.73 -5.21 4.90
C GLY A 13 3.34 -6.69 4.82
N ASN A 14 2.82 -7.26 5.87
CA ASN A 14 2.45 -8.69 5.82
C ASN A 14 1.03 -8.85 5.28
N ASP A 15 0.21 -7.84 5.40
CA ASP A 15 -1.19 -7.95 4.89
C ASP A 15 -1.17 -7.93 3.36
N GLU A 16 -0.89 -9.06 2.77
CA GLU A 16 -0.84 -9.14 1.28
C GLU A 16 -2.13 -8.61 0.65
N ASP A 17 -3.26 -8.89 1.25
CA ASP A 17 -4.55 -8.44 0.66
C ASP A 17 -4.82 -6.94 0.90
N ARG A 18 -4.26 -6.35 1.92
CA ARG A 18 -4.56 -4.91 2.19
C ARG A 18 -3.39 -3.99 1.83
N LEU A 19 -2.22 -4.51 1.64
CA LEU A 19 -1.08 -3.60 1.32
C LEU A 19 -1.18 -3.12 -0.13
N LEU A 20 -1.43 -1.85 -0.34
CA LEU A 20 -1.51 -1.33 -1.74
C LEU A 20 -0.30 -0.44 -1.99
N LEU A 21 0.39 -0.63 -3.08
CA LEU A 21 1.59 0.21 -3.37
C LEU A 21 1.19 1.37 -4.28
N CYS A 22 1.49 2.58 -3.86
CA CYS A 22 1.15 3.79 -4.67
C CYS A 22 2.25 4.01 -5.69
N ASP A 23 1.91 4.01 -6.94
CA ASP A 23 2.93 4.22 -8.01
C ASP A 23 3.24 5.70 -8.16
N GLY A 24 2.28 6.54 -7.95
CA GLY A 24 2.52 8.01 -8.11
C GLY A 24 3.62 8.46 -7.15
N CYS A 25 3.42 8.28 -5.88
CA CYS A 25 4.46 8.72 -4.91
C CYS A 25 4.53 7.75 -3.71
N ASP A 26 3.51 7.71 -2.90
CA ASP A 26 3.53 6.81 -1.71
C ASP A 26 4.14 5.46 -2.10
N ASP A 27 4.80 4.83 -1.19
CA ASP A 27 5.45 3.54 -1.47
C ASP A 27 4.51 2.37 -1.13
N SER A 28 4.21 2.20 0.12
CA SER A 28 3.32 1.09 0.51
C SER A 28 2.35 1.54 1.60
N TYR A 29 1.10 1.17 1.50
CA TYR A 29 0.12 1.59 2.52
C TYR A 29 -0.99 0.54 2.64
N HIS A 30 -1.75 0.60 3.68
CA HIS A 30 -2.88 -0.36 3.86
C HIS A 30 -4.18 0.37 3.53
N THR A 31 -5.15 -0.33 3.00
CA THR A 31 -6.43 0.35 2.69
C THR A 31 -6.97 1.02 3.96
N PHE A 32 -6.75 0.42 5.10
CA PHE A 32 -7.28 1.01 6.37
C PHE A 32 -6.32 2.07 6.94
N CYS A 33 -5.06 2.00 6.63
CA CYS A 33 -4.12 3.02 7.17
C CYS A 33 -4.19 4.29 6.32
N LEU A 34 -4.99 4.28 5.31
CA LEU A 34 -5.10 5.46 4.42
C LEU A 34 -6.34 6.29 4.79
N ILE A 35 -7.39 6.09 4.05
CA ILE A 35 -8.67 6.81 4.29
C ILE A 35 -9.72 5.72 4.47
N PRO A 36 -10.95 6.02 4.85
CA PRO A 36 -11.99 4.98 5.03
C PRO A 36 -11.64 3.75 4.16
N PRO A 37 -11.32 2.63 4.78
CA PRO A 37 -10.87 1.43 4.04
C PRO A 37 -11.56 1.26 2.68
N LEU A 38 -10.79 1.02 1.65
CA LEU A 38 -11.38 0.81 0.31
C LEU A 38 -12.03 -0.56 0.26
N HIS A 39 -12.88 -0.81 -0.69
CA HIS A 39 -13.55 -2.14 -0.77
C HIS A 39 -12.48 -3.21 -0.97
N ASP A 40 -11.50 -2.92 -1.77
CA ASP A 40 -10.41 -3.92 -2.01
C ASP A 40 -9.19 -3.22 -2.60
N VAL A 41 -8.11 -3.94 -2.77
CA VAL A 41 -6.89 -3.32 -3.35
C VAL A 41 -7.08 -3.10 -4.86
N PRO A 42 -7.09 -1.87 -5.33
CA PRO A 42 -7.26 -1.56 -6.78
C PRO A 42 -6.40 -2.45 -7.67
N LYS A 43 -6.82 -2.66 -8.89
CA LYS A 43 -6.05 -3.54 -9.82
C LYS A 43 -4.83 -2.81 -10.41
N GLY A 44 -4.27 -1.89 -9.69
CA GLY A 44 -3.07 -1.17 -10.22
C GLY A 44 -3.44 0.22 -10.74
N ASP A 45 -4.69 0.59 -10.65
CA ASP A 45 -5.11 1.93 -11.14
C ASP A 45 -5.60 2.79 -9.98
N TRP A 46 -4.69 3.21 -9.12
CA TRP A 46 -5.10 4.05 -7.97
C TRP A 46 -3.92 4.89 -7.49
N ARG A 47 -4.18 5.85 -6.65
CA ARG A 47 -3.09 6.73 -6.14
C ARG A 47 -3.38 7.08 -4.68
N CYS A 48 -2.38 7.46 -3.93
CA CYS A 48 -2.62 7.82 -2.51
C CYS A 48 -2.89 9.33 -2.41
N PRO A 49 -3.31 9.81 -1.27
CA PRO A 49 -3.62 11.28 -1.09
C PRO A 49 -2.39 12.17 -1.29
N LYS A 50 -1.23 11.68 -0.97
CA LYS A 50 0.00 12.50 -1.13
C LYS A 50 0.18 12.93 -2.59
N CYS A 51 -0.07 12.07 -3.52
CA CYS A 51 0.10 12.47 -4.95
C CYS A 51 -1.04 13.41 -5.35
N LEU A 52 -2.19 13.23 -4.77
CA LEU A 52 -3.34 14.12 -5.10
C LEU A 52 -3.07 15.54 -4.60
N ALA A 53 -2.41 15.67 -3.48
CA ALA A 53 -2.13 17.02 -2.93
C ALA A 53 -1.31 17.83 -3.95
N GLN A 54 -0.56 17.15 -4.78
CA GLN A 54 0.27 17.86 -5.78
C GLN A 54 -0.65 18.72 -6.65
N GLU A 55 -1.80 18.20 -6.97
CA GLU A 55 -2.75 18.97 -7.82
C GLU A 55 -3.74 19.72 -6.93
N ALA B 1 -3.62 0.10 -7.92
CA ALA B 1 -2.71 -0.21 -6.78
C ALA B 1 -2.13 -1.61 -6.97
N ARG B 2 -0.96 -1.84 -6.45
CA ARG B 2 -0.34 -3.19 -6.59
C ARG B 2 -0.24 -3.83 -5.21
N THR B 3 -0.55 -5.09 -5.11
CA THR B 3 -0.53 -5.79 -3.80
C THR B 3 0.90 -6.13 -3.37
N LYS B 4 1.18 -5.98 -2.11
CA LYS B 4 2.54 -6.31 -1.59
C LYS B 4 2.38 -7.16 -0.33
N GLN B 5 3.22 -8.15 -0.16
CA GLN B 5 3.11 -9.04 1.04
C GLN B 5 4.46 -9.14 1.74
N THR B 6 4.46 -9.42 3.02
CA THR B 6 5.75 -9.55 3.75
C THR B 6 5.66 -10.64 4.81
N ALA B 7 6.57 -11.56 4.81
CA ALA B 7 6.54 -12.65 5.83
C ALA B 7 7.97 -13.02 6.24
N ARG B 8 8.14 -13.51 7.43
CA ARG B 8 9.51 -13.89 7.90
C ARG B 8 9.51 -15.34 8.37
N LYS B 9 10.59 -16.05 8.17
CA LYS B 9 10.66 -17.47 8.60
C LYS B 9 11.62 -17.58 9.79
N SER B 10 11.34 -18.47 10.71
CA SER B 10 12.24 -18.63 11.88
C SER B 10 11.74 -19.79 12.75
N ALA A 1 14.45 -7.10 -4.25
CA ALA A 1 13.06 -7.63 -4.33
C ALA A 1 12.07 -6.46 -4.30
N VAL A 2 11.10 -6.46 -5.17
CA VAL A 2 10.10 -5.36 -5.18
C VAL A 2 9.21 -5.46 -3.94
N ASP A 3 9.05 -6.63 -3.42
CA ASP A 3 8.20 -6.79 -2.21
C ASP A 3 8.87 -6.12 -1.01
N LEU A 4 10.09 -5.69 -1.19
CA LEU A 4 10.83 -5.05 -0.07
C LEU A 4 10.00 -3.91 0.54
N TYR A 5 9.29 -3.13 -0.24
CA TYR A 5 8.52 -2.03 0.37
C TYR A 5 7.37 -2.59 1.20
N VAL A 6 7.22 -2.10 2.40
CA VAL A 6 6.12 -2.57 3.28
C VAL A 6 5.28 -1.36 3.71
N CYS A 7 4.13 -1.60 4.28
CA CYS A 7 3.28 -0.44 4.70
C CYS A 7 4.15 0.52 5.49
N LEU A 8 4.38 1.68 4.95
CA LEU A 8 5.23 2.69 5.64
C LEU A 8 4.68 2.94 7.05
N LEU A 9 3.39 3.00 7.18
CA LEU A 9 2.79 3.25 8.52
C LEU A 9 3.07 2.06 9.46
N CYS A 10 2.90 0.85 8.99
CA CYS A 10 3.20 -0.33 9.86
C CYS A 10 4.64 -0.75 9.66
N GLY A 11 4.92 -1.30 8.51
CA GLY A 11 6.30 -1.78 8.21
C GLY A 11 6.26 -3.30 8.13
N SER A 12 5.12 -3.88 8.38
CA SER A 12 4.99 -5.36 8.31
C SER A 12 4.68 -5.74 6.86
N GLY A 13 3.97 -4.87 6.17
CA GLY A 13 3.60 -5.11 4.74
C GLY A 13 3.40 -6.61 4.47
N ASN A 14 2.98 -7.35 5.46
CA ASN A 14 2.77 -8.80 5.23
C ASN A 14 1.36 -9.03 4.72
N ASP A 15 0.45 -8.12 4.98
CA ASP A 15 -0.95 -8.29 4.50
C ASP A 15 -0.99 -8.14 2.98
N GLU A 16 -0.69 -9.19 2.27
CA GLU A 16 -0.69 -9.12 0.79
C GLU A 16 -2.02 -8.62 0.24
N ASP A 17 -3.10 -9.10 0.77
CA ASP A 17 -4.43 -8.67 0.25
C ASP A 17 -4.71 -7.20 0.58
N ARG A 18 -4.12 -6.69 1.63
CA ARG A 18 -4.42 -5.28 2.01
C ARG A 18 -3.27 -4.32 1.68
N LEU A 19 -2.05 -4.77 1.52
CA LEU A 19 -0.98 -3.76 1.22
C LEU A 19 -1.11 -3.29 -0.23
N LEU A 20 -1.42 -2.03 -0.43
CA LEU A 20 -1.51 -1.50 -1.82
C LEU A 20 -0.33 -0.58 -2.06
N LEU A 21 0.36 -0.74 -3.18
CA LEU A 21 1.52 0.15 -3.45
C LEU A 21 1.09 1.33 -4.32
N CYS A 22 1.38 2.53 -3.89
CA CYS A 22 0.99 3.72 -4.70
C CYS A 22 2.10 4.01 -5.70
N ASP A 23 1.75 4.01 -6.96
CA ASP A 23 2.77 4.26 -8.02
C ASP A 23 3.15 5.73 -8.11
N GLY A 24 2.23 6.62 -7.87
CA GLY A 24 2.55 8.07 -7.97
C GLY A 24 3.68 8.43 -7.01
N CYS A 25 3.48 8.22 -5.74
CA CYS A 25 4.54 8.58 -4.76
C CYS A 25 4.61 7.55 -3.60
N ASP A 26 3.60 7.51 -2.77
CA ASP A 26 3.61 6.54 -1.64
C ASP A 26 4.16 5.21 -2.13
N ASP A 27 4.84 4.51 -1.27
CA ASP A 27 5.43 3.21 -1.68
C ASP A 27 4.51 2.06 -1.29
N SER A 28 4.32 1.82 -0.03
CA SER A 28 3.44 0.69 0.40
C SER A 28 2.50 1.14 1.50
N TYR A 29 1.26 0.73 1.43
CA TYR A 29 0.30 1.14 2.48
C TYR A 29 -0.82 0.10 2.60
N HIS A 30 -1.52 0.09 3.70
CA HIS A 30 -2.64 -0.87 3.86
C HIS A 30 -3.95 -0.13 3.61
N THR A 31 -4.93 -0.79 3.10
CA THR A 31 -6.23 -0.10 2.84
C THR A 31 -6.72 0.52 4.16
N PHE A 32 -6.47 -0.13 5.27
CA PHE A 32 -6.95 0.41 6.58
C PHE A 32 -5.98 1.45 7.15
N CYS A 33 -4.73 1.41 6.76
CA CYS A 33 -3.77 2.40 7.32
C CYS A 33 -3.87 3.72 6.54
N LEU A 34 -4.72 3.75 5.55
CA LEU A 34 -4.85 4.97 4.72
C LEU A 34 -6.08 5.78 5.14
N ILE A 35 -7.14 5.61 4.40
CA ILE A 35 -8.41 6.33 4.69
C ILE A 35 -9.44 5.23 4.90
N PRO A 36 -10.63 5.51 5.40
CA PRO A 36 -11.65 4.47 5.60
C PRO A 36 -11.37 3.27 4.67
N PRO A 37 -11.01 2.13 5.20
CA PRO A 37 -10.61 0.96 4.38
C PRO A 37 -11.35 0.87 3.05
N LEU A 38 -10.60 0.67 1.98
CA LEU A 38 -11.23 0.55 0.64
C LEU A 38 -11.92 -0.81 0.55
N HIS A 39 -12.80 -0.99 -0.39
CA HIS A 39 -13.49 -2.30 -0.51
C HIS A 39 -12.45 -3.38 -0.80
N ASP A 40 -11.50 -3.08 -1.63
CA ASP A 40 -10.44 -4.08 -1.94
C ASP A 40 -9.24 -3.37 -2.56
N VAL A 41 -8.16 -4.08 -2.78
CA VAL A 41 -6.96 -3.45 -3.38
C VAL A 41 -7.20 -3.18 -4.88
N PRO A 42 -7.21 -1.93 -5.30
CA PRO A 42 -7.43 -1.57 -6.74
C PRO A 42 -6.59 -2.43 -7.69
N LYS A 43 -7.04 -2.58 -8.91
CA LYS A 43 -6.30 -3.41 -9.90
C LYS A 43 -5.10 -2.67 -10.49
N GLY A 44 -4.53 -1.74 -9.76
CA GLY A 44 -3.35 -1.00 -10.31
C GLY A 44 -3.75 0.40 -10.76
N ASP A 45 -5.01 0.77 -10.62
CA ASP A 45 -5.45 2.12 -11.04
C ASP A 45 -5.87 2.94 -9.82
N TRP A 46 -4.93 3.31 -9.00
CA TRP A 46 -5.28 4.11 -7.78
C TRP A 46 -4.04 4.84 -7.27
N ARG A 47 -4.24 5.88 -6.51
CA ARG A 47 -3.10 6.64 -5.96
C ARG A 47 -3.37 6.95 -4.49
N CYS A 48 -2.35 7.25 -3.74
CA CYS A 48 -2.54 7.55 -2.29
C CYS A 48 -2.95 9.02 -2.14
N PRO A 49 -3.30 9.47 -0.95
CA PRO A 49 -3.72 10.89 -0.73
C PRO A 49 -2.59 11.86 -1.03
N LYS A 50 -1.37 11.47 -0.76
CA LYS A 50 -0.22 12.38 -1.04
C LYS A 50 -0.18 12.69 -2.53
N CYS A 51 -0.54 11.74 -3.35
CA CYS A 51 -0.53 11.99 -4.83
C CYS A 51 -1.41 13.18 -5.15
N LEU A 52 -2.55 13.28 -4.51
CA LEU A 52 -3.46 14.42 -4.78
C LEU A 52 -2.90 15.68 -4.15
N ALA A 53 -2.24 15.55 -3.02
CA ALA A 53 -1.67 16.75 -2.34
C ALA A 53 -0.66 17.44 -3.25
N GLN A 54 -0.10 16.72 -4.18
CA GLN A 54 0.90 17.33 -5.10
C GLN A 54 0.25 18.52 -5.79
N GLU A 55 -0.99 18.39 -6.15
CA GLU A 55 -1.70 19.51 -6.83
C GLU A 55 -1.42 20.82 -6.09
N ALA B 1 -3.86 0.17 -7.95
CA ALA B 1 -2.89 -0.16 -6.86
C ALA B 1 -2.31 -1.54 -7.09
N ARG B 2 -1.14 -1.77 -6.59
CA ARG B 2 -0.51 -3.11 -6.77
C ARG B 2 -0.37 -3.78 -5.41
N THR B 3 -0.81 -5.00 -5.28
CA THR B 3 -0.73 -5.69 -3.97
C THR B 3 0.71 -6.10 -3.67
N LYS B 4 1.14 -5.93 -2.44
CA LYS B 4 2.53 -6.32 -2.07
C LYS B 4 2.49 -7.20 -0.83
N GLN B 5 3.30 -8.22 -0.80
CA GLN B 5 3.32 -9.14 0.37
C GLN B 5 4.71 -9.11 1.01
N THR B 6 4.78 -9.25 2.30
CA THR B 6 6.12 -9.23 2.97
C THR B 6 6.18 -10.32 4.05
N ALA B 7 7.19 -11.13 4.03
CA ALA B 7 7.31 -12.21 5.06
C ALA B 7 7.55 -11.57 6.44
N ARG B 8 7.08 -12.21 7.47
CA ARG B 8 7.27 -11.66 8.84
C ARG B 8 8.42 -12.40 9.53
N LYS B 9 9.21 -11.71 10.32
CA LYS B 9 10.34 -12.39 11.01
C LYS B 9 9.81 -13.53 11.88
N SER B 10 8.64 -13.36 12.45
CA SER B 10 8.07 -14.44 13.31
C SER B 10 9.08 -14.81 14.41
N ALA A 1 14.24 -7.33 -3.54
CA ALA A 1 12.85 -7.84 -3.69
C ALA A 1 11.88 -6.66 -3.69
N VAL A 2 10.94 -6.66 -4.61
CA VAL A 2 9.95 -5.55 -4.67
C VAL A 2 9.01 -5.63 -3.48
N ASP A 3 8.83 -6.79 -2.93
CA ASP A 3 7.93 -6.94 -1.76
C ASP A 3 8.56 -6.27 -0.53
N LEU A 4 9.78 -5.86 -0.65
CA LEU A 4 10.48 -5.22 0.49
C LEU A 4 9.66 -4.04 1.05
N TYR A 5 9.01 -3.27 0.23
CA TYR A 5 8.24 -2.11 0.79
C TYR A 5 7.06 -2.62 1.61
N VAL A 6 6.89 -2.08 2.79
CA VAL A 6 5.77 -2.50 3.66
C VAL A 6 4.94 -1.25 4.02
N CYS A 7 3.76 -1.43 4.53
CA CYS A 7 2.92 -0.26 4.87
C CYS A 7 3.77 0.70 5.69
N LEU A 8 4.08 1.84 5.13
CA LEU A 8 4.93 2.82 5.84
C LEU A 8 4.32 3.14 7.21
N LEU A 9 3.03 3.23 7.30
CA LEU A 9 2.40 3.54 8.61
C LEU A 9 2.63 2.36 9.57
N CYS A 10 2.45 1.15 9.12
CA CYS A 10 2.69 -0.03 10.02
C CYS A 10 4.14 -0.49 9.85
N GLY A 11 4.42 -1.08 8.72
CA GLY A 11 5.79 -1.60 8.46
C GLY A 11 5.73 -3.12 8.42
N SER A 12 4.56 -3.68 8.65
CA SER A 12 4.43 -5.17 8.61
C SER A 12 4.15 -5.59 7.16
N GLY A 13 3.49 -4.74 6.41
CA GLY A 13 3.17 -5.05 4.98
C GLY A 13 2.93 -6.55 4.78
N ASN A 14 2.48 -7.24 5.78
CA ASN A 14 2.24 -8.70 5.60
C ASN A 14 0.83 -8.91 5.07
N ASP A 15 -0.06 -7.98 5.29
CA ASP A 15 -1.45 -8.13 4.79
C ASP A 15 -1.46 -7.96 3.26
N GLU A 16 -1.16 -9.02 2.55
CA GLU A 16 -1.12 -8.93 1.06
C GLU A 16 -2.43 -8.40 0.48
N ASP A 17 -3.54 -8.84 1.00
CA ASP A 17 -4.84 -8.38 0.44
C ASP A 17 -5.07 -6.91 0.74
N ARG A 18 -4.46 -6.39 1.78
CA ARG A 18 -4.72 -4.97 2.14
C ARG A 18 -3.53 -4.06 1.81
N LEU A 19 -2.34 -4.59 1.64
CA LEU A 19 -1.20 -3.69 1.34
C LEU A 19 -1.32 -3.17 -0.09
N LEU A 20 -1.58 -1.90 -0.27
CA LEU A 20 -1.67 -1.34 -1.63
C LEU A 20 -0.45 -0.45 -1.88
N LEU A 21 0.21 -0.61 -2.98
CA LEU A 21 1.41 0.23 -3.25
C LEU A 21 1.02 1.42 -4.13
N CYS A 22 1.34 2.62 -3.70
CA CYS A 22 1.01 3.83 -4.50
C CYS A 22 2.14 4.08 -5.48
N ASP A 23 1.81 4.10 -6.75
CA ASP A 23 2.86 4.32 -7.80
C ASP A 23 3.24 5.80 -7.88
N GLY A 24 2.31 6.67 -7.65
CA GLY A 24 2.63 8.13 -7.74
C GLY A 24 3.75 8.50 -6.79
N CYS A 25 3.56 8.28 -5.52
CA CYS A 25 4.62 8.63 -4.54
C CYS A 25 4.66 7.62 -3.39
N ASP A 26 3.66 7.60 -2.57
CA ASP A 26 3.64 6.64 -1.43
C ASP A 26 4.16 5.28 -1.89
N ASP A 27 4.82 4.57 -1.02
CA ASP A 27 5.37 3.25 -1.42
C ASP A 27 4.41 2.13 -1.04
N SER A 28 4.17 1.94 0.23
CA SER A 28 3.24 0.83 0.65
C SER A 28 2.26 1.34 1.70
N TYR A 29 1.01 0.96 1.60
CA TYR A 29 0.00 1.42 2.58
C TYR A 29 -1.11 0.37 2.71
N HIS A 30 -1.84 0.40 3.78
CA HIS A 30 -2.97 -0.56 3.95
C HIS A 30 -4.26 0.18 3.64
N THR A 31 -5.24 -0.50 3.11
CA THR A 31 -6.52 0.19 2.82
C THR A 31 -7.05 0.85 4.10
N PHE A 32 -6.83 0.23 5.24
CA PHE A 32 -7.35 0.79 6.51
C PHE A 32 -6.38 1.83 7.09
N CYS A 33 -5.13 1.79 6.73
CA CYS A 33 -4.18 2.79 7.29
C CYS A 33 -4.27 4.08 6.49
N LEU A 34 -5.09 4.11 5.49
CA LEU A 34 -5.23 5.33 4.64
C LEU A 34 -6.47 6.12 5.06
N ILE A 35 -7.52 5.94 4.32
CA ILE A 35 -8.80 6.66 4.60
C ILE A 35 -9.85 5.55 4.74
N PRO A 36 -11.09 5.83 5.11
CA PRO A 36 -12.12 4.78 5.23
C PRO A 36 -11.77 3.57 4.35
N PRO A 37 -11.43 2.43 4.93
CA PRO A 37 -10.97 1.25 4.16
C PRO A 37 -11.66 1.11 2.80
N LEU A 38 -10.86 0.90 1.77
CA LEU A 38 -11.44 0.71 0.41
C LEU A 38 -12.05 -0.68 0.31
N HIS A 39 -12.90 -0.90 -0.64
CA HIS A 39 -13.53 -2.25 -0.76
C HIS A 39 -12.45 -3.29 -1.03
N ASP A 40 -11.47 -2.95 -1.82
CA ASP A 40 -10.37 -3.92 -2.11
C ASP A 40 -9.17 -3.16 -2.66
N VAL A 41 -8.07 -3.85 -2.86
CA VAL A 41 -6.85 -3.19 -3.40
C VAL A 41 -7.04 -2.92 -4.91
N PRO A 42 -7.07 -1.67 -5.34
CA PRO A 42 -7.24 -1.32 -6.78
C PRO A 42 -6.28 -2.11 -7.70
N LYS A 43 -6.62 -2.23 -8.95
CA LYS A 43 -5.78 -3.01 -9.91
C LYS A 43 -4.54 -2.22 -10.35
N GLY A 44 -4.12 -1.23 -9.59
CA GLY A 44 -2.91 -0.45 -9.99
C GLY A 44 -3.29 0.92 -10.55
N ASP A 45 -4.56 1.18 -10.72
CA ASP A 45 -4.98 2.50 -11.27
C ASP A 45 -5.32 3.48 -10.14
N TRP A 46 -4.64 3.39 -9.04
CA TRP A 46 -4.93 4.32 -7.90
C TRP A 46 -3.64 4.80 -7.26
N ARG A 47 -3.68 5.97 -6.66
CA ARG A 47 -2.47 6.50 -6.01
C ARG A 47 -2.87 7.04 -4.63
N CYS A 48 -1.97 7.13 -3.70
CA CYS A 48 -2.35 7.63 -2.35
C CYS A 48 -2.67 9.14 -2.41
N PRO A 49 -3.25 9.70 -1.38
CA PRO A 49 -3.62 11.15 -1.37
C PRO A 49 -2.40 12.07 -1.46
N LYS A 50 -1.27 11.63 -0.99
CA LYS A 50 -0.05 12.49 -1.02
C LYS A 50 0.30 12.89 -2.46
N CYS A 51 0.14 12.03 -3.41
CA CYS A 51 0.48 12.43 -4.82
C CYS A 51 -0.52 13.46 -5.32
N LEU A 52 -1.76 13.33 -4.95
CA LEU A 52 -2.79 14.30 -5.39
C LEU A 52 -2.55 15.67 -4.76
N ALA A 53 -2.03 15.69 -3.56
CA ALA A 53 -1.78 17.00 -2.90
C ALA A 53 -0.77 17.79 -3.72
N GLN A 54 0.04 17.09 -4.45
CA GLN A 54 1.06 17.77 -5.29
C GLN A 54 0.36 18.62 -6.35
N GLU A 55 -0.73 18.14 -6.86
CA GLU A 55 -1.49 18.91 -7.89
C GLU A 55 -2.38 19.94 -7.19
N ALA B 1 -3.67 0.58 -7.64
CA ALA B 1 -2.81 0.10 -6.52
C ALA B 1 -2.36 -1.32 -6.80
N ARG B 2 -1.23 -1.69 -6.24
CA ARG B 2 -0.71 -3.06 -6.44
C ARG B 2 -0.60 -3.76 -5.10
N THR B 3 -1.00 -5.00 -5.03
CA THR B 3 -0.95 -5.73 -3.72
C THR B 3 0.48 -6.13 -3.38
N LYS B 4 0.86 -6.01 -2.14
CA LYS B 4 2.25 -6.39 -1.73
C LYS B 4 2.17 -7.26 -0.47
N GLN B 5 2.93 -8.31 -0.43
CA GLN B 5 2.91 -9.22 0.77
C GLN B 5 4.28 -9.20 1.44
N THR B 6 4.32 -9.27 2.75
CA THR B 6 5.64 -9.28 3.45
C THR B 6 5.64 -10.31 4.58
N ALA B 7 6.65 -11.11 4.67
CA ALA B 7 6.70 -12.13 5.76
C ALA B 7 8.13 -12.30 6.25
N ARG B 8 8.30 -12.67 7.49
CA ARG B 8 9.69 -12.87 8.04
C ARG B 8 9.78 -14.24 8.69
N LYS B 9 10.94 -14.85 8.65
CA LYS B 9 11.10 -16.19 9.27
C LYS B 9 10.74 -16.12 10.75
N SER B 10 11.04 -15.02 11.39
CA SER B 10 10.72 -14.90 12.84
C SER B 10 10.73 -13.41 13.24
N ALA A 1 14.55 -5.28 -3.07
CA ALA A 1 13.53 -6.34 -3.35
C ALA A 1 12.14 -5.74 -3.29
N VAL A 2 11.31 -6.05 -4.25
CA VAL A 2 9.92 -5.51 -4.26
C VAL A 2 9.14 -6.06 -3.07
N ASP A 3 9.37 -7.30 -2.71
CA ASP A 3 8.63 -7.88 -1.56
C ASP A 3 8.98 -7.12 -0.29
N LEU A 4 10.18 -6.61 -0.22
CA LEU A 4 10.61 -5.85 0.98
C LEU A 4 9.65 -4.68 1.24
N TYR A 5 8.98 -4.21 0.25
CA TYR A 5 8.06 -3.06 0.48
C TYR A 5 7.02 -3.42 1.54
N VAL A 6 6.99 -2.67 2.61
CA VAL A 6 6.00 -2.94 3.69
C VAL A 6 5.19 -1.67 3.96
N CYS A 7 4.00 -1.82 4.48
CA CYS A 7 3.17 -0.62 4.76
C CYS A 7 4.02 0.41 5.50
N LEU A 8 4.24 1.53 4.87
CA LEU A 8 5.10 2.58 5.48
C LEU A 8 4.61 2.90 6.89
N LEU A 9 3.33 3.00 7.08
CA LEU A 9 2.80 3.33 8.43
C LEU A 9 3.09 2.17 9.41
N CYS A 10 2.88 0.95 8.99
CA CYS A 10 3.18 -0.20 9.91
C CYS A 10 4.60 -0.69 9.68
N GLY A 11 4.82 -1.31 8.57
CA GLY A 11 6.18 -1.85 8.26
C GLY A 11 6.11 -3.38 8.32
N SER A 12 4.96 -3.91 8.64
CA SER A 12 4.80 -5.40 8.69
C SER A 12 4.46 -5.90 7.29
N GLY A 13 3.75 -5.09 6.54
CA GLY A 13 3.36 -5.48 5.15
C GLY A 13 3.06 -6.98 5.08
N ASN A 14 2.51 -7.55 6.11
CA ASN A 14 2.21 -9.00 6.05
C ASN A 14 0.83 -9.20 5.42
N ASP A 15 -0.01 -8.19 5.50
CA ASP A 15 -1.37 -8.30 4.90
C ASP A 15 -1.25 -8.25 3.38
N GLU A 16 -1.02 -9.37 2.77
CA GLU A 16 -0.87 -9.43 1.29
C GLU A 16 -2.08 -8.81 0.59
N ASP A 17 -3.25 -9.06 1.07
CA ASP A 17 -4.46 -8.53 0.41
C ASP A 17 -4.68 -7.04 0.69
N ARG A 18 -4.11 -6.51 1.75
CA ARG A 18 -4.36 -5.07 2.07
C ARG A 18 -3.16 -4.18 1.78
N LEU A 19 -1.97 -4.71 1.65
CA LEU A 19 -0.82 -3.81 1.37
C LEU A 19 -0.85 -3.35 -0.09
N LEU A 20 -1.13 -2.08 -0.31
CA LEU A 20 -1.18 -1.55 -1.71
C LEU A 20 0.01 -0.63 -1.97
N LEU A 21 0.67 -0.80 -3.08
CA LEU A 21 1.84 0.08 -3.38
C LEU A 21 1.40 1.26 -4.24
N CYS A 22 1.71 2.47 -3.80
CA CYS A 22 1.33 3.69 -4.59
C CYS A 22 2.41 3.97 -5.61
N ASP A 23 2.04 3.99 -6.86
CA ASP A 23 3.02 4.24 -7.94
C ASP A 23 3.33 5.73 -8.05
N GLY A 24 2.35 6.56 -7.80
CA GLY A 24 2.58 8.03 -7.90
C GLY A 24 3.69 8.46 -6.95
N CYS A 25 3.53 8.25 -5.68
CA CYS A 25 4.58 8.66 -4.71
C CYS A 25 4.69 7.66 -3.55
N ASP A 26 3.68 7.58 -2.73
CA ASP A 26 3.73 6.65 -1.58
C ASP A 26 4.34 5.32 -2.02
N ASP A 27 5.01 4.67 -1.11
CA ASP A 27 5.68 3.39 -1.44
C ASP A 27 4.75 2.22 -1.12
N SER A 28 4.45 2.03 0.13
CA SER A 28 3.56 0.89 0.50
C SER A 28 2.60 1.33 1.61
N TYR A 29 1.36 0.92 1.51
CA TYR A 29 0.37 1.31 2.55
C TYR A 29 -0.72 0.24 2.67
N HIS A 30 -1.45 0.23 3.75
CA HIS A 30 -2.54 -0.76 3.90
C HIS A 30 -3.86 -0.05 3.59
N THR A 31 -4.83 -0.75 3.06
CA THR A 31 -6.13 -0.08 2.76
C THR A 31 -6.66 0.56 4.04
N PHE A 32 -6.43 -0.05 5.18
CA PHE A 32 -6.96 0.52 6.46
C PHE A 32 -6.01 1.58 7.04
N CYS A 33 -4.75 1.55 6.68
CA CYS A 33 -3.81 2.57 7.23
C CYS A 33 -3.90 3.86 6.42
N LEU A 34 -4.70 3.86 5.40
CA LEU A 34 -4.82 5.07 4.55
C LEU A 34 -6.04 5.91 4.96
N ILE A 35 -7.11 5.74 4.25
CA ILE A 35 -8.36 6.47 4.54
C ILE A 35 -9.43 5.39 4.75
N PRO A 36 -10.64 5.70 5.17
CA PRO A 36 -11.68 4.67 5.36
C PRO A 36 -11.36 3.44 4.49
N PRO A 37 -11.02 2.32 5.07
CA PRO A 37 -10.60 1.12 4.31
C PRO A 37 -11.26 1.00 2.95
N LEU A 38 -10.47 0.75 1.94
CA LEU A 38 -11.00 0.62 0.56
C LEU A 38 -11.68 -0.75 0.44
N HIS A 39 -12.54 -0.92 -0.53
CA HIS A 39 -13.23 -2.23 -0.66
C HIS A 39 -12.20 -3.31 -0.94
N ASP A 40 -11.23 -3.04 -1.75
CA ASP A 40 -10.19 -4.07 -2.04
C ASP A 40 -8.96 -3.39 -2.63
N VAL A 41 -7.91 -4.14 -2.84
CA VAL A 41 -6.68 -3.53 -3.42
C VAL A 41 -6.88 -3.24 -4.91
N PRO A 42 -6.86 -1.99 -5.32
CA PRO A 42 -7.03 -1.61 -6.76
C PRO A 42 -6.14 -2.42 -7.70
N LYS A 43 -6.53 -2.54 -8.94
CA LYS A 43 -5.74 -3.34 -9.92
C LYS A 43 -4.54 -2.55 -10.45
N GLY A 44 -4.05 -1.59 -9.71
CA GLY A 44 -2.87 -0.81 -10.19
C GLY A 44 -3.30 0.59 -10.64
N ASP A 45 -4.58 0.86 -10.68
CA ASP A 45 -5.04 2.20 -11.14
C ASP A 45 -5.45 3.06 -9.93
N TRP A 46 -4.59 3.20 -8.96
CA TRP A 46 -4.95 4.02 -7.77
C TRP A 46 -3.73 4.77 -7.25
N ARG A 47 -3.95 5.84 -6.54
CA ARG A 47 -2.83 6.63 -5.98
C ARG A 47 -3.16 7.00 -4.53
N CYS A 48 -2.17 7.25 -3.72
CA CYS A 48 -2.44 7.60 -2.30
C CYS A 48 -2.71 9.10 -2.18
N PRO A 49 -3.17 9.57 -1.04
CA PRO A 49 -3.49 11.03 -0.84
C PRO A 49 -2.26 11.92 -0.97
N LYS A 50 -1.11 11.41 -0.64
CA LYS A 50 0.12 12.25 -0.71
C LYS A 50 0.34 12.77 -2.14
N CYS A 51 0.12 11.95 -3.12
CA CYS A 51 0.31 12.43 -4.53
C CYS A 51 -0.82 13.39 -4.89
N LEU A 52 -1.99 13.15 -4.36
CA LEU A 52 -3.14 14.04 -4.66
C LEU A 52 -2.91 15.43 -4.06
N ALA A 53 -2.24 15.50 -2.94
CA ALA A 53 -2.00 16.82 -2.30
C ALA A 53 -1.16 17.70 -3.23
N GLN A 54 -0.39 17.07 -4.09
CA GLN A 54 0.46 17.83 -5.02
C GLN A 54 -0.42 18.71 -5.92
N GLU A 55 -1.54 18.19 -6.30
CA GLU A 55 -2.47 18.97 -7.17
C GLU A 55 -3.23 19.99 -6.32
N ALA B 1 -3.44 0.20 -7.77
CA ALA B 1 -2.53 -0.20 -6.64
C ALA B 1 -2.01 -1.60 -6.89
N ARG B 2 -0.85 -1.90 -6.41
CA ARG B 2 -0.27 -3.26 -6.60
C ARG B 2 -0.18 -3.95 -5.24
N THR B 3 -0.59 -5.19 -5.18
CA THR B 3 -0.56 -5.93 -3.88
C THR B 3 0.86 -6.36 -3.52
N LYS B 4 1.21 -6.23 -2.27
CA LYS B 4 2.56 -6.66 -1.82
C LYS B 4 2.38 -7.56 -0.60
N GLN B 5 3.23 -8.55 -0.46
CA GLN B 5 3.09 -9.50 0.69
C GLN B 5 4.37 -9.48 1.54
N THR B 6 4.24 -9.81 2.81
CA THR B 6 5.44 -9.84 3.69
C THR B 6 5.14 -10.66 4.95
N ALA B 7 4.76 -11.88 4.78
CA ALA B 7 4.45 -12.74 5.96
C ALA B 7 5.73 -13.00 6.76
N ARG B 8 6.84 -13.12 6.10
CA ARG B 8 8.12 -13.37 6.80
C ARG B 8 8.39 -12.25 7.81
N LYS B 9 8.05 -11.04 7.47
CA LYS B 9 8.28 -9.90 8.41
C LYS B 9 7.05 -9.72 9.29
N SER B 10 7.24 -9.57 10.58
CA SER B 10 6.08 -9.37 11.49
C SER B 10 6.52 -8.52 12.68
N ALA A 1 13.96 -5.62 -3.67
CA ALA A 1 12.85 -6.61 -3.82
C ALA A 1 11.51 -5.89 -3.66
N VAL A 2 10.58 -6.16 -4.53
CA VAL A 2 9.25 -5.51 -4.43
C VAL A 2 8.53 -5.99 -3.16
N ASP A 3 8.73 -7.22 -2.78
CA ASP A 3 8.08 -7.73 -1.54
C ASP A 3 8.54 -6.91 -0.34
N LEU A 4 9.76 -6.45 -0.38
CA LEU A 4 10.30 -5.64 0.74
C LEU A 4 9.38 -4.45 1.04
N TYR A 5 8.70 -3.96 0.05
CA TYR A 5 7.82 -2.78 0.29
C TYR A 5 6.77 -3.13 1.34
N VAL A 6 6.75 -2.39 2.42
CA VAL A 6 5.74 -2.66 3.50
C VAL A 6 4.97 -1.39 3.81
N CYS A 7 3.77 -1.53 4.33
CA CYS A 7 2.95 -0.34 4.68
C CYS A 7 3.82 0.61 5.50
N LEU A 8 4.12 1.75 4.95
CA LEU A 8 4.97 2.73 5.68
C LEU A 8 4.39 3.01 7.07
N LEU A 9 3.10 3.10 7.18
CA LEU A 9 2.49 3.37 8.50
C LEU A 9 2.72 2.17 9.44
N CYS A 10 2.54 0.96 8.96
CA CYS A 10 2.79 -0.22 9.84
C CYS A 10 4.22 -0.70 9.63
N GLY A 11 4.48 -1.26 8.48
CA GLY A 11 5.85 -1.79 8.19
C GLY A 11 5.76 -3.31 8.16
N SER A 12 4.59 -3.84 8.42
CA SER A 12 4.41 -5.32 8.39
C SER A 12 4.07 -5.74 6.97
N GLY A 13 3.39 -4.89 6.24
CA GLY A 13 3.02 -5.19 4.83
C GLY A 13 2.77 -6.68 4.64
N ASN A 14 2.31 -7.36 5.65
CA ASN A 14 2.07 -8.81 5.50
C ASN A 14 0.67 -9.03 4.94
N ASP A 15 -0.21 -8.09 5.15
CA ASP A 15 -1.59 -8.23 4.62
C ASP A 15 -1.55 -8.17 3.10
N GLU A 16 -1.32 -9.30 2.49
CA GLU A 16 -1.22 -9.36 1.01
C GLU A 16 -2.46 -8.75 0.36
N ASP A 17 -3.61 -9.00 0.91
CA ASP A 17 -4.86 -8.47 0.30
C ASP A 17 -5.05 -6.99 0.58
N ARG A 18 -4.47 -6.45 1.63
CA ARG A 18 -4.71 -5.01 1.93
C ARG A 18 -3.48 -4.14 1.62
N LEU A 19 -2.32 -4.70 1.45
CA LEU A 19 -1.14 -3.84 1.16
C LEU A 19 -1.23 -3.31 -0.28
N LEU A 20 -1.49 -2.04 -0.44
CA LEU A 20 -1.57 -1.47 -1.82
C LEU A 20 -0.33 -0.61 -2.07
N LEU A 21 0.31 -0.79 -3.19
CA LEU A 21 1.53 0.04 -3.48
C LEU A 21 1.14 1.23 -4.36
N CYS A 22 1.47 2.42 -3.92
CA CYS A 22 1.15 3.65 -4.71
C CYS A 22 2.26 3.86 -5.72
N ASP A 23 1.90 3.89 -6.98
CA ASP A 23 2.91 4.08 -8.05
C ASP A 23 3.29 5.56 -8.17
N GLY A 24 2.35 6.43 -7.93
CA GLY A 24 2.65 7.88 -8.05
C GLY A 24 3.77 8.28 -7.09
N CYS A 25 3.57 8.07 -5.82
CA CYS A 25 4.64 8.45 -4.84
C CYS A 25 4.68 7.45 -3.67
N ASP A 26 3.67 7.42 -2.85
CA ASP A 26 3.67 6.49 -1.70
C ASP A 26 4.21 5.13 -2.12
N ASP A 27 4.87 4.46 -1.23
CA ASP A 27 5.46 3.14 -1.56
C ASP A 27 4.49 2.02 -1.21
N SER A 28 4.21 1.83 0.04
CA SER A 28 3.28 0.74 0.44
C SER A 28 2.32 1.23 1.51
N TYR A 29 1.08 0.86 1.41
CA TYR A 29 0.08 1.32 2.41
C TYR A 29 -1.04 0.29 2.53
N HIS A 30 -1.79 0.34 3.58
CA HIS A 30 -2.93 -0.61 3.75
C HIS A 30 -4.22 0.14 3.46
N THR A 31 -5.21 -0.53 2.93
CA THR A 31 -6.49 0.16 2.65
C THR A 31 -7.00 0.82 3.94
N PHE A 32 -6.78 0.20 5.07
CA PHE A 32 -7.28 0.77 6.35
C PHE A 32 -6.29 1.80 6.93
N CYS A 33 -5.04 1.73 6.59
CA CYS A 33 -4.07 2.71 7.15
C CYS A 33 -4.14 4.01 6.34
N LEU A 34 -4.96 4.04 5.34
CA LEU A 34 -5.07 5.25 4.49
C LEU A 34 -6.29 6.08 4.90
N ILE A 35 -7.36 5.92 4.19
CA ILE A 35 -8.61 6.64 4.47
C ILE A 35 -9.68 5.56 4.63
N PRO A 36 -10.91 5.87 5.03
CA PRO A 36 -11.95 4.83 5.18
C PRO A 36 -11.63 3.63 4.29
N PRO A 37 -11.31 2.49 4.86
CA PRO A 37 -10.90 1.30 4.08
C PRO A 37 -11.60 1.17 2.73
N LEU A 38 -10.84 0.95 1.69
CA LEU A 38 -11.44 0.79 0.34
C LEU A 38 -12.11 -0.59 0.26
N HIS A 39 -12.98 -0.78 -0.69
CA HIS A 39 -13.66 -2.10 -0.81
C HIS A 39 -12.61 -3.18 -1.06
N ASP A 40 -11.64 -2.89 -1.88
CA ASP A 40 -10.58 -3.90 -2.16
C ASP A 40 -9.35 -3.20 -2.74
N VAL A 41 -8.30 -3.93 -2.97
CA VAL A 41 -7.06 -3.31 -3.53
C VAL A 41 -7.27 -3.01 -5.02
N PRO A 42 -7.25 -1.76 -5.41
CA PRO A 42 -7.44 -1.36 -6.85
C PRO A 42 -6.59 -2.22 -7.81
N LYS A 43 -7.01 -2.29 -9.05
CA LYS A 43 -6.27 -3.12 -10.05
C LYS A 43 -5.04 -2.40 -10.58
N GLY A 44 -4.48 -1.48 -9.84
CA GLY A 44 -3.27 -0.76 -10.31
C GLY A 44 -3.62 0.66 -10.76
N ASP A 45 -4.89 1.00 -10.81
CA ASP A 45 -5.28 2.37 -11.24
C ASP A 45 -5.64 3.24 -10.04
N TRP A 46 -4.79 3.30 -9.06
CA TRP A 46 -5.10 4.14 -7.86
C TRP A 46 -3.84 4.84 -7.35
N ARG A 47 -4.02 5.90 -6.63
CA ARG A 47 -2.86 6.64 -6.08
C ARG A 47 -3.17 7.06 -4.64
N CYS A 48 -2.16 7.30 -3.84
CA CYS A 48 -2.42 7.69 -2.42
C CYS A 48 -2.65 9.21 -2.35
N PRO A 49 -3.09 9.73 -1.22
CA PRO A 49 -3.35 11.19 -1.07
C PRO A 49 -2.09 12.04 -1.21
N LYS A 50 -0.95 11.50 -0.85
CA LYS A 50 0.31 12.28 -0.94
C LYS A 50 0.57 12.76 -2.38
N CYS A 51 0.30 11.95 -3.35
CA CYS A 51 0.56 12.38 -4.76
C CYS A 51 -0.46 13.46 -5.15
N LEU A 52 -1.65 13.37 -4.66
CA LEU A 52 -2.69 14.39 -5.01
C LEU A 52 -2.34 15.73 -4.35
N ALA A 53 -1.78 15.71 -3.19
CA ALA A 53 -1.42 16.98 -2.50
C ALA A 53 -0.40 17.74 -3.35
N GLN A 54 0.32 17.02 -4.18
CA GLN A 54 1.34 17.68 -5.05
C GLN A 54 0.65 18.72 -5.92
N GLU A 55 -0.52 18.39 -6.40
CA GLU A 55 -1.27 19.34 -7.27
C GLU A 55 -2.08 20.30 -6.40
N ALA B 1 -3.76 0.25 -7.87
CA ALA B 1 -2.84 -0.15 -6.77
C ALA B 1 -2.33 -1.56 -7.02
N ARG B 2 -1.16 -1.86 -6.54
CA ARG B 2 -0.60 -3.22 -6.73
C ARG B 2 -0.50 -3.93 -5.38
N THR B 3 -0.88 -5.16 -5.32
CA THR B 3 -0.86 -5.91 -4.03
C THR B 3 0.56 -6.33 -3.66
N LYS B 4 0.89 -6.24 -2.40
CA LYS B 4 2.26 -6.65 -1.95
C LYS B 4 2.12 -7.54 -0.70
N GLN B 5 2.97 -8.52 -0.59
CA GLN B 5 2.94 -9.46 0.58
C GLN B 5 4.27 -9.40 1.32
N THR B 6 4.26 -9.48 2.62
CA THR B 6 5.57 -9.42 3.35
C THR B 6 5.54 -10.37 4.56
N ALA B 7 6.59 -11.11 4.76
CA ALA B 7 6.63 -12.05 5.92
C ALA B 7 7.46 -11.42 7.04
N ARG B 8 7.00 -11.53 8.26
CA ARG B 8 7.76 -10.94 9.39
C ARG B 8 9.18 -11.50 9.42
N LYS B 9 9.34 -12.75 9.11
CA LYS B 9 10.71 -13.35 9.11
C LYS B 9 11.28 -13.31 7.69
N SER B 10 12.56 -13.11 7.58
CA SER B 10 13.18 -13.06 6.22
C SER B 10 14.55 -13.75 6.26
N ALA A 1 14.73 -6.42 -2.79
CA ALA A 1 13.51 -7.21 -3.11
C ALA A 1 12.33 -6.26 -3.32
N VAL A 2 11.56 -6.48 -4.35
CA VAL A 2 10.40 -5.60 -4.63
C VAL A 2 9.40 -5.70 -3.48
N ASP A 3 9.18 -6.88 -2.98
CA ASP A 3 8.21 -7.06 -1.84
C ASP A 3 8.70 -6.26 -0.63
N LEU A 4 9.91 -5.75 -0.70
CA LEU A 4 10.46 -4.99 0.45
C LEU A 4 9.49 -3.87 0.88
N TYR A 5 8.71 -3.34 -0.02
CA TYR A 5 7.79 -2.25 0.39
C TYR A 5 6.84 -2.74 1.47
N VAL A 6 6.78 -2.04 2.56
CA VAL A 6 5.85 -2.43 3.65
C VAL A 6 4.94 -1.23 3.97
N CYS A 7 3.76 -1.47 4.47
CA CYS A 7 2.88 -0.33 4.78
C CYS A 7 3.70 0.70 5.56
N LEU A 8 3.91 1.84 4.97
CA LEU A 8 4.75 2.88 5.63
C LEU A 8 4.23 3.14 7.03
N LEU A 9 2.94 3.18 7.21
CA LEU A 9 2.38 3.44 8.57
C LEU A 9 2.67 2.25 9.50
N CYS A 10 2.50 1.04 9.04
CA CYS A 10 2.80 -0.13 9.93
C CYS A 10 4.25 -0.57 9.71
N GLY A 11 4.51 -1.15 8.57
CA GLY A 11 5.89 -1.64 8.27
C GLY A 11 5.85 -3.17 8.25
N SER A 12 4.71 -3.75 8.50
CA SER A 12 4.60 -5.23 8.49
C SER A 12 4.32 -5.70 7.05
N GLY A 13 3.65 -4.89 6.27
CA GLY A 13 3.36 -5.26 4.86
C GLY A 13 3.06 -6.76 4.73
N ASN A 14 2.55 -7.37 5.76
CA ASN A 14 2.27 -8.82 5.66
C ASN A 14 0.87 -9.04 5.10
N ASP A 15 0.01 -8.06 5.23
CA ASP A 15 -1.38 -8.20 4.71
C ASP A 15 -1.36 -8.21 3.19
N GLU A 16 -1.18 -9.37 2.62
CA GLU A 16 -1.11 -9.50 1.14
C GLU A 16 -2.33 -8.88 0.45
N ASP A 17 -3.50 -9.03 0.98
CA ASP A 17 -4.70 -8.49 0.30
C ASP A 17 -4.92 -7.00 0.62
N ARG A 18 -4.31 -6.48 1.66
CA ARG A 18 -4.56 -5.06 2.00
C ARG A 18 -3.36 -4.17 1.68
N LEU A 19 -2.18 -4.71 1.51
CA LEU A 19 -1.03 -3.83 1.21
C LEU A 19 -1.15 -3.29 -0.23
N LEU A 20 -1.41 -2.01 -0.38
CA LEU A 20 -1.51 -1.44 -1.75
C LEU A 20 -0.30 -0.54 -1.99
N LEU A 21 0.37 -0.68 -3.10
CA LEU A 21 1.57 0.16 -3.37
C LEU A 21 1.18 1.34 -4.26
N CYS A 22 1.49 2.55 -3.84
CA CYS A 22 1.15 3.73 -4.68
C CYS A 22 2.29 3.96 -5.66
N ASP A 23 1.98 3.95 -6.92
CA ASP A 23 3.03 4.13 -7.97
C ASP A 23 3.44 5.60 -8.07
N GLY A 24 2.53 6.50 -7.88
CA GLY A 24 2.88 7.95 -8.01
C GLY A 24 3.99 8.32 -7.03
N CYS A 25 3.76 8.14 -5.76
CA CYS A 25 4.81 8.50 -4.76
C CYS A 25 4.81 7.51 -3.59
N ASP A 26 3.79 7.50 -2.78
CA ASP A 26 3.75 6.57 -1.62
C ASP A 26 4.28 5.20 -2.05
N ASP A 27 4.92 4.51 -1.15
CA ASP A 27 5.49 3.19 -1.50
C ASP A 27 4.51 2.08 -1.13
N SER A 28 4.24 1.89 0.14
CA SER A 28 3.31 0.81 0.54
C SER A 28 2.36 1.30 1.63
N TYR A 29 1.13 0.89 1.56
CA TYR A 29 0.14 1.30 2.58
C TYR A 29 -0.97 0.26 2.68
N HIS A 30 -1.74 0.29 3.73
CA HIS A 30 -2.86 -0.68 3.86
C HIS A 30 -4.16 0.05 3.56
N THR A 31 -5.13 -0.63 3.01
CA THR A 31 -6.42 0.04 2.72
C THR A 31 -6.98 0.65 4.01
N PHE A 32 -6.75 0.01 5.13
CA PHE A 32 -7.28 0.54 6.42
C PHE A 32 -6.35 1.59 7.03
N CYS A 33 -5.08 1.58 6.70
CA CYS A 33 -4.16 2.58 7.29
C CYS A 33 -4.24 3.88 6.50
N LEU A 34 -5.06 3.89 5.48
CA LEU A 34 -5.18 5.12 4.65
C LEU A 34 -6.43 5.92 5.02
N ILE A 35 -7.46 5.74 4.27
CA ILE A 35 -8.75 6.44 4.54
C ILE A 35 -9.81 5.34 4.65
N PRO A 36 -11.04 5.61 5.01
CA PRO A 36 -12.07 4.55 5.13
C PRO A 36 -11.70 3.37 4.23
N PRO A 37 -11.37 2.23 4.81
CA PRO A 37 -10.90 1.06 4.04
C PRO A 37 -11.56 0.92 2.67
N LEU A 38 -10.76 0.72 1.65
CA LEU A 38 -11.33 0.54 0.28
C LEU A 38 -11.95 -0.85 0.19
N HIS A 39 -12.80 -1.07 -0.77
CA HIS A 39 -13.43 -2.41 -0.90
C HIS A 39 -12.34 -3.46 -1.15
N ASP A 40 -11.37 -3.13 -1.95
CA ASP A 40 -10.27 -4.10 -2.23
C ASP A 40 -9.07 -3.35 -2.80
N VAL A 41 -7.99 -4.05 -3.01
CA VAL A 41 -6.78 -3.38 -3.57
C VAL A 41 -6.98 -3.09 -5.07
N PRO A 42 -7.01 -1.84 -5.48
CA PRO A 42 -7.21 -1.46 -6.91
C PRO A 42 -6.32 -2.28 -7.86
N LYS A 43 -6.71 -2.36 -9.11
CA LYS A 43 -5.93 -3.17 -10.09
C LYS A 43 -4.72 -2.38 -10.61
N GLY A 44 -4.21 -1.45 -9.86
CA GLY A 44 -3.02 -0.67 -10.33
C GLY A 44 -3.43 0.73 -10.78
N ASP A 45 -4.70 1.01 -10.84
CA ASP A 45 -5.15 2.36 -11.29
C ASP A 45 -5.53 3.23 -10.08
N TRP A 46 -4.69 3.30 -9.09
CA TRP A 46 -5.03 4.13 -7.89
C TRP A 46 -3.79 4.86 -7.38
N ARG A 47 -3.98 5.95 -6.71
CA ARG A 47 -2.85 6.72 -6.15
C ARG A 47 -3.14 7.04 -4.69
N CYS A 48 -2.15 7.35 -3.92
CA CYS A 48 -2.37 7.67 -2.49
C CYS A 48 -2.78 9.15 -2.36
N PRO A 49 -3.19 9.60 -1.19
CA PRO A 49 -3.59 11.03 -1.01
C PRO A 49 -2.43 11.99 -1.28
N LYS A 50 -1.23 11.57 -0.98
CA LYS A 50 -0.06 12.46 -1.23
C LYS A 50 0.03 12.76 -2.73
N CYS A 51 -0.30 11.79 -3.55
CA CYS A 51 -0.25 12.01 -5.03
C CYS A 51 -1.13 13.21 -5.39
N LEU A 52 -2.28 13.30 -4.78
CA LEU A 52 -3.19 14.43 -5.09
C LEU A 52 -2.65 15.72 -4.46
N ALA A 53 -2.03 15.61 -3.31
CA ALA A 53 -1.50 16.82 -2.64
C ALA A 53 -0.49 17.52 -3.55
N GLN A 54 0.10 16.80 -4.45
CA GLN A 54 1.10 17.41 -5.37
C GLN A 54 0.42 18.56 -6.12
N GLU A 55 -0.81 18.37 -6.48
CA GLU A 55 -1.54 19.44 -7.21
C GLU A 55 -0.70 19.93 -8.40
N ALA B 1 -3.58 0.30 -7.88
CA ALA B 1 -2.70 -0.10 -6.76
C ALA B 1 -2.16 -1.50 -7.00
N ARG B 2 -1.01 -1.79 -6.48
CA ARG B 2 -0.43 -3.15 -6.66
C ARG B 2 -0.33 -3.85 -5.30
N THR B 3 -0.72 -5.09 -5.23
CA THR B 3 -0.70 -5.82 -3.94
C THR B 3 0.73 -6.21 -3.56
N LYS B 4 1.06 -6.11 -2.31
CA LYS B 4 2.43 -6.49 -1.87
C LYS B 4 2.31 -7.41 -0.65
N GLN B 5 3.21 -8.36 -0.53
CA GLN B 5 3.16 -9.32 0.61
C GLN B 5 4.43 -9.20 1.45
N THR B 6 4.36 -9.57 2.71
CA THR B 6 5.59 -9.47 3.56
C THR B 6 5.34 -10.19 4.90
N ALA B 7 5.41 -11.49 4.91
CA ALA B 7 5.19 -12.23 6.18
C ALA B 7 6.26 -11.85 7.19
N ARG B 8 7.44 -11.55 6.74
CA ARG B 8 8.54 -11.18 7.68
C ARG B 8 8.69 -12.27 8.74
N LYS B 9 8.56 -13.51 8.36
CA LYS B 9 8.71 -14.62 9.35
C LYS B 9 10.08 -14.53 10.01
N SER B 10 11.09 -14.18 9.27
CA SER B 10 12.45 -14.08 9.86
C SER B 10 12.64 -12.69 10.50
N ALA A 1 13.90 -6.45 -4.29
CA ALA A 1 12.63 -7.23 -4.13
C ALA A 1 11.44 -6.27 -4.13
N VAL A 2 10.41 -6.59 -4.87
CA VAL A 2 9.22 -5.72 -4.90
C VAL A 2 8.53 -5.73 -3.54
N ASP A 3 8.58 -6.83 -2.85
CA ASP A 3 7.94 -6.90 -1.50
C ASP A 3 8.78 -6.12 -0.50
N LEU A 4 9.95 -5.69 -0.90
CA LEU A 4 10.83 -4.94 0.04
C LEU A 4 10.07 -3.79 0.70
N TYR A 5 9.31 -3.02 -0.04
CA TYR A 5 8.57 -1.90 0.60
C TYR A 5 7.34 -2.44 1.32
N VAL A 6 7.14 -1.99 2.53
CA VAL A 6 5.98 -2.46 3.33
C VAL A 6 5.14 -1.25 3.76
N CYS A 7 3.99 -1.48 4.34
CA CYS A 7 3.14 -0.33 4.75
C CYS A 7 4.00 0.65 5.55
N LEU A 8 4.23 1.79 5.01
CA LEU A 8 5.08 2.80 5.72
C LEU A 8 4.51 3.05 7.11
N LEU A 9 3.21 3.11 7.22
CA LEU A 9 2.60 3.36 8.55
C LEU A 9 2.85 2.17 9.49
N CYS A 10 2.69 0.96 9.03
CA CYS A 10 2.96 -0.22 9.91
C CYS A 10 4.41 -0.69 9.71
N GLY A 11 4.68 -1.26 8.58
CA GLY A 11 6.04 -1.77 8.30
C GLY A 11 5.98 -3.30 8.26
N SER A 12 4.83 -3.85 8.49
CA SER A 12 4.68 -5.34 8.45
C SER A 12 4.40 -5.75 7.01
N GLY A 13 3.74 -4.90 6.27
CA GLY A 13 3.41 -5.21 4.85
C GLY A 13 3.14 -6.70 4.65
N ASN A 14 2.65 -7.38 5.66
CA ASN A 14 2.37 -8.83 5.50
C ASN A 14 0.96 -9.03 4.96
N ASP A 15 0.09 -8.09 5.16
CA ASP A 15 -1.31 -8.24 4.65
C ASP A 15 -1.31 -8.07 3.13
N GLU A 16 -1.02 -9.12 2.42
CA GLU A 16 -0.98 -9.03 0.93
C GLU A 16 -2.28 -8.47 0.34
N ASP A 17 -3.39 -8.92 0.81
CA ASP A 17 -4.67 -8.44 0.23
C ASP A 17 -4.92 -6.98 0.58
N ARG A 18 -4.30 -6.48 1.61
CA ARG A 18 -4.55 -5.07 2.02
C ARG A 18 -3.38 -4.15 1.69
N LEU A 19 -2.18 -4.66 1.57
CA LEU A 19 -1.06 -3.72 1.29
C LEU A 19 -1.13 -3.25 -0.17
N LEU A 20 -1.47 -2.01 -0.38
CA LEU A 20 -1.55 -1.49 -1.79
C LEU A 20 -0.33 -0.59 -2.04
N LEU A 21 0.33 -0.78 -3.15
CA LEU A 21 1.53 0.05 -3.46
C LEU A 21 1.14 1.22 -4.37
N CYS A 22 1.42 2.44 -3.94
CA CYS A 22 1.09 3.62 -4.79
C CYS A 22 2.25 3.87 -5.74
N ASP A 23 1.96 3.86 -7.01
CA ASP A 23 3.02 4.06 -8.04
C ASP A 23 3.41 5.53 -8.15
N GLY A 24 2.49 6.43 -7.97
CA GLY A 24 2.82 7.87 -8.09
C GLY A 24 3.93 8.24 -7.10
N CYS A 25 3.70 8.05 -5.84
CA CYS A 25 4.74 8.41 -4.84
C CYS A 25 4.75 7.42 -3.67
N ASP A 26 3.71 7.40 -2.86
CA ASP A 26 3.69 6.46 -1.70
C ASP A 26 4.23 5.11 -2.12
N ASP A 27 4.88 4.42 -1.23
CA ASP A 27 5.45 3.10 -1.57
C ASP A 27 4.48 1.98 -1.21
N SER A 28 4.22 1.78 0.06
CA SER A 28 3.28 0.70 0.44
C SER A 28 2.35 1.19 1.55
N TYR A 29 1.11 0.79 1.49
CA TYR A 29 0.15 1.24 2.52
C TYR A 29 -0.97 0.21 2.64
N HIS A 30 -1.68 0.21 3.73
CA HIS A 30 -2.80 -0.75 3.89
C HIS A 30 -4.10 -0.01 3.62
N THR A 31 -5.09 -0.68 3.09
CA THR A 31 -6.37 0.00 2.83
C THR A 31 -6.89 0.64 4.13
N PHE A 32 -6.65 0.00 5.25
CA PHE A 32 -7.14 0.55 6.54
C PHE A 32 -6.17 1.59 7.11
N CYS A 33 -4.93 1.58 6.70
CA CYS A 33 -3.96 2.57 7.24
C CYS A 33 -4.05 3.86 6.44
N LEU A 34 -4.89 3.90 5.44
CA LEU A 34 -4.99 5.12 4.60
C LEU A 34 -6.21 5.97 5.03
N ILE A 35 -7.27 5.82 4.30
CA ILE A 35 -8.52 6.57 4.59
C ILE A 35 -9.59 5.50 4.79
N PRO A 36 -10.81 5.83 5.19
CA PRO A 36 -11.86 4.81 5.39
C PRO A 36 -11.56 3.58 4.51
N PRO A 37 -11.23 2.46 5.09
CA PRO A 37 -10.82 1.27 4.33
C PRO A 37 -11.48 1.16 2.96
N LEU A 38 -10.67 0.90 1.96
CA LEU A 38 -11.19 0.76 0.57
C LEU A 38 -11.88 -0.59 0.44
N HIS A 39 -12.75 -0.74 -0.52
CA HIS A 39 -13.46 -2.04 -0.69
C HIS A 39 -12.43 -3.14 -0.96
N ASP A 40 -11.45 -2.86 -1.77
CA ASP A 40 -10.41 -3.88 -2.06
C ASP A 40 -9.18 -3.20 -2.63
N VAL A 41 -8.15 -3.96 -2.86
CA VAL A 41 -6.90 -3.37 -3.41
C VAL A 41 -7.06 -3.16 -4.93
N PRO A 42 -7.04 -1.93 -5.41
CA PRO A 42 -7.18 -1.63 -6.87
C PRO A 42 -6.32 -2.54 -7.75
N LYS A 43 -6.72 -2.76 -8.97
CA LYS A 43 -5.96 -3.66 -9.88
C LYS A 43 -4.75 -2.93 -10.49
N GLY A 44 -4.19 -1.97 -9.80
CA GLY A 44 -3.01 -1.27 -10.35
C GLY A 44 -3.39 0.13 -10.88
N ASP A 45 -4.62 0.52 -10.71
CA ASP A 45 -5.04 1.86 -11.21
C ASP A 45 -5.51 2.71 -10.03
N TRP A 46 -4.60 3.18 -9.22
CA TRP A 46 -5.00 4.00 -8.05
C TRP A 46 -3.79 4.75 -7.51
N ARG A 47 -4.02 5.81 -6.79
CA ARG A 47 -2.89 6.59 -6.22
C ARG A 47 -3.20 6.92 -4.76
N CYS A 48 -2.21 7.23 -3.99
CA CYS A 48 -2.43 7.56 -2.55
C CYS A 48 -2.83 9.05 -2.42
N PRO A 49 -3.19 9.51 -1.25
CA PRO A 49 -3.59 10.93 -1.05
C PRO A 49 -2.44 11.88 -1.35
N LYS A 50 -1.23 11.48 -1.05
CA LYS A 50 -0.07 12.36 -1.31
C LYS A 50 0.01 12.65 -2.81
N CYS A 51 -0.32 11.69 -3.62
CA CYS A 51 -0.28 11.91 -5.10
C CYS A 51 -1.16 13.11 -5.46
N LEU A 52 -2.31 13.20 -4.87
CA LEU A 52 -3.22 14.35 -5.17
C LEU A 52 -2.64 15.63 -4.57
N ALA A 53 -2.00 15.52 -3.44
CA ALA A 53 -1.41 16.72 -2.79
C ALA A 53 -0.40 17.37 -3.73
N GLN A 54 0.15 16.62 -4.65
CA GLN A 54 1.13 17.18 -5.59
C GLN A 54 0.49 18.33 -6.36
N GLU A 55 -0.75 18.17 -6.70
CA GLU A 55 -1.47 19.24 -7.45
C GLU A 55 -0.61 19.70 -8.63
N ALA B 1 -3.60 0.05 -8.10
CA ALA B 1 -2.76 -0.29 -6.92
C ALA B 1 -2.18 -1.68 -7.10
N ARG B 2 -1.06 -1.93 -6.49
CA ARG B 2 -0.42 -3.27 -6.60
C ARG B 2 -0.34 -3.91 -5.22
N THR B 3 -0.71 -5.16 -5.11
CA THR B 3 -0.69 -5.82 -3.79
C THR B 3 0.71 -6.32 -3.45
N LYS B 4 1.16 -6.07 -2.25
CA LYS B 4 2.51 -6.55 -1.84
C LYS B 4 2.38 -7.40 -0.58
N GLN B 5 3.13 -8.46 -0.50
CA GLN B 5 3.05 -9.37 0.68
C GLN B 5 4.42 -9.40 1.38
N THR B 6 4.44 -9.53 2.68
CA THR B 6 5.75 -9.58 3.39
C THR B 6 5.68 -10.60 4.52
N ALA B 7 6.68 -11.44 4.64
CA ALA B 7 6.68 -12.45 5.73
C ALA B 7 7.50 -11.95 6.91
N ARG B 8 7.04 -12.20 8.10
CA ARG B 8 7.80 -11.73 9.30
C ARG B 8 9.17 -12.41 9.34
N LYS B 9 10.17 -11.71 9.82
CA LYS B 9 11.54 -12.31 9.88
C LYS B 9 11.50 -13.57 10.74
N SER B 10 10.67 -13.59 11.76
CA SER B 10 10.58 -14.80 12.62
C SER B 10 12.00 -15.27 12.98
N ALA A 1 14.24 -6.91 -3.47
CA ALA A 1 12.87 -7.52 -3.54
C ALA A 1 11.82 -6.41 -3.59
N VAL A 2 10.87 -6.53 -4.46
CA VAL A 2 9.81 -5.49 -4.56
C VAL A 2 8.90 -5.55 -3.33
N ASP A 3 8.82 -6.70 -2.71
CA ASP A 3 7.96 -6.84 -1.51
C ASP A 3 8.61 -6.09 -0.34
N LEU A 4 9.81 -5.64 -0.51
CA LEU A 4 10.52 -4.92 0.59
C LEU A 4 9.67 -3.76 1.12
N TYR A 5 8.97 -3.05 0.28
CA TYR A 5 8.16 -1.91 0.82
C TYR A 5 7.00 -2.45 1.66
N VAL A 6 6.82 -1.90 2.83
CA VAL A 6 5.72 -2.34 3.71
C VAL A 6 4.85 -1.12 4.05
N CYS A 7 3.67 -1.33 4.55
CA CYS A 7 2.79 -0.16 4.86
C CYS A 7 3.62 0.86 5.64
N LEU A 8 3.86 1.99 5.04
CA LEU A 8 4.67 3.04 5.70
C LEU A 8 4.09 3.34 7.09
N LEU A 9 2.80 3.40 7.19
CA LEU A 9 2.16 3.70 8.51
C LEU A 9 2.42 2.54 9.49
N CYS A 10 2.25 1.32 9.06
CA CYS A 10 2.50 0.17 9.99
C CYS A 10 3.95 -0.26 9.86
N GLY A 11 4.27 -0.86 8.75
CA GLY A 11 5.66 -1.35 8.52
C GLY A 11 5.62 -2.88 8.51
N SER A 12 4.47 -3.45 8.73
CA SER A 12 4.36 -4.93 8.70
C SER A 12 4.09 -5.36 7.27
N GLY A 13 3.41 -4.53 6.53
CA GLY A 13 3.09 -4.83 5.10
C GLY A 13 2.88 -6.33 4.88
N ASN A 14 2.44 -7.04 5.87
CA ASN A 14 2.23 -8.49 5.69
C ASN A 14 0.83 -8.74 5.13
N ASP A 15 -0.08 -7.82 5.35
CA ASP A 15 -1.47 -8.01 4.84
C ASP A 15 -1.44 -7.93 3.31
N GLU A 16 -1.15 -9.02 2.66
CA GLU A 16 -1.08 -9.04 1.18
C GLU A 16 -2.36 -8.52 0.53
N ASP A 17 -3.50 -8.93 0.99
CA ASP A 17 -4.76 -8.48 0.36
C ASP A 17 -5.02 -7.00 0.62
N ARG A 18 -4.46 -6.45 1.66
CA ARG A 18 -4.74 -5.02 1.98
C ARG A 18 -3.57 -4.08 1.65
N LEU A 19 -2.36 -4.56 1.52
CA LEU A 19 -1.27 -3.58 1.24
C LEU A 19 -1.34 -3.14 -0.23
N LEU A 20 -1.59 -1.87 -0.47
CA LEU A 20 -1.64 -1.38 -1.87
C LEU A 20 -0.41 -0.48 -2.10
N LEU A 21 0.33 -0.71 -3.15
CA LEU A 21 1.53 0.13 -3.39
C LEU A 21 1.17 1.31 -4.30
N CYS A 22 1.48 2.50 -3.85
CA CYS A 22 1.17 3.72 -4.66
C CYS A 22 2.31 3.93 -5.66
N ASP A 23 1.98 3.93 -6.92
CA ASP A 23 3.01 4.12 -7.98
C ASP A 23 3.39 5.60 -8.09
N GLY A 24 2.46 6.48 -7.90
CA GLY A 24 2.76 7.93 -8.04
C GLY A 24 3.84 8.34 -7.05
N CYS A 25 3.61 8.15 -5.78
CA CYS A 25 4.63 8.55 -4.78
C CYS A 25 4.68 7.57 -3.60
N ASP A 26 3.64 7.52 -2.80
CA ASP A 26 3.64 6.60 -1.64
C ASP A 26 4.18 5.23 -2.08
N ASP A 27 4.84 4.55 -1.18
CA ASP A 27 5.41 3.23 -1.53
C ASP A 27 4.46 2.10 -1.15
N SER A 28 4.20 1.92 0.11
CA SER A 28 3.29 0.83 0.52
C SER A 28 2.29 1.32 1.57
N TYR A 29 1.04 0.95 1.43
CA TYR A 29 0.01 1.41 2.40
C TYR A 29 -1.10 0.37 2.52
N HIS A 30 -1.87 0.42 3.57
CA HIS A 30 -3.00 -0.53 3.72
C HIS A 30 -4.30 0.20 3.40
N THR A 31 -5.27 -0.49 2.87
CA THR A 31 -6.56 0.19 2.56
C THR A 31 -7.12 0.85 3.83
N PHE A 32 -6.89 0.24 4.97
CA PHE A 32 -7.44 0.81 6.23
C PHE A 32 -6.49 1.86 6.83
N CYS A 33 -5.25 1.88 6.44
CA CYS A 33 -4.31 2.86 7.02
C CYS A 33 -4.36 4.16 6.21
N LEU A 34 -5.15 4.19 5.18
CA LEU A 34 -5.24 5.41 4.34
C LEU A 34 -6.43 6.28 4.75
N ILE A 35 -7.51 6.15 4.04
CA ILE A 35 -8.74 6.92 4.35
C ILE A 35 -9.85 5.87 4.44
N PRO A 36 -11.08 6.19 4.79
CA PRO A 36 -12.16 5.19 4.91
C PRO A 36 -11.83 3.95 4.04
N PRO A 37 -11.54 2.82 4.67
CA PRO A 37 -11.11 1.60 3.96
C PRO A 37 -11.72 1.42 2.57
N LEU A 38 -10.89 1.11 1.62
CA LEU A 38 -11.35 0.90 0.22
C LEU A 38 -12.06 -0.45 0.14
N HIS A 39 -12.91 -0.63 -0.84
CA HIS A 39 -13.63 -1.92 -0.96
C HIS A 39 -12.61 -3.04 -1.17
N ASP A 40 -11.61 -2.79 -1.97
CA ASP A 40 -10.58 -3.84 -2.21
C ASP A 40 -9.32 -3.18 -2.77
N VAL A 41 -8.27 -3.93 -2.95
CA VAL A 41 -7.02 -3.34 -3.49
C VAL A 41 -7.18 -3.09 -5.00
N PRO A 42 -7.15 -1.85 -5.45
CA PRO A 42 -7.28 -1.52 -6.90
C PRO A 42 -6.39 -2.39 -7.79
N LYS A 43 -6.78 -2.59 -9.02
CA LYS A 43 -5.99 -3.46 -9.94
C LYS A 43 -4.78 -2.68 -10.51
N GLY A 44 -4.25 -1.74 -9.79
CA GLY A 44 -3.06 -0.99 -10.31
C GLY A 44 -3.48 0.39 -10.79
N ASP A 45 -4.74 0.73 -10.68
CA ASP A 45 -5.19 2.07 -11.15
C ASP A 45 -5.58 2.93 -9.95
N TRP A 46 -4.62 3.32 -9.15
CA TRP A 46 -4.93 4.15 -7.96
C TRP A 46 -3.65 4.74 -7.38
N ARG A 47 -3.75 5.87 -6.75
CA ARG A 47 -2.55 6.49 -6.14
C ARG A 47 -2.93 7.02 -4.75
N CYS A 48 -2.01 7.10 -3.83
CA CYS A 48 -2.38 7.60 -2.47
C CYS A 48 -2.68 9.11 -2.53
N PRO A 49 -3.25 9.68 -1.50
CA PRO A 49 -3.59 11.13 -1.48
C PRO A 49 -2.36 12.04 -1.57
N LYS A 50 -1.23 11.58 -1.12
CA LYS A 50 -0.01 12.42 -1.15
C LYS A 50 0.33 12.87 -2.57
N CYS A 51 0.14 12.02 -3.55
CA CYS A 51 0.48 12.44 -4.94
C CYS A 51 -0.55 13.46 -5.43
N LEU A 52 -1.78 13.32 -5.04
CA LEU A 52 -2.83 14.28 -5.49
C LEU A 52 -2.59 15.64 -4.83
N ALA A 53 -2.08 15.66 -3.64
CA ALA A 53 -1.84 16.96 -2.96
C ALA A 53 -0.84 17.77 -3.78
N GLN A 54 -0.03 17.10 -4.54
CA GLN A 54 0.98 17.80 -5.37
C GLN A 54 0.26 18.66 -6.40
N GLU A 55 -0.83 18.17 -6.91
CA GLU A 55 -1.60 18.94 -7.92
C GLU A 55 -0.64 19.53 -8.96
N ALA B 1 -3.66 0.24 -7.99
CA ALA B 1 -2.76 -0.11 -6.86
C ALA B 1 -2.21 -1.52 -7.06
N ARG B 2 -1.06 -1.79 -6.50
CA ARG B 2 -0.48 -3.15 -6.65
C ARG B 2 -0.41 -3.81 -5.27
N THR B 3 -0.78 -5.06 -5.19
CA THR B 3 -0.78 -5.77 -3.88
C THR B 3 0.64 -6.15 -3.47
N LYS B 4 0.96 -5.98 -2.21
CA LYS B 4 2.33 -6.35 -1.73
C LYS B 4 2.21 -7.21 -0.48
N GLN B 5 3.03 -8.24 -0.39
CA GLN B 5 3.00 -9.16 0.80
C GLN B 5 4.35 -9.09 1.51
N THR B 6 4.35 -9.08 2.82
CA THR B 6 5.65 -9.02 3.56
C THR B 6 5.65 -10.07 4.68
N ALA B 7 6.69 -10.84 4.79
CA ALA B 7 6.75 -11.87 5.86
C ALA B 7 8.20 -12.02 6.34
N ARG B 8 8.38 -12.52 7.53
CA ARG B 8 9.76 -12.70 8.07
C ARG B 8 9.99 -14.17 8.40
N LYS B 9 11.21 -14.64 8.27
CA LYS B 9 11.50 -16.06 8.58
C LYS B 9 11.49 -16.28 10.10
N SER B 10 10.85 -17.31 10.57
CA SER B 10 10.82 -17.56 12.03
C SER B 10 12.23 -17.40 12.61
N ALA A 1 14.30 -7.43 -3.93
CA ALA A 1 12.89 -7.90 -4.01
C ALA A 1 11.95 -6.69 -3.92
N VAL A 2 10.97 -6.64 -4.78
CA VAL A 2 10.02 -5.50 -4.75
C VAL A 2 9.12 -5.61 -3.51
N ASP A 3 8.97 -6.79 -2.99
CA ASP A 3 8.13 -6.98 -1.78
C ASP A 3 8.79 -6.28 -0.59
N LEU A 4 10.00 -5.84 -0.75
CA LEU A 4 10.72 -5.18 0.36
C LEU A 4 9.90 -4.02 0.95
N TYR A 5 9.20 -3.27 0.15
CA TYR A 5 8.41 -2.14 0.73
C TYR A 5 7.25 -2.68 1.56
N VAL A 6 7.10 -2.18 2.74
CA VAL A 6 5.98 -2.63 3.62
C VAL A 6 5.17 -1.40 4.03
N CYS A 7 3.98 -1.59 4.55
CA CYS A 7 3.15 -0.42 4.93
C CYS A 7 4.02 0.53 5.75
N LEU A 8 4.31 1.68 5.19
CA LEU A 8 5.16 2.65 5.92
C LEU A 8 4.57 2.95 7.30
N LEU A 9 3.26 3.04 7.38
CA LEU A 9 2.63 3.32 8.70
C LEU A 9 2.86 2.14 9.65
N CYS A 10 2.69 0.92 9.19
CA CYS A 10 2.93 -0.25 10.08
C CYS A 10 4.37 -0.71 9.91
N GLY A 11 4.67 -1.28 8.78
CA GLY A 11 6.04 -1.79 8.52
C GLY A 11 6.00 -3.31 8.48
N SER A 12 4.84 -3.88 8.68
CA SER A 12 4.70 -5.35 8.63
C SER A 12 4.45 -5.76 7.18
N GLY A 13 3.80 -4.91 6.44
CA GLY A 13 3.51 -5.20 5.00
C GLY A 13 3.29 -6.69 4.77
N ASN A 14 2.79 -7.40 5.75
CA ASN A 14 2.55 -8.84 5.56
C ASN A 14 1.18 -9.08 4.95
N ASP A 15 0.28 -8.14 5.12
CA ASP A 15 -1.09 -8.30 4.55
C ASP A 15 -1.06 -8.16 3.03
N GLU A 16 -0.77 -9.22 2.34
CA GLU A 16 -0.72 -9.16 0.85
C GLU A 16 -2.04 -8.60 0.29
N ASP A 17 -3.14 -8.99 0.86
CA ASP A 17 -4.45 -8.53 0.35
C ASP A 17 -4.72 -7.04 0.67
N ARG A 18 -4.22 -6.54 1.77
CA ARG A 18 -4.51 -5.13 2.12
C ARG A 18 -3.36 -4.17 1.81
N LEU A 19 -2.15 -4.63 1.62
CA LEU A 19 -1.08 -3.64 1.34
C LEU A 19 -1.16 -3.17 -0.11
N LEU A 20 -1.44 -1.91 -0.33
CA LEU A 20 -1.49 -1.38 -1.73
C LEU A 20 -0.28 -0.49 -1.95
N LEU A 21 0.46 -0.71 -3.01
CA LEU A 21 1.66 0.14 -3.27
C LEU A 21 1.26 1.31 -4.18
N CYS A 22 1.53 2.52 -3.75
CA CYS A 22 1.17 3.71 -4.59
C CYS A 22 2.34 4.02 -5.52
N ASP A 23 2.06 4.04 -6.80
CA ASP A 23 3.12 4.31 -7.80
C ASP A 23 3.49 5.79 -7.84
N GLY A 24 2.55 6.66 -7.61
CA GLY A 24 2.85 8.12 -7.66
C GLY A 24 3.93 8.48 -6.64
N CYS A 25 3.66 8.29 -5.38
CA CYS A 25 4.67 8.65 -4.35
C CYS A 25 4.70 7.59 -3.24
N ASP A 26 3.65 7.53 -2.45
CA ASP A 26 3.61 6.54 -1.34
C ASP A 26 4.18 5.21 -1.84
N ASP A 27 4.89 4.54 -0.99
CA ASP A 27 5.50 3.25 -1.40
C ASP A 27 4.57 2.10 -1.05
N SER A 28 4.35 1.87 0.22
CA SER A 28 3.48 0.74 0.62
C SER A 28 2.50 1.20 1.70
N TYR A 29 1.25 0.83 1.59
CA TYR A 29 0.27 1.24 2.62
C TYR A 29 -0.87 0.24 2.72
N HIS A 30 -1.59 0.25 3.79
CA HIS A 30 -2.73 -0.69 3.94
C HIS A 30 -4.02 0.05 3.64
N THR A 31 -5.00 -0.61 3.11
CA THR A 31 -6.29 0.08 2.81
C THR A 31 -6.81 0.70 4.11
N PHE A 32 -6.59 0.06 5.23
CA PHE A 32 -7.09 0.60 6.52
C PHE A 32 -6.13 1.62 7.12
N CYS A 33 -4.88 1.61 6.76
CA CYS A 33 -3.93 2.59 7.33
C CYS A 33 -4.00 3.90 6.55
N LEU A 34 -4.81 3.94 5.54
CA LEU A 34 -4.92 5.17 4.72
C LEU A 34 -6.15 5.98 5.10
N ILE A 35 -7.21 5.82 4.35
CA ILE A 35 -8.47 6.54 4.62
C ILE A 35 -9.54 5.45 4.76
N PRO A 36 -10.78 5.76 5.14
CA PRO A 36 -11.81 4.72 5.27
C PRO A 36 -11.48 3.51 4.38
N PRO A 37 -11.16 2.38 4.96
CA PRO A 37 -10.71 1.20 4.18
C PRO A 37 -11.39 1.07 2.82
N LEU A 38 -10.62 0.86 1.79
CA LEU A 38 -11.20 0.70 0.43
C LEU A 38 -11.88 -0.67 0.35
N HIS A 39 -12.74 -0.87 -0.61
CA HIS A 39 -13.42 -2.19 -0.72
C HIS A 39 -12.38 -3.28 -0.93
N ASP A 40 -11.39 -3.01 -1.74
CA ASP A 40 -10.34 -4.03 -1.98
C ASP A 40 -9.09 -3.36 -2.55
N VAL A 41 -8.05 -4.11 -2.74
CA VAL A 41 -6.80 -3.53 -3.29
C VAL A 41 -6.96 -3.25 -4.79
N PRO A 42 -6.93 -2.01 -5.22
CA PRO A 42 -7.08 -1.65 -6.67
C PRO A 42 -6.18 -2.50 -7.58
N LYS A 43 -6.58 -2.71 -8.81
CA LYS A 43 -5.78 -3.54 -9.74
C LYS A 43 -4.62 -2.74 -10.35
N GLY A 44 -4.11 -1.77 -9.65
CA GLY A 44 -2.96 -0.98 -10.20
C GLY A 44 -3.44 0.40 -10.66
N ASP A 45 -4.72 0.65 -10.63
CA ASP A 45 -5.24 1.98 -11.07
C ASP A 45 -5.63 2.83 -9.87
N TRP A 46 -4.71 3.11 -8.99
CA TRP A 46 -5.06 3.93 -7.79
C TRP A 46 -3.86 4.77 -7.37
N ARG A 47 -4.08 5.71 -6.48
CA ARG A 47 -2.98 6.59 -6.03
C ARG A 47 -3.23 6.99 -4.56
N CYS A 48 -2.20 7.27 -3.81
CA CYS A 48 -2.41 7.66 -2.37
C CYS A 48 -2.67 9.17 -2.30
N PRO A 49 -2.95 9.70 -1.14
CA PRO A 49 -3.25 11.16 -0.98
C PRO A 49 -2.07 12.05 -1.38
N LYS A 50 -0.87 11.61 -1.13
CA LYS A 50 0.32 12.43 -1.47
C LYS A 50 0.38 12.68 -2.98
N CYS A 51 0.01 11.71 -3.79
CA CYS A 51 0.07 11.93 -5.26
C CYS A 51 -0.97 12.98 -5.67
N LEU A 52 -2.10 12.98 -5.02
CA LEU A 52 -3.15 13.99 -5.36
C LEU A 52 -2.73 15.37 -4.86
N ALA A 53 -2.06 15.42 -3.74
CA ALA A 53 -1.63 16.74 -3.19
C ALA A 53 -0.76 17.46 -4.23
N GLN A 54 -0.12 16.71 -5.07
CA GLN A 54 0.75 17.33 -6.11
C GLN A 54 -0.09 18.29 -6.94
N GLU A 55 -1.31 17.91 -7.22
CA GLU A 55 -2.20 18.79 -8.02
C GLU A 55 -1.43 19.35 -9.21
N ALA B 1 -3.48 0.15 -7.81
CA ALA B 1 -2.53 -0.20 -6.72
C ALA B 1 -1.93 -1.58 -7.00
N ARG B 2 -0.77 -1.85 -6.47
CA ARG B 2 -0.14 -3.17 -6.69
C ARG B 2 -0.06 -3.91 -5.34
N THR B 3 -0.52 -5.13 -5.30
CA THR B 3 -0.51 -5.90 -4.03
C THR B 3 0.92 -6.21 -3.59
N LYS B 4 1.23 -5.92 -2.36
CA LYS B 4 2.60 -6.22 -1.85
C LYS B 4 2.48 -7.04 -0.56
N GLN B 5 3.37 -7.96 -0.34
CA GLN B 5 3.30 -8.81 0.88
C GLN B 5 4.68 -8.89 1.52
N THR B 6 4.75 -9.18 2.79
CA THR B 6 6.08 -9.27 3.45
C THR B 6 6.06 -10.35 4.55
N ALA B 7 7.00 -11.24 4.52
CA ALA B 7 7.04 -12.30 5.57
C ALA B 7 7.26 -11.68 6.94
N ARG B 8 6.67 -12.23 7.97
CA ARG B 8 6.86 -11.65 9.33
C ARG B 8 8.35 -11.62 9.68
N LYS B 9 9.08 -12.60 9.23
CA LYS B 9 10.55 -12.63 9.52
C LYS B 9 11.20 -11.36 8.99
N SER B 10 10.73 -10.87 7.88
CA SER B 10 11.34 -9.63 7.29
C SER B 10 10.69 -8.41 7.95
N ALA A 1 13.39 -8.29 -3.85
CA ALA A 1 11.93 -8.46 -4.14
C ALA A 1 11.22 -7.11 -4.07
N VAL A 2 10.39 -6.82 -5.02
CA VAL A 2 9.68 -5.52 -5.01
C VAL A 2 8.70 -5.50 -3.83
N ASP A 3 8.12 -6.62 -3.50
CA ASP A 3 7.16 -6.65 -2.37
C ASP A 3 7.88 -6.25 -1.08
N LEU A 4 9.17 -6.09 -1.14
CA LEU A 4 9.95 -5.72 0.08
C LEU A 4 9.31 -4.49 0.75
N TYR A 5 8.81 -3.55 0.01
CA TYR A 5 8.20 -2.35 0.68
C TYR A 5 7.02 -2.80 1.53
N VAL A 6 6.89 -2.23 2.70
CA VAL A 6 5.77 -2.60 3.60
C VAL A 6 4.99 -1.34 3.96
N CYS A 7 3.81 -1.48 4.50
CA CYS A 7 3.01 -0.28 4.86
C CYS A 7 3.90 0.67 5.67
N LEU A 8 4.20 1.79 5.10
CA LEU A 8 5.07 2.77 5.81
C LEU A 8 4.46 3.09 7.18
N LEU A 9 3.16 3.20 7.26
CA LEU A 9 2.52 3.51 8.57
C LEU A 9 2.73 2.34 9.54
N CYS A 10 2.55 1.12 9.09
CA CYS A 10 2.77 -0.04 10.02
C CYS A 10 4.21 -0.52 9.87
N GLY A 11 4.52 -1.11 8.75
CA GLY A 11 5.89 -1.63 8.52
C GLY A 11 5.83 -3.16 8.51
N SER A 12 4.67 -3.71 8.72
CA SER A 12 4.53 -5.20 8.72
C SER A 12 4.31 -5.66 7.28
N GLY A 13 3.67 -4.84 6.49
CA GLY A 13 3.40 -5.18 5.06
C GLY A 13 3.14 -6.68 4.90
N ASN A 14 2.64 -7.32 5.92
CA ASN A 14 2.36 -8.78 5.79
C ASN A 14 0.95 -8.97 5.22
N ASP A 15 0.11 -7.99 5.38
CA ASP A 15 -1.27 -8.11 4.84
C ASP A 15 -1.23 -8.05 3.31
N GLU A 16 -0.92 -9.14 2.68
CA GLU A 16 -0.83 -9.16 1.20
C GLU A 16 -2.13 -8.65 0.57
N ASP A 17 -3.25 -9.01 1.13
CA ASP A 17 -4.55 -8.57 0.55
C ASP A 17 -4.80 -7.07 0.78
N ARG A 18 -4.27 -6.49 1.83
CA ARG A 18 -4.57 -5.04 2.09
C ARG A 18 -3.41 -4.09 1.77
N LEU A 19 -2.20 -4.55 1.56
CA LEU A 19 -1.14 -3.54 1.28
C LEU A 19 -1.21 -3.09 -0.17
N LEU A 20 -1.47 -1.83 -0.41
CA LEU A 20 -1.52 -1.32 -1.81
C LEU A 20 -0.33 -0.38 -2.02
N LEU A 21 0.41 -0.54 -3.09
CA LEU A 21 1.57 0.35 -3.32
C LEU A 21 1.18 1.48 -4.25
N CYS A 22 1.43 2.70 -3.86
CA CYS A 22 1.09 3.86 -4.73
C CYS A 22 2.24 4.11 -5.70
N ASP A 23 1.97 4.06 -6.96
CA ASP A 23 3.04 4.26 -7.98
C ASP A 23 3.42 5.73 -8.10
N GLY A 24 2.49 6.63 -7.93
CA GLY A 24 2.81 8.07 -8.07
C GLY A 24 3.89 8.48 -7.06
N CYS A 25 3.64 8.30 -5.80
CA CYS A 25 4.66 8.70 -4.78
C CYS A 25 4.67 7.71 -3.60
N ASP A 26 3.63 7.68 -2.81
CA ASP A 26 3.59 6.75 -1.65
C ASP A 26 4.16 5.40 -2.06
N ASP A 27 4.81 4.72 -1.17
CA ASP A 27 5.42 3.42 -1.52
C ASP A 27 4.49 2.27 -1.15
N SER A 28 4.26 2.06 0.12
CA SER A 28 3.38 0.94 0.52
C SER A 28 2.40 1.39 1.60
N TYR A 29 1.17 0.99 1.50
CA TYR A 29 0.17 1.41 2.51
C TYR A 29 -0.94 0.38 2.61
N HIS A 30 -1.70 0.42 3.68
CA HIS A 30 -2.83 -0.53 3.83
C HIS A 30 -4.12 0.21 3.52
N THR A 31 -5.08 -0.47 2.97
CA THR A 31 -6.37 0.22 2.66
C THR A 31 -6.92 0.85 3.94
N PHE A 32 -6.71 0.23 5.07
CA PHE A 32 -7.22 0.80 6.35
C PHE A 32 -6.28 1.85 6.95
N CYS A 33 -5.01 1.80 6.62
CA CYS A 33 -4.08 2.80 7.19
C CYS A 33 -4.14 4.09 6.37
N LEU A 34 -4.95 4.10 5.35
CA LEU A 34 -5.04 5.30 4.49
C LEU A 34 -6.28 6.12 4.83
N ILE A 35 -7.31 5.93 4.06
CA ILE A 35 -8.60 6.65 4.27
C ILE A 35 -9.63 5.56 4.47
N PRO A 36 -10.84 5.84 4.90
CA PRO A 36 -11.88 4.81 5.08
C PRO A 36 -11.55 3.61 4.18
N PRO A 37 -11.22 2.47 4.76
CA PRO A 37 -10.80 1.28 3.98
C PRO A 37 -11.48 1.16 2.62
N LEU A 38 -10.70 0.94 1.60
CA LEU A 38 -11.28 0.78 0.24
C LEU A 38 -11.96 -0.59 0.15
N HIS A 39 -12.78 -0.80 -0.83
CA HIS A 39 -13.47 -2.12 -0.94
C HIS A 39 -12.41 -3.21 -1.13
N ASP A 40 -11.42 -2.96 -1.93
CA ASP A 40 -10.36 -3.97 -2.15
C ASP A 40 -9.12 -3.29 -2.73
N VAL A 41 -8.05 -4.02 -2.90
CA VAL A 41 -6.82 -3.41 -3.47
C VAL A 41 -6.99 -3.17 -4.98
N PRO A 42 -6.98 -1.92 -5.42
CA PRO A 42 -7.14 -1.59 -6.87
C PRO A 42 -6.25 -2.44 -7.78
N LYS A 43 -6.62 -2.58 -9.03
CA LYS A 43 -5.83 -3.41 -9.97
C LYS A 43 -4.61 -2.65 -10.52
N GLY A 44 -4.11 -1.68 -9.80
CA GLY A 44 -2.91 -0.93 -10.28
C GLY A 44 -3.32 0.46 -10.79
N ASP A 45 -4.59 0.74 -10.85
CA ASP A 45 -5.03 2.08 -11.34
C ASP A 45 -5.47 2.96 -10.17
N TRP A 46 -4.61 3.15 -9.20
CA TRP A 46 -5.00 4.00 -8.02
C TRP A 46 -3.79 4.75 -7.48
N ARG A 47 -4.02 5.86 -6.84
CA ARG A 47 -2.91 6.65 -6.27
C ARG A 47 -3.25 7.00 -4.82
N CYS A 48 -2.26 7.34 -4.04
CA CYS A 48 -2.52 7.68 -2.61
C CYS A 48 -2.96 9.16 -2.53
N PRO A 49 -3.36 9.64 -1.36
CA PRO A 49 -3.80 11.05 -1.21
C PRO A 49 -2.67 12.04 -1.50
N LYS A 50 -1.46 11.68 -1.16
CA LYS A 50 -0.31 12.58 -1.41
C LYS A 50 -0.21 12.86 -2.92
N CYS A 51 -0.52 11.87 -3.72
CA CYS A 51 -0.45 12.07 -5.20
C CYS A 51 -1.34 13.25 -5.60
N LEU A 52 -2.51 13.32 -5.05
CA LEU A 52 -3.44 14.43 -5.38
C LEU A 52 -2.95 15.73 -4.74
N ALA A 53 -2.29 15.65 -3.63
CA ALA A 53 -1.79 16.88 -2.95
C ALA A 53 -0.78 17.60 -3.85
N GLN A 54 -0.17 16.88 -4.74
CA GLN A 54 0.83 17.49 -5.65
C GLN A 54 0.16 18.60 -6.45
N GLU A 55 -1.06 18.39 -6.85
CA GLU A 55 -1.79 19.42 -7.65
C GLU A 55 -0.96 19.80 -8.87
N ALA B 1 -3.52 0.15 -7.91
CA ALA B 1 -2.59 -0.15 -6.78
C ALA B 1 -1.99 -1.53 -6.97
N ARG B 2 -0.84 -1.77 -6.41
CA ARG B 2 -0.20 -3.10 -6.54
C ARG B 2 -0.13 -3.76 -5.16
N THR B 3 -0.39 -5.03 -5.09
CA THR B 3 -0.39 -5.72 -3.76
C THR B 3 1.03 -6.12 -3.34
N LYS B 4 1.33 -5.96 -2.08
CA LYS B 4 2.66 -6.36 -1.56
C LYS B 4 2.45 -7.24 -0.33
N GLN B 5 3.27 -8.25 -0.15
CA GLN B 5 3.13 -9.16 1.02
C GLN B 5 4.45 -9.25 1.77
N THR B 6 4.42 -9.54 3.04
CA THR B 6 5.71 -9.65 3.80
C THR B 6 5.57 -10.69 4.91
N ALA B 7 6.48 -11.63 4.95
CA ALA B 7 6.41 -12.67 6.02
C ALA B 7 7.49 -12.37 7.07
N ARG B 8 7.20 -12.60 8.32
CA ARG B 8 8.21 -12.32 9.38
C ARG B 8 9.42 -13.23 9.17
N LYS B 9 10.60 -12.73 9.45
CA LYS B 9 11.82 -13.55 9.27
C LYS B 9 12.28 -14.11 10.62
N SER B 10 12.82 -15.29 10.63
CA SER B 10 13.29 -15.87 11.93
C SER B 10 14.60 -16.63 11.70
N ALA A 1 14.47 -7.51 -3.02
CA ALA A 1 13.20 -8.27 -2.92
C ALA A 1 12.02 -7.35 -3.19
N VAL A 2 11.09 -7.78 -4.00
CA VAL A 2 9.92 -6.94 -4.32
C VAL A 2 9.03 -6.83 -3.07
N ASP A 3 9.04 -7.83 -2.23
CA ASP A 3 8.20 -7.79 -1.00
C ASP A 3 8.81 -6.79 0.00
N LEU A 4 9.99 -6.31 -0.29
CA LEU A 4 10.65 -5.36 0.64
C LEU A 4 9.72 -4.19 1.00
N TYR A 5 8.94 -3.71 0.08
CA TYR A 5 8.04 -2.57 0.43
C TYR A 5 6.96 -3.06 1.38
N VAL A 6 6.87 -2.46 2.53
CA VAL A 6 5.82 -2.86 3.51
C VAL A 6 5.01 -1.63 3.91
N CYS A 7 3.82 -1.82 4.43
CA CYS A 7 3.00 -0.65 4.83
C CYS A 7 3.86 0.28 5.68
N LEU A 8 4.15 1.43 5.17
CA LEU A 8 5.01 2.39 5.92
C LEU A 8 4.41 2.63 7.30
N LEU A 9 3.11 2.73 7.40
CA LEU A 9 2.47 2.96 8.72
C LEU A 9 2.70 1.74 9.63
N CYS A 10 2.53 0.55 9.13
CA CYS A 10 2.78 -0.66 9.98
C CYS A 10 4.21 -1.11 9.78
N GLY A 11 4.50 -1.65 8.63
CA GLY A 11 5.87 -2.15 8.35
C GLY A 11 5.81 -3.68 8.28
N SER A 12 4.66 -4.24 8.49
CA SER A 12 4.54 -5.73 8.43
C SER A 12 4.28 -6.13 6.97
N GLY A 13 3.60 -5.28 6.24
CA GLY A 13 3.30 -5.56 4.81
C GLY A 13 3.05 -7.06 4.59
N ASN A 14 2.54 -7.74 5.57
CA ASN A 14 2.28 -9.19 5.40
C ASN A 14 0.89 -9.39 4.80
N ASP A 15 0.02 -8.43 4.96
CA ASP A 15 -1.37 -8.57 4.41
C ASP A 15 -1.34 -8.43 2.89
N GLU A 16 -1.08 -9.51 2.19
CA GLU A 16 -1.05 -9.45 0.70
C GLU A 16 -2.35 -8.88 0.15
N ASP A 17 -3.45 -9.24 0.74
CA ASP A 17 -4.77 -8.75 0.23
C ASP A 17 -4.98 -7.25 0.54
N ARG A 18 -4.41 -6.75 1.60
CA ARG A 18 -4.67 -5.32 1.94
C ARG A 18 -3.49 -4.38 1.63
N LEU A 19 -2.29 -4.85 1.40
CA LEU A 19 -1.22 -3.86 1.12
C LEU A 19 -1.35 -3.34 -0.30
N LEU A 20 -1.60 -2.06 -0.46
CA LEU A 20 -1.69 -1.49 -1.84
C LEU A 20 -0.45 -0.64 -2.08
N LEU A 21 0.23 -0.86 -3.17
CA LEU A 21 1.48 -0.09 -3.46
C LEU A 21 1.13 1.16 -4.27
N CYS A 22 1.41 2.34 -3.76
CA CYS A 22 1.10 3.57 -4.55
C CYS A 22 2.26 3.81 -5.51
N ASP A 23 1.96 3.86 -6.78
CA ASP A 23 3.02 4.06 -7.80
C ASP A 23 3.43 5.53 -7.88
N GLY A 24 2.51 6.42 -7.70
CA GLY A 24 2.86 7.86 -7.80
C GLY A 24 3.94 8.23 -6.78
N CYS A 25 3.68 8.04 -5.52
CA CYS A 25 4.70 8.40 -4.51
C CYS A 25 4.69 7.39 -3.34
N ASP A 26 3.65 7.36 -2.55
CA ASP A 26 3.60 6.41 -1.41
C ASP A 26 4.15 5.06 -1.86
N ASP A 27 4.83 4.37 -0.99
CA ASP A 27 5.40 3.07 -1.39
C ASP A 27 4.45 1.94 -1.03
N SER A 28 4.22 1.70 0.23
CA SER A 28 3.31 0.58 0.61
C SER A 28 2.34 1.04 1.69
N TYR A 29 1.10 0.66 1.57
CA TYR A 29 0.10 1.07 2.58
C TYR A 29 -1.04 0.05 2.65
N HIS A 30 -1.77 0.04 3.72
CA HIS A 30 -2.91 -0.91 3.83
C HIS A 30 -4.20 -0.15 3.56
N THR A 31 -5.19 -0.80 3.03
CA THR A 31 -6.47 -0.09 2.75
C THR A 31 -6.99 0.51 4.07
N PHE A 32 -6.76 -0.15 5.17
CA PHE A 32 -7.27 0.36 6.48
C PHE A 32 -6.30 1.38 7.10
N CYS A 33 -5.05 1.33 6.74
CA CYS A 33 -4.08 2.30 7.34
C CYS A 33 -4.16 3.62 6.60
N LEU A 34 -4.98 3.69 5.59
CA LEU A 34 -5.09 4.94 4.80
C LEU A 34 -6.33 5.74 5.23
N ILE A 35 -7.38 5.61 4.49
CA ILE A 35 -8.65 6.31 4.79
C ILE A 35 -9.70 5.22 4.91
N PRO A 36 -10.93 5.50 5.31
CA PRO A 36 -11.97 4.45 5.42
C PRO A 36 -11.64 3.29 4.48
N PRO A 37 -11.32 2.13 5.00
CA PRO A 37 -10.88 0.98 4.17
C PRO A 37 -11.57 0.91 2.80
N LEU A 38 -10.80 0.74 1.76
CA LEU A 38 -11.39 0.65 0.40
C LEU A 38 -12.10 -0.69 0.26
N HIS A 39 -12.94 -0.84 -0.72
CA HIS A 39 -13.65 -2.13 -0.88
C HIS A 39 -12.63 -3.23 -1.13
N ASP A 40 -11.63 -2.96 -1.90
CA ASP A 40 -10.58 -3.99 -2.16
C ASP A 40 -9.34 -3.31 -2.72
N VAL A 41 -8.29 -4.07 -2.92
CA VAL A 41 -7.03 -3.48 -3.45
C VAL A 41 -7.20 -3.19 -4.96
N PRO A 42 -7.15 -1.95 -5.38
CA PRO A 42 -7.29 -1.58 -6.82
C PRO A 42 -6.41 -2.45 -7.73
N LYS A 43 -6.83 -2.66 -8.95
CA LYS A 43 -6.06 -3.52 -9.89
C LYS A 43 -4.83 -2.77 -10.43
N GLY A 44 -4.26 -1.87 -9.69
CA GLY A 44 -3.05 -1.14 -10.18
C GLY A 44 -3.43 0.26 -10.67
N ASP A 45 -4.68 0.62 -10.60
CA ASP A 45 -5.09 1.97 -11.06
C ASP A 45 -5.56 2.81 -9.87
N TRP A 46 -4.65 3.18 -9.02
CA TRP A 46 -5.03 4.01 -7.84
C TRP A 46 -3.83 4.76 -7.30
N ARG A 47 -4.06 5.77 -6.52
CA ARG A 47 -2.93 6.56 -5.94
C ARG A 47 -3.25 6.90 -4.49
N CYS A 48 -2.26 7.24 -3.72
CA CYS A 48 -2.48 7.58 -2.29
C CYS A 48 -2.84 9.06 -2.17
N PRO A 49 -3.17 9.56 -0.99
CA PRO A 49 -3.53 10.99 -0.81
C PRO A 49 -2.36 11.93 -1.14
N LYS A 50 -1.16 11.53 -0.84
CA LYS A 50 0.00 12.39 -1.15
C LYS A 50 0.07 12.65 -2.65
N CYS A 51 -0.31 11.68 -3.44
CA CYS A 51 -0.28 11.86 -4.92
C CYS A 51 -1.15 13.07 -5.30
N LEU A 52 -2.29 13.18 -4.70
CA LEU A 52 -3.19 14.33 -5.01
C LEU A 52 -2.64 15.61 -4.39
N ALA A 53 -1.95 15.51 -3.29
CA ALA A 53 -1.40 16.73 -2.62
C ALA A 53 -0.43 17.42 -3.56
N GLN A 54 0.12 16.69 -4.49
CA GLN A 54 1.09 17.29 -5.45
C GLN A 54 0.40 18.41 -6.22
N GLU A 55 -0.85 18.20 -6.56
CA GLU A 55 -1.60 19.25 -7.32
C GLU A 55 -0.78 19.67 -8.54
N ALA B 1 -3.58 0.10 -7.83
CA ALA B 1 -2.69 -0.28 -6.70
C ALA B 1 -2.16 -1.68 -6.93
N ARG B 2 -0.97 -1.95 -6.48
CA ARG B 2 -0.39 -3.31 -6.66
C ARG B 2 -0.29 -3.99 -5.28
N THR B 3 -0.57 -5.26 -5.22
CA THR B 3 -0.54 -5.98 -3.91
C THR B 3 0.89 -6.31 -3.48
N LYS B 4 1.13 -6.24 -2.19
CA LYS B 4 2.48 -6.59 -1.66
C LYS B 4 2.32 -7.57 -0.50
N GLN B 5 3.09 -8.62 -0.49
CA GLN B 5 3.02 -9.63 0.60
C GLN B 5 4.38 -9.71 1.29
N THR B 6 4.41 -9.74 2.60
CA THR B 6 5.73 -9.83 3.30
C THR B 6 5.64 -10.84 4.45
N ALA B 7 6.41 -11.90 4.39
CA ALA B 7 6.39 -12.91 5.48
C ALA B 7 7.19 -12.38 6.66
N ARG B 8 8.33 -11.80 6.41
CA ARG B 8 9.16 -11.27 7.53
C ARG B 8 8.46 -10.08 8.17
N LYS B 9 8.65 -9.88 9.46
CA LYS B 9 8.01 -8.73 10.14
C LYS B 9 8.44 -7.43 9.48
N SER B 10 9.67 -7.36 9.02
CA SER B 10 10.16 -6.13 8.35
C SER B 10 9.83 -4.92 9.24
N ALA A 1 15.24 -6.89 -3.81
CA ALA A 1 13.99 -6.42 -4.48
C ALA A 1 13.53 -5.11 -3.84
N VAL A 2 13.19 -4.13 -4.63
CA VAL A 2 12.72 -2.84 -4.08
C VAL A 2 11.35 -3.01 -3.43
N ASP A 3 10.58 -3.97 -3.88
CA ASP A 3 9.23 -4.19 -3.29
C ASP A 3 9.39 -4.52 -1.81
N LEU A 4 10.59 -4.72 -1.37
CA LEU A 4 10.85 -5.06 0.06
C LEU A 4 10.14 -4.05 0.99
N TYR A 5 9.89 -2.85 0.53
CA TYR A 5 9.24 -1.87 1.44
C TYR A 5 7.87 -2.37 1.90
N VAL A 6 7.55 -2.12 3.14
CA VAL A 6 6.25 -2.58 3.71
C VAL A 6 5.43 -1.34 4.04
N CYS A 7 4.19 -1.50 4.43
CA CYS A 7 3.35 -0.32 4.72
C CYS A 7 4.11 0.65 5.62
N LEU A 8 4.39 1.81 5.10
CA LEU A 8 5.12 2.83 5.88
C LEU A 8 4.39 3.12 7.20
N LEU A 9 3.08 3.18 7.17
CA LEU A 9 2.32 3.45 8.43
C LEU A 9 2.46 2.29 9.40
N CYS A 10 2.36 1.08 8.92
CA CYS A 10 2.46 -0.10 9.81
C CYS A 10 3.86 -0.70 9.73
N GLY A 11 4.20 -1.30 8.63
CA GLY A 11 5.54 -1.91 8.49
C GLY A 11 5.42 -3.44 8.49
N SER A 12 4.22 -3.93 8.63
CA SER A 12 4.04 -5.41 8.62
C SER A 12 3.89 -5.87 7.17
N GLY A 13 3.34 -5.03 6.33
CA GLY A 13 3.16 -5.37 4.89
C GLY A 13 2.83 -6.85 4.72
N ASN A 14 2.29 -7.48 5.74
CA ASN A 14 1.96 -8.92 5.62
C ASN A 14 0.55 -9.08 5.05
N ASP A 15 -0.28 -8.08 5.18
CA ASP A 15 -1.65 -8.20 4.63
C ASP A 15 -1.58 -8.16 3.11
N GLU A 16 -1.35 -9.30 2.51
CA GLU A 16 -1.23 -9.38 1.04
C GLU A 16 -2.46 -8.76 0.35
N ASP A 17 -3.62 -8.92 0.91
CA ASP A 17 -4.84 -8.37 0.25
C ASP A 17 -5.05 -6.88 0.59
N ARG A 18 -4.45 -6.38 1.62
CA ARG A 18 -4.68 -4.94 1.98
C ARG A 18 -3.49 -4.06 1.65
N LEU A 19 -2.30 -4.59 1.54
CA LEU A 19 -1.15 -3.70 1.25
C LEU A 19 -1.21 -3.24 -0.22
N LEU A 20 -1.47 -1.97 -0.43
CA LEU A 20 -1.52 -1.44 -1.83
C LEU A 20 -0.32 -0.54 -2.05
N LEU A 21 0.39 -0.72 -3.13
CA LEU A 21 1.57 0.15 -3.37
C LEU A 21 1.16 1.33 -4.24
N CYS A 22 1.48 2.53 -3.83
CA CYS A 22 1.12 3.72 -4.64
C CYS A 22 2.25 3.99 -5.64
N ASP A 23 1.94 3.98 -6.90
CA ASP A 23 2.97 4.21 -7.94
C ASP A 23 3.35 5.69 -8.02
N GLY A 24 2.42 6.57 -7.79
CA GLY A 24 2.73 8.02 -7.89
C GLY A 24 3.87 8.38 -6.94
N CYS A 25 3.69 8.17 -5.68
CA CYS A 25 4.77 8.51 -4.70
C CYS A 25 4.82 7.49 -3.56
N ASP A 26 3.80 7.48 -2.72
CA ASP A 26 3.80 6.52 -1.58
C ASP A 26 4.32 5.17 -2.04
N ASP A 27 4.96 4.46 -1.17
CA ASP A 27 5.53 3.14 -1.55
C ASP A 27 4.55 2.02 -1.18
N SER A 28 4.31 1.81 0.08
CA SER A 28 3.37 0.73 0.49
C SER A 28 2.46 1.22 1.60
N TYR A 29 1.22 0.85 1.53
CA TYR A 29 0.25 1.29 2.55
C TYR A 29 -0.91 0.29 2.62
N HIS A 30 -1.66 0.26 3.69
CA HIS A 30 -2.82 -0.67 3.73
C HIS A 30 -4.08 0.16 3.55
N THR A 31 -5.09 -0.41 2.97
CA THR A 31 -6.35 0.34 2.76
C THR A 31 -6.87 0.85 4.11
N PHE A 32 -6.63 0.13 5.18
CA PHE A 32 -7.16 0.56 6.50
C PHE A 32 -6.29 1.65 7.15
N CYS A 33 -5.00 1.69 6.91
CA CYS A 33 -4.18 2.74 7.58
C CYS A 33 -4.14 4.00 6.72
N LEU A 34 -4.80 3.98 5.59
CA LEU A 34 -4.80 5.18 4.70
C LEU A 34 -5.95 6.11 5.07
N ILE A 35 -7.02 6.01 4.34
CA ILE A 35 -8.23 6.85 4.61
C ILE A 35 -9.37 5.86 4.81
N PRO A 36 -10.58 6.27 5.16
CA PRO A 36 -11.70 5.31 5.35
C PRO A 36 -11.44 4.04 4.51
N PRO A 37 -11.20 2.92 5.14
CA PRO A 37 -10.84 1.67 4.41
C PRO A 37 -11.48 1.56 3.04
N LEU A 38 -10.68 1.23 2.06
CA LEU A 38 -11.19 1.08 0.67
C LEU A 38 -11.90 -0.26 0.54
N HIS A 39 -12.77 -0.40 -0.41
CA HIS A 39 -13.50 -1.69 -0.57
C HIS A 39 -12.49 -2.81 -0.84
N ASP A 40 -11.53 -2.55 -1.68
CA ASP A 40 -10.51 -3.60 -1.98
C ASP A 40 -9.28 -2.95 -2.59
N VAL A 41 -8.25 -3.71 -2.84
CA VAL A 41 -7.00 -3.15 -3.42
C VAL A 41 -7.22 -2.86 -4.92
N PRO A 42 -7.17 -1.61 -5.34
CA PRO A 42 -7.34 -1.23 -6.77
C PRO A 42 -6.49 -2.09 -7.72
N LYS A 43 -6.89 -2.18 -8.97
CA LYS A 43 -6.14 -3.02 -9.95
C LYS A 43 -4.91 -2.28 -10.50
N GLY A 44 -4.38 -1.33 -9.77
CA GLY A 44 -3.17 -0.60 -10.27
C GLY A 44 -3.55 0.81 -10.74
N ASP A 45 -4.82 1.12 -10.83
CA ASP A 45 -5.23 2.47 -11.31
C ASP A 45 -5.56 3.37 -10.12
N TRP A 46 -4.69 3.45 -9.15
CA TRP A 46 -4.97 4.31 -7.96
C TRP A 46 -3.67 4.88 -7.39
N ARG A 47 -3.78 5.88 -6.57
CA ARG A 47 -2.57 6.48 -5.96
C ARG A 47 -2.91 6.92 -4.53
N CYS A 48 -1.93 7.16 -3.72
CA CYS A 48 -2.22 7.58 -2.32
C CYS A 48 -2.55 9.08 -2.29
N PRO A 49 -2.97 9.61 -1.17
CA PRO A 49 -3.33 11.06 -1.07
C PRO A 49 -2.14 11.98 -1.34
N LYS A 50 -0.96 11.55 -1.02
CA LYS A 50 0.24 12.41 -1.24
C LYS A 50 0.38 12.75 -2.73
N CYS A 51 0.14 11.81 -3.61
CA CYS A 51 0.27 12.12 -5.06
C CYS A 51 -0.89 13.01 -5.50
N LEU A 52 -2.04 12.85 -4.89
CA LEU A 52 -3.20 13.68 -5.27
C LEU A 52 -3.01 15.12 -4.77
N ALA A 53 -2.29 15.30 -3.70
CA ALA A 53 -2.08 16.67 -3.15
C ALA A 53 -1.32 17.55 -4.14
N GLN A 54 -0.33 17.02 -4.78
CA GLN A 54 0.45 17.82 -5.76
C GLN A 54 -0.44 18.20 -6.94
N GLU A 55 -1.33 17.34 -7.31
CA GLU A 55 -2.24 17.64 -8.46
C GLU A 55 -1.39 18.01 -9.69
N ALA B 1 -3.67 0.41 -7.81
CA ALA B 1 -2.73 -0.01 -6.74
C ALA B 1 -2.21 -1.41 -7.02
N ARG B 2 -1.10 -1.76 -6.43
CA ARG B 2 -0.53 -3.11 -6.66
C ARG B 2 -0.51 -3.87 -5.33
N THR B 3 -0.84 -5.14 -5.36
CA THR B 3 -0.89 -5.93 -4.09
C THR B 3 0.50 -6.46 -3.74
N LYS B 4 0.85 -6.37 -2.48
CA LYS B 4 2.18 -6.89 -2.03
C LYS B 4 1.97 -7.62 -0.70
N GLN B 5 2.74 -8.67 -0.49
CA GLN B 5 2.61 -9.45 0.78
C GLN B 5 3.96 -9.49 1.50
N THR B 6 3.95 -9.67 2.79
CA THR B 6 5.26 -9.74 3.53
C THR B 6 5.18 -10.81 4.61
N ALA B 7 6.08 -11.76 4.58
CA ALA B 7 6.07 -12.83 5.62
C ALA B 7 6.58 -12.26 6.95
N ARG B 8 6.02 -12.69 8.04
CA ARG B 8 6.47 -12.17 9.36
C ARG B 8 7.98 -12.40 9.51
N LYS B 9 8.46 -13.52 9.05
CA LYS B 9 9.91 -13.82 9.16
C LYS B 9 10.60 -13.53 7.82
N SER B 10 11.81 -13.06 7.85
CA SER B 10 12.53 -12.76 6.59
C SER B 10 13.23 -14.02 6.08
N ALA A 1 14.33 -6.29 -4.01
CA ALA A 1 13.05 -7.08 -3.98
C ALA A 1 11.87 -6.12 -3.98
N VAL A 2 10.89 -6.40 -4.80
CA VAL A 2 9.69 -5.51 -4.86
C VAL A 2 8.94 -5.56 -3.52
N ASP A 3 8.89 -6.71 -2.92
CA ASP A 3 8.18 -6.82 -1.61
C ASP A 3 8.95 -6.04 -0.55
N LEU A 4 10.13 -5.60 -0.87
CA LEU A 4 10.95 -4.86 0.12
C LEU A 4 10.15 -3.72 0.75
N TYR A 5 9.41 -2.95 -0.02
CA TYR A 5 8.64 -1.85 0.60
C TYR A 5 7.41 -2.41 1.31
N VAL A 6 7.19 -1.98 2.51
CA VAL A 6 6.03 -2.47 3.30
C VAL A 6 5.19 -1.27 3.76
N CYS A 7 4.03 -1.51 4.33
CA CYS A 7 3.18 -0.39 4.77
C CYS A 7 4.03 0.58 5.59
N LEU A 8 4.25 1.75 5.06
CA LEU A 8 5.09 2.74 5.78
C LEU A 8 4.51 2.97 7.18
N LEU A 9 3.23 3.01 7.30
CA LEU A 9 2.61 3.24 8.63
C LEU A 9 2.88 2.04 9.54
N CYS A 10 2.73 0.83 9.07
CA CYS A 10 3.02 -0.36 9.92
C CYS A 10 4.46 -0.80 9.72
N GLY A 11 4.74 -1.35 8.58
CA GLY A 11 6.12 -1.83 8.30
C GLY A 11 6.10 -3.36 8.24
N SER A 12 4.95 -3.95 8.48
CA SER A 12 4.86 -5.43 8.42
C SER A 12 4.59 -5.84 6.98
N GLY A 13 3.91 -5.02 6.24
CA GLY A 13 3.60 -5.33 4.81
C GLY A 13 3.35 -6.83 4.63
N ASN A 14 2.88 -7.50 5.64
CA ASN A 14 2.62 -8.95 5.50
C ASN A 14 1.21 -9.16 4.96
N ASP A 15 0.34 -8.21 5.13
CA ASP A 15 -1.04 -8.37 4.62
C ASP A 15 -1.02 -8.32 3.09
N GLU A 16 -0.75 -9.43 2.47
CA GLU A 16 -0.69 -9.49 0.98
C GLU A 16 -1.97 -8.93 0.35
N ASP A 17 -3.11 -9.20 0.92
CA ASP A 17 -4.38 -8.72 0.31
C ASP A 17 -4.65 -7.24 0.63
N ARG A 18 -4.09 -6.71 1.69
CA ARG A 18 -4.40 -5.28 2.03
C ARG A 18 -3.23 -4.34 1.73
N LEU A 19 -2.04 -4.84 1.54
CA LEU A 19 -0.93 -3.89 1.27
C LEU A 19 -1.02 -3.39 -0.17
N LEU A 20 -1.33 -2.13 -0.36
CA LEU A 20 -1.42 -1.57 -1.73
C LEU A 20 -0.26 -0.61 -1.97
N LEU A 21 0.42 -0.73 -3.07
CA LEU A 21 1.57 0.17 -3.34
C LEU A 21 1.12 1.32 -4.24
N CYS A 22 1.43 2.54 -3.84
CA CYS A 22 1.05 3.71 -4.69
C CYS A 22 2.19 3.97 -5.67
N ASP A 23 1.87 3.94 -6.93
CA ASP A 23 2.90 4.15 -7.99
C ASP A 23 3.30 5.63 -8.08
N GLY A 24 2.38 6.52 -7.87
CA GLY A 24 2.72 7.96 -7.98
C GLY A 24 3.83 8.34 -7.00
N CYS A 25 3.62 8.14 -5.73
CA CYS A 25 4.66 8.51 -4.74
C CYS A 25 4.69 7.50 -3.57
N ASP A 26 3.66 7.47 -2.76
CA ASP A 26 3.66 6.52 -1.61
C ASP A 26 4.20 5.17 -2.05
N ASP A 27 4.87 4.49 -1.16
CA ASP A 27 5.46 3.18 -1.52
C ASP A 27 4.51 2.05 -1.15
N SER A 28 4.27 1.83 0.12
CA SER A 28 3.35 0.73 0.50
C SER A 28 2.42 1.19 1.62
N TYR A 29 1.18 0.78 1.55
CA TYR A 29 0.21 1.18 2.60
C TYR A 29 -0.89 0.13 2.70
N HIS A 30 -1.61 0.13 3.77
CA HIS A 30 -2.73 -0.85 3.91
C HIS A 30 -4.04 -0.13 3.65
N THR A 31 -5.01 -0.81 3.11
CA THR A 31 -6.31 -0.14 2.85
C THR A 31 -6.84 0.45 4.15
N PHE A 32 -6.58 -0.20 5.27
CA PHE A 32 -7.09 0.32 6.57
C PHE A 32 -6.14 1.38 7.15
N CYS A 33 -4.89 1.37 6.77
CA CYS A 33 -3.95 2.38 7.32
C CYS A 33 -4.06 3.68 6.53
N LEU A 34 -4.89 3.71 5.53
CA LEU A 34 -5.01 4.93 4.70
C LEU A 34 -6.24 5.75 5.11
N ILE A 35 -7.30 5.59 4.39
CA ILE A 35 -8.57 6.31 4.69
C ILE A 35 -9.62 5.23 4.87
N PRO A 36 -10.84 5.52 5.27
CA PRO A 36 -11.88 4.48 5.44
C PRO A 36 -11.55 3.27 4.55
N PRO A 37 -11.21 2.14 5.13
CA PRO A 37 -10.78 0.97 4.35
C PRO A 37 -11.42 0.86 2.98
N LEU A 38 -10.61 0.63 1.97
CA LEU A 38 -11.12 0.50 0.60
C LEU A 38 -11.78 -0.87 0.44
N HIS A 39 -12.64 -1.03 -0.54
CA HIS A 39 -13.30 -2.35 -0.72
C HIS A 39 -12.24 -3.42 -1.01
N ASP A 40 -11.28 -3.10 -1.82
CA ASP A 40 -10.22 -4.10 -2.12
C ASP A 40 -8.99 -3.38 -2.69
N VAL A 41 -7.93 -4.08 -2.90
CA VAL A 41 -6.69 -3.45 -3.45
C VAL A 41 -6.90 -3.17 -4.96
N PRO A 42 -6.91 -1.91 -5.38
CA PRO A 42 -7.09 -1.56 -6.82
C PRO A 42 -6.18 -2.37 -7.74
N LYS A 43 -6.54 -2.49 -8.99
CA LYS A 43 -5.72 -3.28 -9.95
C LYS A 43 -4.51 -2.47 -10.46
N GLY A 44 -4.07 -1.49 -9.73
CA GLY A 44 -2.89 -0.69 -10.19
C GLY A 44 -3.33 0.69 -10.70
N ASP A 45 -4.60 0.90 -10.86
CA ASP A 45 -5.07 2.23 -11.37
C ASP A 45 -5.50 3.12 -10.19
N TRP A 46 -4.69 3.25 -9.19
CA TRP A 46 -5.07 4.11 -8.03
C TRP A 46 -3.85 4.80 -7.44
N ARG A 47 -4.05 5.88 -6.75
CA ARG A 47 -2.91 6.61 -6.14
C ARG A 47 -3.24 6.93 -4.68
N CYS A 48 -2.24 7.19 -3.89
CA CYS A 48 -2.48 7.50 -2.45
C CYS A 48 -2.92 8.98 -2.32
N PRO A 49 -3.32 9.42 -1.14
CA PRO A 49 -3.76 10.83 -0.94
C PRO A 49 -2.63 11.82 -1.20
N LYS A 50 -1.42 11.44 -0.87
CA LYS A 50 -0.27 12.35 -1.10
C LYS A 50 -0.17 12.67 -2.59
N CYS A 51 -0.48 11.73 -3.43
CA CYS A 51 -0.41 11.97 -4.90
C CYS A 51 -1.29 13.16 -5.26
N LEU A 52 -2.46 13.23 -4.70
CA LEU A 52 -3.39 14.35 -5.00
C LEU A 52 -2.90 15.63 -4.30
N ALA A 53 -2.24 15.49 -3.19
CA ALA A 53 -1.76 16.69 -2.45
C ALA A 53 -0.75 17.45 -3.33
N GLN A 54 -0.15 16.78 -4.26
CA GLN A 54 0.83 17.44 -5.15
C GLN A 54 0.15 18.58 -5.91
N GLU A 55 -1.08 18.36 -6.29
CA GLU A 55 -1.81 19.41 -7.03
C GLU A 55 -1.00 19.86 -8.25
N ALA B 1 -3.50 0.30 -7.73
CA ALA B 1 -2.58 -0.14 -6.65
C ALA B 1 -2.04 -1.53 -6.96
N ARG B 2 -0.90 -1.86 -6.42
CA ARG B 2 -0.31 -3.20 -6.66
C ARG B 2 -0.24 -3.96 -5.33
N THR B 3 -0.54 -5.22 -5.34
CA THR B 3 -0.52 -6.01 -4.07
C THR B 3 0.89 -6.47 -3.73
N LYS B 4 1.28 -6.26 -2.50
CA LYS B 4 2.63 -6.71 -2.05
C LYS B 4 2.47 -7.51 -0.76
N GLN B 5 3.33 -8.48 -0.55
CA GLN B 5 3.22 -9.33 0.68
C GLN B 5 4.58 -9.40 1.37
N THR B 6 4.59 -9.68 2.64
CA THR B 6 5.89 -9.78 3.36
C THR B 6 5.79 -10.85 4.46
N ALA B 7 6.63 -11.85 4.39
CA ALA B 7 6.59 -12.93 5.43
C ALA B 7 7.80 -12.79 6.36
N ARG B 8 8.48 -11.68 6.31
CA ARG B 8 9.65 -11.49 7.20
C ARG B 8 9.23 -11.62 8.66
N LYS B 9 8.04 -11.16 8.98
CA LYS B 9 7.56 -11.26 10.39
C LYS B 9 6.51 -12.37 10.49
N SER B 10 6.48 -13.08 11.59
CA SER B 10 5.48 -14.17 11.75
C SER B 10 5.17 -14.37 13.23
N ALA A 1 14.37 -7.35 -3.19
CA ALA A 1 12.96 -7.83 -3.35
C ALA A 1 12.01 -6.63 -3.33
N VAL A 2 11.09 -6.59 -4.24
CA VAL A 2 10.13 -5.45 -4.28
C VAL A 2 9.19 -5.52 -3.07
N ASP A 3 8.95 -6.70 -2.58
CA ASP A 3 8.05 -6.84 -1.39
C ASP A 3 8.67 -6.13 -0.20
N LEU A 4 9.89 -5.70 -0.33
CA LEU A 4 10.57 -5.02 0.81
C LEU A 4 9.74 -3.84 1.34
N TYR A 5 9.09 -3.10 0.49
CA TYR A 5 8.29 -1.95 1.01
C TYR A 5 7.09 -2.48 1.79
N VAL A 6 6.88 -1.93 2.96
CA VAL A 6 5.73 -2.38 3.80
C VAL A 6 4.88 -1.15 4.14
N CYS A 7 3.69 -1.35 4.63
CA CYS A 7 2.83 -0.18 4.95
C CYS A 7 3.65 0.81 5.76
N LEU A 8 3.91 1.96 5.18
CA LEU A 8 4.73 2.98 5.89
C LEU A 8 4.12 3.27 7.25
N LEU A 9 2.82 3.33 7.33
CA LEU A 9 2.17 3.62 8.63
C LEU A 9 2.39 2.46 9.61
N CYS A 10 2.23 1.23 9.17
CA CYS A 10 2.47 0.07 10.09
C CYS A 10 3.92 -0.38 9.98
N GLY A 11 4.26 -0.95 8.86
CA GLY A 11 5.64 -1.45 8.66
C GLY A 11 5.60 -2.98 8.62
N SER A 12 4.44 -3.55 8.80
CA SER A 12 4.30 -5.02 8.75
C SER A 12 4.05 -5.43 7.29
N GLY A 13 3.38 -4.58 6.56
CA GLY A 13 3.07 -4.85 5.12
C GLY A 13 2.87 -6.36 4.88
N ASN A 14 2.42 -7.08 5.87
CA ASN A 14 2.22 -8.54 5.67
C ASN A 14 0.83 -8.80 5.11
N ASP A 15 -0.07 -7.88 5.30
CA ASP A 15 -1.45 -8.06 4.76
C ASP A 15 -1.41 -7.97 3.23
N GLU A 16 -1.05 -9.03 2.57
CA GLU A 16 -0.97 -9.01 1.09
C GLU A 16 -2.29 -8.53 0.48
N ASP A 17 -3.38 -8.96 1.03
CA ASP A 17 -4.70 -8.55 0.48
C ASP A 17 -4.96 -7.06 0.72
N ARG A 18 -4.44 -6.50 1.78
CA ARG A 18 -4.74 -5.05 2.06
C ARG A 18 -3.55 -4.13 1.76
N LEU A 19 -2.34 -4.61 1.60
CA LEU A 19 -1.27 -3.62 1.34
C LEU A 19 -1.32 -3.18 -0.13
N LEU A 20 -1.58 -1.92 -0.37
CA LEU A 20 -1.61 -1.41 -1.77
C LEU A 20 -0.37 -0.55 -1.99
N LEU A 21 0.36 -0.77 -3.05
CA LEU A 21 1.57 0.04 -3.29
C LEU A 21 1.23 1.23 -4.18
N CYS A 22 1.55 2.42 -3.73
CA CYS A 22 1.25 3.65 -4.53
C CYS A 22 2.38 3.86 -5.54
N ASP A 23 2.03 3.90 -6.79
CA ASP A 23 3.06 4.09 -7.85
C ASP A 23 3.45 5.57 -7.96
N GLY A 24 2.52 6.45 -7.73
CA GLY A 24 2.84 7.90 -7.84
C GLY A 24 3.95 8.28 -6.87
N CYS A 25 3.74 8.08 -5.60
CA CYS A 25 4.78 8.44 -4.61
C CYS A 25 4.80 7.44 -3.45
N ASP A 26 3.78 7.42 -2.64
CA ASP A 26 3.75 6.49 -1.49
C ASP A 26 4.27 5.12 -1.93
N ASP A 27 4.90 4.42 -1.04
CA ASP A 27 5.47 3.10 -1.39
C ASP A 27 4.50 1.98 -1.02
N SER A 28 4.22 1.80 0.24
CA SER A 28 3.30 0.72 0.66
C SER A 28 2.29 1.24 1.66
N TYR A 29 1.05 0.86 1.54
CA TYR A 29 0.03 1.34 2.51
C TYR A 29 -1.11 0.32 2.61
N HIS A 30 -1.89 0.39 3.66
CA HIS A 30 -3.02 -0.56 3.81
C HIS A 30 -4.32 0.19 3.49
N THR A 31 -5.28 -0.50 2.95
CA THR A 31 -6.56 0.19 2.63
C THR A 31 -7.12 0.84 3.90
N PHE A 32 -6.91 0.22 5.04
CA PHE A 32 -7.45 0.80 6.31
C PHE A 32 -6.50 1.84 6.90
N CYS A 33 -5.25 1.83 6.54
CA CYS A 33 -4.32 2.82 7.11
C CYS A 33 -4.37 4.12 6.30
N LEU A 34 -5.18 4.13 5.27
CA LEU A 34 -5.26 5.35 4.41
C LEU A 34 -6.49 6.18 4.80
N ILE A 35 -7.54 6.02 4.06
CA ILE A 35 -8.81 6.75 4.30
C ILE A 35 -9.84 5.67 4.55
N PRO A 36 -11.04 5.98 5.01
CA PRO A 36 -12.07 4.95 5.25
C PRO A 36 -11.77 3.72 4.36
N PRO A 37 -11.44 2.59 4.95
CA PRO A 37 -11.02 1.39 4.18
C PRO A 37 -11.68 1.29 2.80
N LEU A 38 -10.87 1.03 1.81
CA LEU A 38 -11.38 0.89 0.43
C LEU A 38 -12.08 -0.46 0.28
N HIS A 39 -12.92 -0.61 -0.69
CA HIS A 39 -13.63 -1.91 -0.86
C HIS A 39 -12.62 -3.02 -1.09
N ASP A 40 -11.62 -2.77 -1.88
CA ASP A 40 -10.59 -3.82 -2.12
C ASP A 40 -9.33 -3.17 -2.67
N VAL A 41 -8.28 -3.92 -2.85
CA VAL A 41 -7.02 -3.35 -3.39
C VAL A 41 -7.18 -3.05 -4.89
N PRO A 42 -7.13 -1.80 -5.30
CA PRO A 42 -7.27 -1.41 -6.74
C PRO A 42 -6.40 -2.28 -7.67
N LYS A 43 -6.80 -2.39 -8.92
CA LYS A 43 -6.04 -3.24 -9.87
C LYS A 43 -4.81 -2.51 -10.43
N GLY A 44 -4.26 -1.57 -9.69
CA GLY A 44 -3.06 -0.84 -10.19
C GLY A 44 -3.44 0.57 -10.66
N ASP A 45 -4.70 0.90 -10.67
CA ASP A 45 -5.11 2.26 -11.14
C ASP A 45 -5.49 3.14 -9.94
N TRP A 46 -4.63 3.25 -8.96
CA TRP A 46 -4.96 4.10 -7.78
C TRP A 46 -3.71 4.83 -7.28
N ARG A 47 -3.92 5.91 -6.58
CA ARG A 47 -2.77 6.70 -6.05
C ARG A 47 -3.09 7.09 -4.60
N CYS A 48 -2.09 7.37 -3.81
CA CYS A 48 -2.37 7.76 -2.40
C CYS A 48 -2.58 9.28 -2.32
N PRO A 49 -3.06 9.79 -1.21
CA PRO A 49 -3.33 11.26 -1.06
C PRO A 49 -2.06 12.10 -1.20
N LYS A 50 -0.92 11.57 -0.83
CA LYS A 50 0.33 12.36 -0.92
C LYS A 50 0.59 12.79 -2.36
N CYS A 51 0.37 11.93 -3.32
CA CYS A 51 0.61 12.33 -4.73
C CYS A 51 -0.48 13.31 -5.17
N LEU A 52 -1.66 13.16 -4.64
CA LEU A 52 -2.77 14.08 -5.03
C LEU A 52 -2.50 15.49 -4.49
N ALA A 53 -1.88 15.59 -3.34
CA ALA A 53 -1.60 16.93 -2.76
C ALA A 53 -0.71 17.72 -3.71
N GLN A 54 0.07 17.03 -4.51
CA GLN A 54 0.96 17.74 -5.47
C GLN A 54 0.13 18.64 -6.37
N GLU A 55 -1.02 18.15 -6.77
CA GLU A 55 -1.90 18.96 -7.65
C GLU A 55 -3.11 19.45 -6.85
N ALA B 1 -3.62 0.23 -7.81
CA ALA B 1 -2.66 -0.14 -6.72
C ALA B 1 -2.13 -1.54 -6.97
N ARG B 2 -0.99 -1.85 -6.41
CA ARG B 2 -0.41 -3.20 -6.59
C ARG B 2 -0.33 -3.88 -5.23
N THR B 3 -0.71 -5.14 -5.17
CA THR B 3 -0.69 -5.87 -3.87
C THR B 3 0.75 -6.20 -3.45
N LYS B 4 1.06 -6.01 -2.20
CA LYS B 4 2.42 -6.34 -1.71
C LYS B 4 2.30 -7.20 -0.45
N GLN B 5 3.05 -8.28 -0.41
CA GLN B 5 3.02 -9.20 0.76
C GLN B 5 4.35 -9.14 1.51
N THR B 6 4.32 -9.18 2.82
CA THR B 6 5.60 -9.14 3.59
C THR B 6 5.57 -10.20 4.69
N ALA B 7 6.57 -11.04 4.74
CA ALA B 7 6.61 -12.09 5.80
C ALA B 7 7.68 -11.75 6.83
N ARG B 8 7.47 -12.09 8.07
CA ARG B 8 8.48 -11.78 9.11
C ARG B 8 9.83 -12.37 8.71
N LYS B 9 9.82 -13.54 8.12
CA LYS B 9 11.11 -14.16 7.70
C LYS B 9 11.84 -13.23 6.74
N SER B 10 11.12 -12.54 5.89
CA SER B 10 11.79 -11.61 4.94
C SER B 10 11.99 -10.25 5.61
N ALA A 1 14.38 -7.31 -3.97
CA ALA A 1 12.95 -7.76 -4.02
C ALA A 1 12.03 -6.55 -3.96
N VAL A 2 11.04 -6.51 -4.80
CA VAL A 2 10.09 -5.36 -4.80
C VAL A 2 9.22 -5.43 -3.54
N ASP A 3 9.05 -6.59 -2.99
CA ASP A 3 8.21 -6.73 -1.76
C ASP A 3 8.90 -6.01 -0.60
N LEU A 4 10.11 -5.60 -0.80
CA LEU A 4 10.86 -4.91 0.29
C LEU A 4 10.02 -3.78 0.90
N TYR A 5 9.29 -3.05 0.10
CA TYR A 5 8.48 -1.94 0.69
C TYR A 5 7.31 -2.51 1.49
N VAL A 6 7.13 -2.01 2.68
CA VAL A 6 6.01 -2.47 3.54
C VAL A 6 5.16 -1.27 3.94
N CYS A 7 4.00 -1.48 4.48
CA CYS A 7 3.15 -0.32 4.87
C CYS A 7 4.00 0.65 5.68
N LEU A 8 4.27 1.80 5.13
CA LEU A 8 5.11 2.79 5.84
C LEU A 8 4.53 3.06 7.23
N LEU A 9 3.24 3.13 7.34
CA LEU A 9 2.62 3.39 8.66
C LEU A 9 2.86 2.21 9.61
N CYS A 10 2.70 0.99 9.15
CA CYS A 10 2.96 -0.18 10.03
C CYS A 10 4.41 -0.62 9.86
N GLY A 11 4.71 -1.18 8.72
CA GLY A 11 6.09 -1.67 8.47
C GLY A 11 6.06 -3.19 8.41
N SER A 12 4.91 -3.77 8.62
CA SER A 12 4.80 -5.25 8.56
C SER A 12 4.54 -5.66 7.11
N GLY A 13 3.87 -4.81 6.37
CA GLY A 13 3.57 -5.09 4.94
C GLY A 13 3.34 -6.58 4.71
N ASN A 14 2.90 -7.30 5.70
CA ASN A 14 2.65 -8.75 5.49
C ASN A 14 1.24 -8.96 4.96
N ASP A 15 0.36 -8.03 5.18
CA ASP A 15 -1.04 -8.19 4.69
C ASP A 15 -1.03 -8.07 3.16
N GLU A 16 -0.70 -9.13 2.50
CA GLU A 16 -0.66 -9.11 1.01
C GLU A 16 -1.99 -8.62 0.44
N ASP A 17 -3.08 -9.04 1.02
CA ASP A 17 -4.42 -8.64 0.51
C ASP A 17 -4.69 -7.16 0.77
N ARG A 18 -4.16 -6.58 1.82
CA ARG A 18 -4.48 -5.16 2.13
C ARG A 18 -3.33 -4.19 1.81
N LEU A 19 -2.12 -4.64 1.59
CA LEU A 19 -1.06 -3.64 1.31
C LEU A 19 -1.16 -3.17 -0.14
N LEU A 20 -1.42 -1.91 -0.36
CA LEU A 20 -1.49 -1.38 -1.75
C LEU A 20 -0.29 -0.46 -1.97
N LEU A 21 0.43 -0.63 -3.05
CA LEU A 21 1.61 0.24 -3.29
C LEU A 21 1.21 1.40 -4.20
N CYS A 22 1.49 2.61 -3.77
CA CYS A 22 1.14 3.80 -4.62
C CYS A 22 2.27 4.06 -5.60
N ASP A 23 1.97 4.05 -6.86
CA ASP A 23 3.01 4.26 -7.90
C ASP A 23 3.40 5.74 -8.00
N GLY A 24 2.48 6.62 -7.79
CA GLY A 24 2.81 8.08 -7.90
C GLY A 24 3.92 8.45 -6.92
N CYS A 25 3.69 8.25 -5.66
CA CYS A 25 4.73 8.62 -4.66
C CYS A 25 4.76 7.62 -3.49
N ASP A 26 3.73 7.58 -2.68
CA ASP A 26 3.71 6.64 -1.54
C ASP A 26 4.26 5.29 -1.99
N ASP A 27 4.92 4.59 -1.10
CA ASP A 27 5.50 3.29 -1.47
C ASP A 27 4.56 2.15 -1.10
N SER A 28 4.34 1.93 0.16
CA SER A 28 3.45 0.81 0.57
C SER A 28 2.48 1.27 1.65
N TYR A 29 1.24 0.87 1.57
CA TYR A 29 0.26 1.29 2.59
C TYR A 29 -0.86 0.27 2.69
N HIS A 30 -1.60 0.28 3.76
CA HIS A 30 -2.73 -0.66 3.91
C HIS A 30 -4.03 0.08 3.64
N THR A 31 -4.99 -0.58 3.09
CA THR A 31 -6.28 0.10 2.81
C THR A 31 -6.82 0.72 4.12
N PHE A 32 -6.57 0.07 5.23
CA PHE A 32 -7.09 0.61 6.52
C PHE A 32 -6.13 1.66 7.12
N CYS A 33 -4.88 1.62 6.78
CA CYS A 33 -3.92 2.61 7.35
C CYS A 33 -4.01 3.90 6.54
N LEU A 34 -4.84 3.92 5.54
CA LEU A 34 -4.94 5.14 4.69
C LEU A 34 -6.19 5.95 5.05
N ILE A 35 -7.23 5.77 4.30
CA ILE A 35 -8.51 6.48 4.53
C ILE A 35 -9.54 5.38 4.72
N PRO A 36 -10.75 5.67 5.17
CA PRO A 36 -11.78 4.63 5.35
C PRO A 36 -11.47 3.43 4.44
N PRO A 37 -11.12 2.29 5.00
CA PRO A 37 -10.70 1.11 4.21
C PRO A 37 -11.41 0.99 2.85
N LEU A 38 -10.63 0.79 1.82
CA LEU A 38 -11.24 0.63 0.47
C LEU A 38 -11.89 -0.75 0.38
N HIS A 39 -12.75 -0.96 -0.58
CA HIS A 39 -13.40 -2.30 -0.69
C HIS A 39 -12.33 -3.36 -0.94
N ASP A 40 -11.36 -3.04 -1.74
CA ASP A 40 -10.27 -4.03 -2.02
C ASP A 40 -9.07 -3.30 -2.61
N VAL A 41 -7.99 -4.01 -2.83
CA VAL A 41 -6.77 -3.36 -3.40
C VAL A 41 -6.98 -3.09 -4.90
N PRO A 42 -7.00 -1.84 -5.30
CA PRO A 42 -7.20 -1.47 -6.74
C PRO A 42 -6.33 -2.30 -7.70
N LYS A 43 -6.72 -2.40 -8.94
CA LYS A 43 -5.95 -3.22 -9.92
C LYS A 43 -4.73 -2.46 -10.46
N GLY A 44 -4.22 -1.51 -9.73
CA GLY A 44 -3.02 -0.77 -10.21
C GLY A 44 -3.40 0.65 -10.69
N ASP A 45 -4.68 0.96 -10.70
CA ASP A 45 -5.10 2.31 -11.17
C ASP A 45 -5.50 3.20 -9.99
N TRP A 46 -4.68 3.27 -8.97
CA TRP A 46 -5.04 4.11 -7.79
C TRP A 46 -3.81 4.85 -7.27
N ARG A 47 -4.02 5.94 -6.60
CA ARG A 47 -2.89 6.72 -6.04
C ARG A 47 -3.19 7.04 -4.57
N CYS A 48 -2.19 7.37 -3.82
CA CYS A 48 -2.41 7.68 -2.37
C CYS A 48 -2.84 9.15 -2.23
N PRO A 49 -3.21 9.59 -1.05
CA PRO A 49 -3.64 11.01 -0.84
C PRO A 49 -2.51 11.99 -1.15
N LYS A 50 -1.29 11.61 -0.86
CA LYS A 50 -0.15 12.52 -1.14
C LYS A 50 -0.09 12.81 -2.64
N CYS A 51 -0.43 11.84 -3.45
CA CYS A 51 -0.40 12.05 -4.92
C CYS A 51 -1.32 13.22 -5.29
N LEU A 52 -2.47 13.26 -4.70
CA LEU A 52 -3.44 14.36 -4.99
C LEU A 52 -2.94 15.67 -4.37
N ALA A 53 -2.24 15.60 -3.28
CA ALA A 53 -1.75 16.83 -2.62
C ALA A 53 -0.81 17.57 -3.57
N GLN A 54 -0.22 16.87 -4.49
CA GLN A 54 0.70 17.50 -5.46
C GLN A 54 -0.06 18.56 -6.26
N GLU A 55 -1.27 18.27 -6.59
CA GLU A 55 -2.08 19.25 -7.38
C GLU A 55 -2.84 20.16 -6.42
N ALA B 1 -3.60 0.29 -7.83
CA ALA B 1 -2.67 -0.07 -6.73
C ALA B 1 -2.09 -1.46 -6.98
N ARG B 2 -0.94 -1.72 -6.44
CA ARG B 2 -0.31 -3.06 -6.64
C ARG B 2 -0.21 -3.75 -5.28
N THR B 3 -0.53 -5.02 -5.24
CA THR B 3 -0.50 -5.75 -3.94
C THR B 3 0.94 -6.11 -3.56
N LYS B 4 1.30 -5.85 -2.34
CA LYS B 4 2.67 -6.20 -1.86
C LYS B 4 2.54 -7.07 -0.61
N GLN B 5 3.39 -8.04 -0.47
CA GLN B 5 3.31 -8.96 0.70
C GLN B 5 4.66 -9.02 1.41
N THR B 6 4.67 -9.35 2.68
CA THR B 6 5.97 -9.43 3.42
C THR B 6 5.88 -10.54 4.47
N ALA B 7 6.85 -11.41 4.51
CA ALA B 7 6.82 -12.51 5.52
C ALA B 7 6.77 -11.90 6.92
N ARG B 8 6.06 -12.53 7.82
CA ARG B 8 5.95 -12.00 9.21
C ARG B 8 7.35 -11.90 9.82
N LYS B 9 8.21 -12.83 9.52
CA LYS B 9 9.59 -12.79 10.08
C LYS B 9 10.28 -11.50 9.65
N SER B 10 10.00 -11.04 8.45
CA SER B 10 10.65 -9.79 7.96
C SER B 10 9.70 -8.61 8.20
N ALA A 1 14.16 -7.71 -4.17
CA ALA A 1 12.72 -8.08 -4.25
C ALA A 1 11.86 -6.82 -4.09
N VAL A 2 10.87 -6.67 -4.93
CA VAL A 2 9.99 -5.47 -4.84
C VAL A 2 9.13 -5.56 -3.59
N ASP A 3 8.90 -6.75 -3.10
CA ASP A 3 8.06 -6.93 -1.89
C ASP A 3 8.76 -6.28 -0.69
N LEU A 4 9.98 -5.88 -0.86
CA LEU A 4 10.73 -5.26 0.28
C LEU A 4 9.93 -4.11 0.89
N TYR A 5 9.24 -3.33 0.11
CA TYR A 5 8.49 -2.19 0.72
C TYR A 5 7.32 -2.73 1.52
N VAL A 6 7.14 -2.19 2.70
CA VAL A 6 6.02 -2.63 3.56
C VAL A 6 5.18 -1.40 3.93
N CYS A 7 4.00 -1.58 4.46
CA CYS A 7 3.17 -0.40 4.79
C CYS A 7 4.04 0.57 5.59
N LEU A 8 4.32 1.70 5.01
CA LEU A 8 5.17 2.69 5.69
C LEU A 8 4.60 3.02 7.07
N LEU A 9 3.30 3.11 7.18
CA LEU A 9 2.69 3.42 8.50
C LEU A 9 2.94 2.26 9.47
N CYS A 10 2.75 1.04 9.04
CA CYS A 10 3.00 -0.12 9.95
C CYS A 10 4.44 -0.57 9.81
N GLY A 11 4.77 -1.16 8.69
CA GLY A 11 6.15 -1.65 8.47
C GLY A 11 6.11 -3.17 8.43
N SER A 12 4.94 -3.74 8.60
CA SER A 12 4.81 -5.22 8.55
C SER A 12 4.47 -5.63 7.12
N GLY A 13 3.76 -4.79 6.41
CA GLY A 13 3.38 -5.07 4.99
C GLY A 13 3.14 -6.56 4.77
N ASN A 14 2.75 -7.29 5.79
CA ASN A 14 2.51 -8.74 5.58
C ASN A 14 1.09 -8.96 5.07
N ASP A 15 0.20 -8.02 5.29
CA ASP A 15 -1.19 -8.18 4.80
C ASP A 15 -1.18 -8.13 3.28
N GLU A 16 -0.91 -9.24 2.67
CA GLU A 16 -0.83 -9.32 1.18
C GLU A 16 -2.11 -8.76 0.55
N ASP A 17 -3.24 -9.07 1.09
CA ASP A 17 -4.52 -8.61 0.50
C ASP A 17 -4.77 -7.12 0.76
N ARG A 18 -4.21 -6.56 1.82
CA ARG A 18 -4.51 -5.13 2.11
C ARG A 18 -3.33 -4.20 1.78
N LEU A 19 -2.13 -4.66 1.59
CA LEU A 19 -1.05 -3.69 1.29
C LEU A 19 -1.15 -3.23 -0.17
N LEU A 20 -1.42 -1.96 -0.38
CA LEU A 20 -1.50 -1.44 -1.77
C LEU A 20 -0.29 -0.54 -2.02
N LEU A 21 0.39 -0.71 -3.11
CA LEU A 21 1.58 0.14 -3.39
C LEU A 21 1.18 1.33 -4.26
N CYS A 22 1.50 2.52 -3.82
CA CYS A 22 1.16 3.74 -4.61
C CYS A 22 2.26 3.96 -5.64
N ASP A 23 1.90 3.97 -6.89
CA ASP A 23 2.91 4.17 -7.97
C ASP A 23 3.26 5.65 -8.09
N GLY A 24 2.33 6.52 -7.87
CA GLY A 24 2.61 7.97 -7.99
C GLY A 24 3.72 8.39 -7.02
N CYS A 25 3.52 8.19 -5.75
CA CYS A 25 4.57 8.59 -4.77
C CYS A 25 4.65 7.60 -3.61
N ASP A 26 3.63 7.54 -2.78
CA ASP A 26 3.67 6.61 -1.62
C ASP A 26 4.22 5.25 -2.09
N ASP A 27 4.90 4.56 -1.22
CA ASP A 27 5.49 3.26 -1.60
C ASP A 27 4.56 2.12 -1.21
N SER A 28 4.34 1.93 0.06
CA SER A 28 3.47 0.80 0.50
C SER A 28 2.48 1.29 1.56
N TYR A 29 1.24 0.87 1.46
CA TYR A 29 0.23 1.31 2.46
C TYR A 29 -0.86 0.26 2.60
N HIS A 30 -1.58 0.28 3.69
CA HIS A 30 -2.70 -0.69 3.87
C HIS A 30 -4.01 0.05 3.60
N THR A 31 -4.99 -0.64 3.08
CA THR A 31 -6.29 0.04 2.82
C THR A 31 -6.80 0.67 4.11
N PHE A 32 -6.55 0.05 5.24
CA PHE A 32 -7.05 0.61 6.53
C PHE A 32 -6.09 1.67 7.10
N CYS A 33 -4.84 1.64 6.71
CA CYS A 33 -3.89 2.65 7.25
C CYS A 33 -4.00 3.94 6.45
N LEU A 34 -4.82 3.96 5.46
CA LEU A 34 -4.96 5.18 4.62
C LEU A 34 -6.17 6.00 5.06
N ILE A 35 -7.26 5.84 4.37
CA ILE A 35 -8.51 6.57 4.69
C ILE A 35 -9.55 5.48 4.91
N PRO A 36 -10.76 5.79 5.36
CA PRO A 36 -11.80 4.75 5.57
C PRO A 36 -11.49 3.53 4.68
N PRO A 37 -11.14 2.40 5.26
CA PRO A 37 -10.73 1.21 4.49
C PRO A 37 -11.41 1.09 3.13
N LEU A 38 -10.64 0.84 2.12
CA LEU A 38 -11.19 0.70 0.75
C LEU A 38 -11.86 -0.68 0.63
N HIS A 39 -12.74 -0.84 -0.32
CA HIS A 39 -13.43 -2.16 -0.46
C HIS A 39 -12.38 -3.23 -0.78
N ASP A 40 -11.42 -2.91 -1.60
CA ASP A 40 -10.37 -3.91 -1.93
C ASP A 40 -9.15 -3.19 -2.51
N VAL A 41 -8.08 -3.91 -2.73
CA VAL A 41 -6.86 -3.27 -3.30
C VAL A 41 -7.05 -3.05 -4.81
N PRO A 42 -7.07 -1.81 -5.27
CA PRO A 42 -7.25 -1.50 -6.72
C PRO A 42 -6.33 -2.34 -7.61
N LYS A 43 -6.74 -2.59 -8.83
CA LYS A 43 -5.91 -3.42 -9.76
C LYS A 43 -4.74 -2.61 -10.33
N GLY A 44 -4.24 -1.65 -9.61
CA GLY A 44 -3.09 -0.86 -10.13
C GLY A 44 -3.56 0.51 -10.62
N ASP A 45 -4.83 0.80 -10.51
CA ASP A 45 -5.34 2.12 -10.97
C ASP A 45 -5.71 2.98 -9.76
N TRP A 46 -4.73 3.40 -9.00
CA TRP A 46 -5.03 4.23 -7.80
C TRP A 46 -3.74 4.80 -7.24
N ARG A 47 -3.83 5.93 -6.58
CA ARG A 47 -2.62 6.54 -5.98
C ARG A 47 -2.99 7.05 -4.59
N CYS A 48 -2.04 7.11 -3.69
CA CYS A 48 -2.37 7.57 -2.31
C CYS A 48 -2.70 9.08 -2.34
N PRO A 49 -3.25 9.62 -1.27
CA PRO A 49 -3.60 11.08 -1.22
C PRO A 49 -2.39 12.00 -1.33
N LYS A 50 -1.24 11.53 -0.93
CA LYS A 50 -0.02 12.41 -0.99
C LYS A 50 0.26 12.87 -2.41
N CYS A 51 0.05 12.04 -3.39
CA CYS A 51 0.34 12.48 -4.79
C CYS A 51 -0.72 13.48 -5.23
N LEU A 52 -1.94 13.31 -4.79
CA LEU A 52 -3.01 14.27 -5.19
C LEU A 52 -2.76 15.64 -4.55
N ALA A 53 -2.24 15.66 -3.37
CA ALA A 53 -1.97 16.97 -2.70
C ALA A 53 -1.01 17.76 -3.57
N GLN A 54 -0.23 17.09 -4.36
CA GLN A 54 0.74 17.79 -5.24
C GLN A 54 -0.04 18.69 -6.19
N GLU A 55 -1.16 18.23 -6.66
CA GLU A 55 -1.97 19.06 -7.59
C GLU A 55 -2.90 19.97 -6.77
N ALA B 1 -3.68 0.36 -7.80
CA ALA B 1 -2.79 -0.06 -6.68
C ALA B 1 -2.28 -1.47 -6.92
N ARG B 2 -1.12 -1.77 -6.42
CA ARG B 2 -0.54 -3.13 -6.62
C ARG B 2 -0.43 -3.82 -5.26
N THR B 3 -0.78 -5.07 -5.19
CA THR B 3 -0.72 -5.81 -3.90
C THR B 3 0.72 -6.19 -3.54
N LYS B 4 1.09 -6.03 -2.31
CA LYS B 4 2.46 -6.39 -1.86
C LYS B 4 2.36 -7.32 -0.65
N GLN B 5 3.22 -8.29 -0.59
CA GLN B 5 3.19 -9.26 0.55
C GLN B 5 4.53 -9.24 1.29
N THR B 6 4.52 -9.38 2.59
CA THR B 6 5.81 -9.38 3.35
C THR B 6 5.77 -10.48 4.42
N ALA B 7 6.79 -11.29 4.49
CA ALA B 7 6.81 -12.38 5.52
C ALA B 7 6.74 -11.76 6.92
N ARG B 8 6.11 -12.45 7.84
CA ARG B 8 6.01 -11.89 9.22
C ARG B 8 7.41 -11.64 9.78
N LYS B 9 8.35 -12.49 9.45
CA LYS B 9 9.74 -12.28 9.96
C LYS B 9 10.26 -10.92 9.50
N SER B 10 9.88 -10.49 8.33
CA SER B 10 10.34 -9.16 7.83
C SER B 10 9.46 -8.07 8.41
N ALA A 1 14.67 -6.13 -1.61
CA ALA A 1 13.56 -6.99 -2.09
C ALA A 1 12.29 -6.15 -2.26
N VAL A 2 11.60 -6.32 -3.35
CA VAL A 2 10.36 -5.54 -3.58
C VAL A 2 9.32 -5.92 -2.53
N ASP A 3 9.26 -7.17 -2.16
CA ASP A 3 8.26 -7.61 -1.14
C ASP A 3 8.54 -6.90 0.19
N LEU A 4 9.78 -6.56 0.44
CA LEU A 4 10.13 -5.88 1.70
C LEU A 4 9.21 -4.68 1.94
N TYR A 5 8.62 -4.16 0.90
CA TYR A 5 7.74 -2.98 1.10
C TYR A 5 6.62 -3.31 2.08
N VAL A 6 6.54 -2.57 3.15
CA VAL A 6 5.47 -2.81 4.15
C VAL A 6 4.70 -1.51 4.40
N CYS A 7 3.49 -1.61 4.89
CA CYS A 7 2.70 -0.39 5.16
C CYS A 7 3.55 0.57 5.98
N LEU A 8 3.90 1.68 5.39
CA LEU A 8 4.76 2.66 6.11
C LEU A 8 4.14 3.02 7.47
N LEU A 9 2.85 3.14 7.53
CA LEU A 9 2.20 3.49 8.83
C LEU A 9 2.39 2.33 9.81
N CYS A 10 2.20 1.11 9.38
CA CYS A 10 2.40 -0.04 10.31
C CYS A 10 3.84 -0.52 10.19
N GLY A 11 4.16 -1.11 9.08
CA GLY A 11 5.53 -1.64 8.87
C GLY A 11 5.45 -3.17 8.87
N SER A 12 4.28 -3.70 9.07
CA SER A 12 4.11 -5.17 9.06
C SER A 12 3.68 -5.61 7.67
N GLY A 13 2.97 -4.73 6.98
CA GLY A 13 2.49 -5.01 5.59
C GLY A 13 2.35 -6.52 5.33
N ASN A 14 1.89 -7.26 6.28
CA ASN A 14 1.73 -8.72 6.05
C ASN A 14 0.36 -8.97 5.43
N ASP A 15 -0.54 -8.03 5.60
CA ASP A 15 -1.90 -8.18 5.00
C ASP A 15 -1.80 -8.08 3.48
N GLU A 16 -1.46 -9.15 2.83
CA GLU A 16 -1.34 -9.14 1.35
C GLU A 16 -2.61 -8.59 0.72
N ASP A 17 -3.74 -8.93 1.25
CA ASP A 17 -5.02 -8.46 0.67
C ASP A 17 -5.22 -6.96 0.91
N ARG A 18 -4.66 -6.40 1.96
CA ARG A 18 -4.90 -4.96 2.24
C ARG A 18 -3.66 -4.10 1.94
N LEU A 19 -2.49 -4.66 1.82
CA LEU A 19 -1.30 -3.80 1.55
C LEU A 19 -1.35 -3.31 0.10
N LEU A 20 -1.59 -2.04 -0.11
CA LEU A 20 -1.62 -1.50 -1.49
C LEU A 20 -0.38 -0.62 -1.71
N LEU A 21 0.30 -0.82 -2.80
CA LEU A 21 1.52 -0.01 -3.07
C LEU A 21 1.19 1.15 -4.01
N CYS A 22 1.50 2.37 -3.61
CA CYS A 22 1.22 3.53 -4.50
C CYS A 22 2.40 3.72 -5.44
N ASP A 23 2.13 3.69 -6.72
CA ASP A 23 3.23 3.83 -7.72
C ASP A 23 3.67 5.29 -7.85
N GLY A 24 2.76 6.21 -7.73
CA GLY A 24 3.13 7.64 -7.89
C GLY A 24 4.21 8.02 -6.87
N CYS A 25 3.93 7.89 -5.61
CA CYS A 25 4.94 8.27 -4.58
C CYS A 25 4.88 7.31 -3.38
N ASP A 26 3.82 7.33 -2.61
CA ASP A 26 3.74 6.44 -1.42
C ASP A 26 4.26 5.06 -1.79
N ASP A 27 4.87 4.39 -0.86
CA ASP A 27 5.44 3.05 -1.14
C ASP A 27 4.45 1.95 -0.78
N SER A 28 4.16 1.79 0.48
CA SER A 28 3.22 0.69 0.87
C SER A 28 2.23 1.20 1.93
N TYR A 29 0.99 0.83 1.81
CA TYR A 29 -0.02 1.29 2.80
C TYR A 29 -1.16 0.27 2.88
N HIS A 30 -1.96 0.36 3.91
CA HIS A 30 -3.11 -0.57 4.04
C HIS A 30 -4.38 0.20 3.70
N THR A 31 -5.36 -0.46 3.15
CA THR A 31 -6.62 0.25 2.82
C THR A 31 -7.17 0.93 4.08
N PHE A 32 -7.00 0.32 5.23
CA PHE A 32 -7.53 0.92 6.48
C PHE A 32 -6.56 1.95 7.07
N CYS A 33 -5.31 1.88 6.75
CA CYS A 33 -4.34 2.86 7.31
C CYS A 33 -4.36 4.14 6.48
N LEU A 34 -5.15 4.17 5.45
CA LEU A 34 -5.20 5.38 4.59
C LEU A 34 -6.40 6.26 4.94
N ILE A 35 -7.44 6.13 4.18
CA ILE A 35 -8.69 6.90 4.42
C ILE A 35 -9.79 5.86 4.58
N PRO A 36 -11.02 6.21 4.92
CA PRO A 36 -12.10 5.23 5.08
C PRO A 36 -11.78 3.98 4.22
N PRO A 37 -11.51 2.86 4.85
CA PRO A 37 -11.09 1.64 4.12
C PRO A 37 -11.69 1.52 2.72
N LEU A 38 -10.85 1.22 1.77
CA LEU A 38 -11.31 1.08 0.36
C LEU A 38 -12.04 -0.26 0.23
N HIS A 39 -12.86 -0.40 -0.79
CA HIS A 39 -13.59 -1.69 -0.95
C HIS A 39 -12.59 -2.82 -1.15
N ASP A 40 -11.59 -2.60 -1.94
CA ASP A 40 -10.57 -3.65 -2.16
C ASP A 40 -9.30 -3.03 -2.71
N VAL A 41 -8.25 -3.80 -2.84
CA VAL A 41 -6.98 -3.25 -3.38
C VAL A 41 -7.10 -3.04 -4.90
N PRO A 42 -7.05 -1.81 -5.38
CA PRO A 42 -7.15 -1.53 -6.85
C PRO A 42 -6.26 -2.44 -7.69
N LYS A 43 -6.64 -2.67 -8.92
CA LYS A 43 -5.84 -3.57 -9.80
C LYS A 43 -4.59 -2.87 -10.33
N GLY A 44 -4.04 -1.94 -9.60
CA GLY A 44 -2.81 -1.24 -10.08
C GLY A 44 -3.16 0.14 -10.65
N ASP A 45 -4.42 0.49 -10.67
CA ASP A 45 -4.81 1.83 -11.22
C ASP A 45 -5.28 2.72 -10.08
N TRP A 46 -4.39 3.11 -9.21
CA TRP A 46 -4.79 3.99 -8.08
C TRP A 46 -3.57 4.70 -7.50
N ARG A 47 -3.79 5.77 -6.80
CA ARG A 47 -2.66 6.51 -6.19
C ARG A 47 -3.02 6.90 -4.76
N CYS A 48 -2.04 7.21 -3.95
CA CYS A 48 -2.32 7.60 -2.54
C CYS A 48 -2.72 9.08 -2.49
N PRO A 49 -3.12 9.59 -1.35
CA PRO A 49 -3.53 11.02 -1.23
C PRO A 49 -2.37 11.97 -1.52
N LYS A 50 -1.18 11.59 -1.16
CA LYS A 50 0.00 12.45 -1.42
C LYS A 50 0.12 12.68 -2.93
N CYS A 51 -0.18 11.68 -3.71
CA CYS A 51 -0.09 11.83 -5.19
C CYS A 51 -0.98 12.98 -5.65
N LEU A 52 -2.18 13.04 -5.14
CA LEU A 52 -3.11 14.13 -5.53
C LEU A 52 -2.65 15.47 -4.94
N ALA A 53 -2.00 15.43 -3.82
CA ALA A 53 -1.54 16.69 -3.18
C ALA A 53 -0.55 17.40 -4.12
N GLN A 54 0.07 16.64 -4.97
CA GLN A 54 1.05 17.24 -5.92
C GLN A 54 0.32 18.26 -6.81
N GLU A 55 -0.89 17.95 -7.17
CA GLU A 55 -1.67 18.88 -8.03
C GLU A 55 -1.86 20.22 -7.31
N ALA B 1 -3.41 0.08 -7.79
CA ALA B 1 -2.59 -0.31 -6.61
C ALA B 1 -2.08 -1.73 -6.80
N ARG B 2 -0.93 -2.03 -6.25
CA ARG B 2 -0.36 -3.39 -6.39
C ARG B 2 -0.34 -4.06 -5.01
N THR B 3 -0.75 -5.30 -4.93
CA THR B 3 -0.79 -6.00 -3.63
C THR B 3 0.61 -6.38 -3.18
N LYS B 4 0.91 -6.22 -1.93
CA LYS B 4 2.25 -6.60 -1.41
C LYS B 4 2.07 -7.46 -0.15
N GLN B 5 2.83 -8.53 -0.06
CA GLN B 5 2.72 -9.43 1.12
C GLN B 5 4.02 -9.36 1.93
N THR B 6 3.93 -9.41 3.23
CA THR B 6 5.17 -9.36 4.05
C THR B 6 5.11 -10.38 5.19
N ALA B 7 6.13 -11.17 5.34
CA ALA B 7 6.13 -12.19 6.43
C ALA B 7 7.37 -13.07 6.29
N ARG B 8 7.90 -13.18 5.09
CA ARG B 8 9.11 -14.03 4.88
C ARG B 8 10.22 -13.57 5.83
N LYS B 9 10.35 -12.28 6.03
CA LYS B 9 11.42 -11.77 6.92
C LYS B 9 10.98 -11.93 8.38
N SER B 10 11.85 -12.42 9.22
CA SER B 10 11.47 -12.59 10.66
C SER B 10 10.73 -11.36 11.15
N ALA A 1 14.00 -6.07 -3.54
CA ALA A 1 12.89 -7.07 -3.66
C ALA A 1 11.55 -6.36 -3.53
N VAL A 2 10.63 -6.68 -4.39
CA VAL A 2 9.29 -6.02 -4.32
C VAL A 2 8.58 -6.46 -3.03
N ASP A 3 8.79 -7.66 -2.59
CA ASP A 3 8.13 -8.13 -1.34
C ASP A 3 8.59 -7.25 -0.18
N LEU A 4 9.80 -6.78 -0.24
CA LEU A 4 10.32 -5.92 0.85
C LEU A 4 9.38 -4.74 1.10
N TYR A 5 8.70 -4.28 0.09
CA TYR A 5 7.79 -3.12 0.29
C TYR A 5 6.73 -3.48 1.34
N VAL A 6 6.69 -2.73 2.41
CA VAL A 6 5.69 -3.00 3.48
C VAL A 6 4.89 -1.73 3.79
N CYS A 7 3.72 -1.87 4.35
CA CYS A 7 2.91 -0.68 4.69
C CYS A 7 3.79 0.30 5.45
N LEU A 8 4.02 1.44 4.88
CA LEU A 8 4.91 2.44 5.53
C LEU A 8 4.44 2.70 6.96
N LEU A 9 3.15 2.76 7.17
CA LEU A 9 2.65 3.03 8.55
C LEU A 9 2.89 1.81 9.47
N CYS A 10 2.66 0.61 9.00
CA CYS A 10 2.90 -0.58 9.87
C CYS A 10 4.31 -1.11 9.65
N GLY A 11 4.54 -1.71 8.52
CA GLY A 11 5.87 -2.28 8.22
C GLY A 11 5.76 -3.81 8.22
N SER A 12 4.57 -4.32 8.38
CA SER A 12 4.37 -5.80 8.38
C SER A 12 4.21 -6.28 6.94
N GLY A 13 3.64 -5.47 6.10
CA GLY A 13 3.47 -5.84 4.67
C GLY A 13 3.04 -7.30 4.52
N ASN A 14 2.52 -7.92 5.56
CA ASN A 14 2.11 -9.33 5.43
C ASN A 14 0.67 -9.41 4.91
N ASP A 15 -0.12 -8.39 5.10
CA ASP A 15 -1.52 -8.42 4.61
C ASP A 15 -1.54 -8.24 3.09
N GLU A 16 -1.34 -9.30 2.37
CA GLU A 16 -1.31 -9.22 0.88
C GLU A 16 -2.57 -8.57 0.29
N ASP A 17 -3.72 -8.98 0.76
CA ASP A 17 -4.98 -8.42 0.18
C ASP A 17 -5.16 -6.96 0.54
N ARG A 18 -4.54 -6.48 1.58
CA ARG A 18 -4.73 -5.06 1.98
C ARG A 18 -3.52 -4.19 1.66
N LEU A 19 -2.36 -4.76 1.46
CA LEU A 19 -1.18 -3.89 1.19
C LEU A 19 -1.28 -3.33 -0.23
N LEU A 20 -1.48 -2.04 -0.36
CA LEU A 20 -1.56 -1.42 -1.72
C LEU A 20 -0.34 -0.53 -1.94
N LEU A 21 0.31 -0.66 -3.06
CA LEU A 21 1.52 0.18 -3.34
C LEU A 21 1.15 1.35 -4.24
N CYS A 22 1.45 2.56 -3.81
CA CYS A 22 1.14 3.74 -4.67
C CYS A 22 2.31 3.98 -5.61
N ASP A 23 2.02 3.98 -6.88
CA ASP A 23 3.10 4.18 -7.90
C ASP A 23 3.52 5.64 -7.99
N GLY A 24 2.60 6.54 -7.81
CA GLY A 24 2.94 7.98 -7.92
C GLY A 24 4.04 8.34 -6.93
N CYS A 25 3.80 8.15 -5.66
CA CYS A 25 4.83 8.50 -4.65
C CYS A 25 4.83 7.50 -3.48
N ASP A 26 3.79 7.48 -2.69
CA ASP A 26 3.73 6.55 -1.53
C ASP A 26 4.28 5.18 -1.96
N ASP A 27 4.91 4.49 -1.06
CA ASP A 27 5.49 3.17 -1.40
C ASP A 27 4.49 2.06 -1.07
N SER A 28 4.23 1.84 0.18
CA SER A 28 3.28 0.75 0.55
C SER A 28 2.36 1.18 1.68
N TYR A 29 1.11 0.81 1.60
CA TYR A 29 0.15 1.19 2.66
C TYR A 29 -0.98 0.17 2.73
N HIS A 30 -1.73 0.18 3.79
CA HIS A 30 -2.87 -0.76 3.90
C HIS A 30 -4.15 0.01 3.64
N THR A 31 -5.14 -0.63 3.10
CA THR A 31 -6.42 0.09 2.83
C THR A 31 -6.92 0.72 4.14
N PHE A 32 -6.71 0.06 5.25
CA PHE A 32 -7.21 0.61 6.55
C PHE A 32 -6.22 1.61 7.15
N CYS A 33 -4.97 1.54 6.78
CA CYS A 33 -3.99 2.50 7.35
C CYS A 33 -4.03 3.82 6.59
N LEU A 34 -4.85 3.91 5.58
CA LEU A 34 -4.92 5.15 4.78
C LEU A 34 -6.12 6.00 5.21
N ILE A 35 -7.17 5.91 4.48
CA ILE A 35 -8.41 6.67 4.78
C ILE A 35 -9.51 5.63 4.93
N PRO A 36 -10.73 5.97 5.33
CA PRO A 36 -11.80 4.97 5.48
C PRO A 36 -11.51 3.76 4.57
N PRO A 37 -11.23 2.61 5.13
CA PRO A 37 -10.83 1.42 4.33
C PRO A 37 -11.46 1.37 2.95
N LEU A 38 -10.65 1.12 1.96
CA LEU A 38 -11.16 1.04 0.57
C LEU A 38 -11.92 -0.28 0.40
N HIS A 39 -12.76 -0.38 -0.58
CA HIS A 39 -13.53 -1.64 -0.78
C HIS A 39 -12.57 -2.78 -1.05
N ASP A 40 -11.55 -2.54 -1.83
CA ASP A 40 -10.57 -3.61 -2.12
C ASP A 40 -9.29 -2.97 -2.67
N VAL A 41 -8.27 -3.76 -2.89
CA VAL A 41 -7.00 -3.22 -3.43
C VAL A 41 -7.15 -2.96 -4.94
N PRO A 42 -7.09 -1.73 -5.39
CA PRO A 42 -7.21 -1.40 -6.84
C PRO A 42 -6.32 -2.29 -7.73
N LYS A 43 -6.72 -2.49 -8.95
CA LYS A 43 -5.94 -3.38 -9.88
C LYS A 43 -4.73 -2.64 -10.45
N GLY A 44 -4.17 -1.70 -9.73
CA GLY A 44 -2.98 -0.97 -10.25
C GLY A 44 -3.36 0.42 -10.77
N ASP A 45 -4.62 0.77 -10.69
CA ASP A 45 -5.04 2.12 -11.18
C ASP A 45 -5.50 2.97 -9.98
N TRP A 46 -4.58 3.36 -9.14
CA TRP A 46 -4.96 4.19 -7.96
C TRP A 46 -3.74 4.92 -7.42
N ARG A 47 -3.96 5.97 -6.69
CA ARG A 47 -2.82 6.76 -6.12
C ARG A 47 -3.13 7.06 -4.66
N CYS A 48 -2.13 7.38 -3.88
CA CYS A 48 -2.36 7.68 -2.44
C CYS A 48 -2.76 9.15 -2.29
N PRO A 49 -3.11 9.60 -1.10
CA PRO A 49 -3.51 11.03 -0.89
C PRO A 49 -2.36 11.99 -1.18
N LYS A 50 -1.16 11.59 -0.89
CA LYS A 50 0.01 12.46 -1.16
C LYS A 50 0.09 12.76 -2.66
N CYS A 51 -0.26 11.80 -3.48
CA CYS A 51 -0.21 12.01 -4.95
C CYS A 51 -1.09 13.21 -5.31
N LEU A 52 -2.24 13.31 -4.71
CA LEU A 52 -3.14 14.46 -5.01
C LEU A 52 -2.58 15.74 -4.39
N ALA A 53 -1.94 15.64 -3.26
CA ALA A 53 -1.38 16.84 -2.59
C ALA A 53 -0.36 17.51 -3.52
N GLN A 54 0.22 16.75 -4.42
CA GLN A 54 1.22 17.34 -5.35
C GLN A 54 0.58 18.50 -6.09
N GLU A 55 -0.66 18.34 -6.46
CA GLU A 55 -1.36 19.43 -7.20
C GLU A 55 -1.19 20.75 -6.45
N ALA B 1 -3.54 0.28 -7.93
CA ALA B 1 -2.65 -0.09 -6.79
C ALA B 1 -2.13 -1.50 -7.01
N ARG B 2 -0.97 -1.80 -6.48
CA ARG B 2 -0.41 -3.16 -6.65
C ARG B 2 -0.37 -3.85 -5.29
N THR B 3 -0.80 -5.09 -5.23
CA THR B 3 -0.84 -5.81 -3.93
C THR B 3 0.56 -6.34 -3.57
N LYS B 4 0.94 -6.23 -2.33
CA LYS B 4 2.28 -6.74 -1.91
C LYS B 4 2.09 -7.61 -0.66
N GLN B 5 2.84 -8.67 -0.56
CA GLN B 5 2.72 -9.58 0.61
C GLN B 5 4.08 -9.71 1.30
N THR B 6 4.08 -9.97 2.58
CA THR B 6 5.39 -10.13 3.29
C THR B 6 5.29 -11.28 4.30
N ALA B 7 6.21 -12.20 4.24
CA ALA B 7 6.17 -13.36 5.19
C ALA B 7 6.63 -12.90 6.57
N ARG B 8 6.94 -11.63 6.72
CA ARG B 8 7.39 -11.12 8.05
C ARG B 8 8.62 -11.92 8.51
N LYS B 9 9.75 -11.27 8.60
CA LYS B 9 10.99 -11.99 9.04
C LYS B 9 11.67 -11.19 10.15
N SER B 10 12.04 -11.84 11.21
CA SER B 10 12.70 -11.10 12.33
C SER B 10 14.18 -10.87 11.97
N ALA A 1 15.27 -6.96 -3.72
CA ALA A 1 13.91 -6.99 -4.34
C ALA A 1 13.20 -5.67 -4.09
N VAL A 2 12.60 -5.11 -5.10
CA VAL A 2 11.88 -3.82 -4.93
C VAL A 2 10.63 -4.04 -4.07
N ASP A 3 10.07 -5.21 -4.10
CA ASP A 3 8.86 -5.48 -3.28
C ASP A 3 9.19 -5.28 -1.81
N LEU A 4 10.44 -5.08 -1.52
CA LEU A 4 10.88 -4.89 -0.11
C LEU A 4 10.02 -3.81 0.59
N TYR A 5 9.56 -2.81 -0.11
CA TYR A 5 8.76 -1.76 0.60
C TYR A 5 7.51 -2.37 1.24
N VAL A 6 7.24 -1.99 2.45
CA VAL A 6 6.07 -2.52 3.20
C VAL A 6 5.22 -1.33 3.66
N CYS A 7 4.07 -1.58 4.23
CA CYS A 7 3.23 -0.43 4.68
C CYS A 7 4.11 0.52 5.47
N LEU A 8 4.35 1.68 4.94
CA LEU A 8 5.22 2.66 5.64
C LEU A 8 4.68 2.90 7.04
N LEU A 9 3.38 2.97 7.18
CA LEU A 9 2.79 3.21 8.53
C LEU A 9 3.05 2.00 9.45
N CYS A 10 2.87 0.80 8.97
CA CYS A 10 3.15 -0.40 9.84
C CYS A 10 4.57 -0.88 9.61
N GLY A 11 4.81 -1.46 8.47
CA GLY A 11 6.15 -2.00 8.16
C GLY A 11 6.08 -3.52 8.13
N SER A 12 4.92 -4.06 8.42
CA SER A 12 4.76 -5.54 8.40
C SER A 12 4.43 -5.97 6.96
N GLY A 13 3.79 -5.10 6.24
CA GLY A 13 3.42 -5.39 4.82
C GLY A 13 3.12 -6.87 4.62
N ASN A 14 2.64 -7.56 5.62
CA ASN A 14 2.33 -8.99 5.44
C ASN A 14 0.91 -9.17 4.90
N ASP A 15 0.06 -8.21 5.12
CA ASP A 15 -1.34 -8.32 4.63
C ASP A 15 -1.35 -8.13 3.11
N GLU A 16 -1.11 -9.18 2.37
CA GLU A 16 -1.08 -9.09 0.89
C GLU A 16 -2.37 -8.50 0.32
N ASP A 17 -3.49 -8.93 0.79
CA ASP A 17 -4.77 -8.41 0.24
C ASP A 17 -4.99 -6.95 0.61
N ARG A 18 -4.35 -6.48 1.64
CA ARG A 18 -4.57 -5.07 2.07
C ARG A 18 -3.39 -4.16 1.73
N LEU A 19 -2.20 -4.68 1.57
CA LEU A 19 -1.07 -3.75 1.28
C LEU A 19 -1.15 -3.29 -0.18
N LEU A 20 -1.45 -2.03 -0.39
CA LEU A 20 -1.54 -1.51 -1.79
C LEU A 20 -0.35 -0.59 -2.05
N LEU A 21 0.31 -0.75 -3.15
CA LEU A 21 1.48 0.12 -3.45
C LEU A 21 1.04 1.29 -4.35
N CYS A 22 1.36 2.50 -3.95
CA CYS A 22 0.99 3.68 -4.78
C CYS A 22 2.12 3.92 -5.78
N ASP A 23 1.78 3.90 -7.04
CA ASP A 23 2.81 4.10 -8.10
C ASP A 23 3.23 5.57 -8.19
N GLY A 24 2.32 6.48 -7.98
CA GLY A 24 2.68 7.91 -8.10
C GLY A 24 3.81 8.27 -7.13
N CYS A 25 3.61 8.08 -5.86
CA CYS A 25 4.67 8.43 -4.88
C CYS A 25 4.71 7.43 -3.72
N ASP A 26 3.69 7.40 -2.89
CA ASP A 26 3.69 6.45 -1.74
C ASP A 26 4.21 5.10 -2.19
N ASP A 27 4.87 4.40 -1.32
CA ASP A 27 5.44 3.09 -1.69
C ASP A 27 4.49 1.97 -1.31
N SER A 28 4.26 1.75 -0.04
CA SER A 28 3.34 0.66 0.37
C SER A 28 2.44 1.14 1.50
N TYR A 29 1.20 0.76 1.46
CA TYR A 29 0.26 1.19 2.52
C TYR A 29 -0.87 0.17 2.64
N HIS A 30 -1.56 0.17 3.74
CA HIS A 30 -2.69 -0.78 3.90
C HIS A 30 -3.99 -0.04 3.65
N THR A 31 -4.97 -0.69 3.12
CA THR A 31 -6.26 0.00 2.87
C THR A 31 -6.76 0.64 4.17
N PHE A 32 -6.52 0.00 5.28
CA PHE A 32 -7.00 0.55 6.58
C PHE A 32 -6.02 1.58 7.15
N CYS A 33 -4.77 1.52 6.78
CA CYS A 33 -3.79 2.51 7.32
C CYS A 33 -3.88 3.80 6.52
N LEU A 34 -4.72 3.84 5.54
CA LEU A 34 -4.84 5.05 4.69
C LEU A 34 -6.06 5.88 5.10
N ILE A 35 -7.12 5.72 4.36
CA ILE A 35 -8.39 6.45 4.64
C ILE A 35 -9.45 5.37 4.81
N PRO A 36 -10.67 5.69 5.21
CA PRO A 36 -11.72 4.67 5.37
C PRO A 36 -11.41 3.45 4.49
N PRO A 37 -11.09 2.31 5.08
CA PRO A 37 -10.67 1.12 4.30
C PRO A 37 -11.37 0.98 2.96
N LEU A 38 -10.63 0.75 1.92
CA LEU A 38 -11.23 0.57 0.58
C LEU A 38 -11.86 -0.82 0.49
N HIS A 39 -12.74 -1.05 -0.44
CA HIS A 39 -13.37 -2.38 -0.54
C HIS A 39 -12.29 -3.43 -0.82
N ASP A 40 -11.37 -3.10 -1.66
CA ASP A 40 -10.28 -4.08 -1.98
C ASP A 40 -9.10 -3.34 -2.60
N VAL A 41 -8.02 -4.05 -2.84
CA VAL A 41 -6.82 -3.40 -3.45
C VAL A 41 -7.08 -3.12 -4.94
N PRO A 42 -7.11 -1.87 -5.35
CA PRO A 42 -7.34 -1.51 -6.79
C PRO A 42 -6.47 -2.33 -7.75
N LYS A 43 -6.88 -2.43 -8.99
CA LYS A 43 -6.12 -3.22 -9.99
C LYS A 43 -4.90 -2.45 -10.52
N GLY A 44 -4.40 -1.50 -9.78
CA GLY A 44 -3.22 -0.73 -10.27
C GLY A 44 -3.63 0.68 -10.73
N ASP A 45 -4.90 0.93 -10.82
CA ASP A 45 -5.35 2.29 -11.29
C ASP A 45 -5.73 3.16 -10.09
N TRP A 46 -4.88 3.28 -9.11
CA TRP A 46 -5.21 4.12 -7.93
C TRP A 46 -3.96 4.81 -7.39
N ARG A 47 -4.14 5.89 -6.69
CA ARG A 47 -2.97 6.62 -6.12
C ARG A 47 -3.26 6.94 -4.65
N CYS A 48 -2.24 7.23 -3.90
CA CYS A 48 -2.44 7.55 -2.46
C CYS A 48 -2.85 9.03 -2.32
N PRO A 49 -3.19 9.49 -1.13
CA PRO A 49 -3.60 10.91 -0.93
C PRO A 49 -2.45 11.88 -1.24
N LYS A 50 -1.24 11.48 -0.96
CA LYS A 50 -0.08 12.37 -1.23
C LYS A 50 -0.04 12.67 -2.73
N CYS A 51 -0.40 11.72 -3.55
CA CYS A 51 -0.38 11.95 -5.02
C CYS A 51 -1.28 13.14 -5.35
N LEU A 52 -2.42 13.21 -4.74
CA LEU A 52 -3.36 14.33 -5.00
C LEU A 52 -2.83 15.61 -4.38
N ALA A 53 -2.11 15.50 -3.30
CA ALA A 53 -1.57 16.72 -2.62
C ALA A 53 -0.62 17.45 -3.57
N GLN A 54 -0.08 16.73 -4.51
CA GLN A 54 0.86 17.37 -5.47
C GLN A 54 0.13 18.47 -6.23
N GLU A 55 -1.10 18.23 -6.55
CA GLU A 55 -1.89 19.25 -7.29
C GLU A 55 -1.05 19.85 -8.41
N ALA B 1 -3.72 0.25 -7.78
CA ALA B 1 -2.82 -0.16 -6.67
C ALA B 1 -2.33 -1.58 -6.91
N ARG B 2 -1.19 -1.91 -6.37
CA ARG B 2 -0.63 -3.26 -6.55
C ARG B 2 -0.51 -3.95 -5.19
N THR B 3 -0.92 -5.18 -5.10
CA THR B 3 -0.86 -5.90 -3.79
C THR B 3 0.58 -6.28 -3.45
N LYS B 4 0.94 -6.16 -2.20
CA LYS B 4 2.32 -6.54 -1.76
C LYS B 4 2.22 -7.46 -0.55
N GLN B 5 2.96 -8.55 -0.57
CA GLN B 5 2.92 -9.50 0.58
C GLN B 5 4.29 -9.56 1.23
N THR B 6 4.35 -9.65 2.54
CA THR B 6 5.67 -9.73 3.23
C THR B 6 5.61 -10.78 4.33
N ALA B 7 6.60 -11.63 4.40
CA ALA B 7 6.60 -12.69 5.45
C ALA B 7 7.47 -12.23 6.64
N ARG B 8 7.06 -12.58 7.83
CA ARG B 8 7.85 -12.16 9.03
C ARG B 8 8.24 -13.41 9.83
N LYS B 9 9.33 -13.36 10.54
CA LYS B 9 9.76 -14.54 11.33
C LYS B 9 9.07 -14.52 12.70
N SER B 10 8.72 -15.66 13.22
CA SER B 10 8.05 -15.71 14.55
C SER B 10 6.71 -14.98 14.46
N ALA A 1 13.68 -8.00 -4.18
CA ALA A 1 12.23 -8.25 -4.37
C ALA A 1 11.45 -6.95 -4.23
N VAL A 2 10.55 -6.68 -5.14
CA VAL A 2 9.76 -5.42 -5.06
C VAL A 2 8.84 -5.47 -3.84
N ASP A 3 8.35 -6.62 -3.50
CA ASP A 3 7.44 -6.73 -2.32
C ASP A 3 8.20 -6.28 -1.06
N LEU A 4 9.47 -6.06 -1.19
CA LEU A 4 10.28 -5.64 0.00
C LEU A 4 9.61 -4.45 0.71
N TYR A 5 9.06 -3.51 -0.02
CA TYR A 5 8.42 -2.36 0.67
C TYR A 5 7.22 -2.84 1.48
N VAL A 6 7.06 -2.32 2.65
CA VAL A 6 5.92 -2.73 3.52
C VAL A 6 5.10 -1.50 3.91
N CYS A 7 3.92 -1.69 4.44
CA CYS A 7 3.07 -0.53 4.83
C CYS A 7 3.92 0.45 5.63
N LEU A 8 4.14 1.60 5.07
CA LEU A 8 4.96 2.62 5.78
C LEU A 8 4.40 2.86 7.19
N LEU A 9 3.11 2.93 7.31
CA LEU A 9 2.50 3.17 8.65
C LEU A 9 2.77 1.97 9.58
N CYS A 10 2.60 0.77 9.10
CA CYS A 10 2.87 -0.42 9.98
C CYS A 10 4.32 -0.85 9.80
N GLY A 11 4.62 -1.39 8.66
CA GLY A 11 6.00 -1.88 8.39
C GLY A 11 5.97 -3.40 8.37
N SER A 12 4.82 -3.99 8.60
CA SER A 12 4.72 -5.46 8.56
C SER A 12 4.42 -5.90 7.13
N GLY A 13 3.72 -5.07 6.39
CA GLY A 13 3.38 -5.40 4.98
C GLY A 13 3.12 -6.90 4.82
N ASN A 14 2.57 -7.51 5.84
CA ASN A 14 2.29 -8.96 5.75
C ASN A 14 0.91 -9.18 5.12
N ASP A 15 0.05 -8.19 5.19
CA ASP A 15 -1.31 -8.35 4.60
C ASP A 15 -1.21 -8.29 3.08
N GLU A 16 -0.90 -9.40 2.46
CA GLU A 16 -0.77 -9.43 0.98
C GLU A 16 -2.04 -8.88 0.31
N ASP A 17 -3.19 -9.19 0.84
CA ASP A 17 -4.45 -8.72 0.22
C ASP A 17 -4.72 -7.24 0.50
N ARG A 18 -4.21 -6.70 1.57
CA ARG A 18 -4.53 -5.27 1.88
C ARG A 18 -3.35 -4.31 1.62
N LEU A 19 -2.14 -4.77 1.43
CA LEU A 19 -1.08 -3.76 1.20
C LEU A 19 -1.14 -3.24 -0.24
N LEU A 20 -1.42 -1.97 -0.42
CA LEU A 20 -1.46 -1.40 -1.80
C LEU A 20 -0.24 -0.48 -1.98
N LEU A 21 0.47 -0.61 -3.06
CA LEU A 21 1.67 0.27 -3.25
C LEU A 21 1.29 1.45 -4.15
N CYS A 22 1.58 2.65 -3.69
CA CYS A 22 1.24 3.84 -4.51
C CYS A 22 2.41 4.16 -5.44
N ASP A 23 2.15 4.20 -6.71
CA ASP A 23 3.22 4.48 -7.70
C ASP A 23 3.60 5.96 -7.69
N GLY A 24 2.66 6.84 -7.45
CA GLY A 24 2.98 8.29 -7.46
C GLY A 24 4.07 8.61 -6.45
N CYS A 25 3.82 8.38 -5.19
CA CYS A 25 4.85 8.69 -4.15
C CYS A 25 4.85 7.62 -3.07
N ASP A 26 3.80 7.56 -2.29
CA ASP A 26 3.75 6.54 -1.21
C ASP A 26 4.30 5.23 -1.72
N ASP A 27 4.96 4.49 -0.87
CA ASP A 27 5.54 3.20 -1.32
C ASP A 27 4.59 2.05 -1.00
N SER A 28 4.34 1.80 0.25
CA SER A 28 3.42 0.68 0.60
C SER A 28 2.45 1.11 1.68
N TYR A 29 1.21 0.72 1.57
CA TYR A 29 0.21 1.12 2.60
C TYR A 29 -0.91 0.08 2.66
N HIS A 30 -1.66 0.07 3.72
CA HIS A 30 -2.78 -0.89 3.85
C HIS A 30 -4.09 -0.16 3.57
N THR A 31 -5.06 -0.82 3.02
CA THR A 31 -6.35 -0.15 2.75
C THR A 31 -6.88 0.46 4.06
N PHE A 32 -6.67 -0.19 5.16
CA PHE A 32 -7.19 0.33 6.46
C PHE A 32 -6.23 1.36 7.07
N CYS A 33 -4.99 1.37 6.69
CA CYS A 33 -4.03 2.35 7.27
C CYS A 33 -4.13 3.68 6.52
N LEU A 34 -4.96 3.74 5.52
CA LEU A 34 -5.08 4.99 4.72
C LEU A 34 -6.31 5.79 5.15
N ILE A 35 -7.37 5.65 4.40
CA ILE A 35 -8.64 6.36 4.68
C ILE A 35 -9.69 5.27 4.82
N PRO A 36 -10.92 5.55 5.21
CA PRO A 36 -11.96 4.50 5.32
C PRO A 36 -11.60 3.31 4.41
N PRO A 37 -11.27 2.18 4.98
CA PRO A 37 -10.81 1.01 4.19
C PRO A 37 -11.43 0.93 2.80
N LEU A 38 -10.59 0.71 1.81
CA LEU A 38 -11.08 0.61 0.42
C LEU A 38 -11.77 -0.73 0.24
N HIS A 39 -12.61 -0.86 -0.75
CA HIS A 39 -13.32 -2.16 -0.95
C HIS A 39 -12.29 -3.26 -1.22
N ASP A 40 -11.30 -2.98 -2.00
CA ASP A 40 -10.27 -4.02 -2.29
C ASP A 40 -9.01 -3.34 -2.83
N VAL A 41 -7.97 -4.09 -3.04
CA VAL A 41 -6.71 -3.49 -3.56
C VAL A 41 -6.88 -3.15 -5.06
N PRO A 42 -6.84 -1.89 -5.43
CA PRO A 42 -6.98 -1.48 -6.87
C PRO A 42 -6.07 -2.28 -7.81
N LYS A 43 -6.44 -2.36 -9.07
CA LYS A 43 -5.64 -3.15 -10.04
C LYS A 43 -4.44 -2.36 -10.55
N GLY A 44 -3.95 -1.41 -9.81
CA GLY A 44 -2.76 -0.62 -10.27
C GLY A 44 -3.19 0.78 -10.72
N ASP A 45 -4.47 1.05 -10.76
CA ASP A 45 -4.93 2.40 -11.22
C ASP A 45 -5.33 3.25 -10.01
N TRP A 46 -4.52 3.27 -8.98
CA TRP A 46 -4.86 4.09 -7.78
C TRP A 46 -3.63 4.83 -7.26
N ARG A 47 -3.84 5.89 -6.53
CA ARG A 47 -2.71 6.68 -6.00
C ARG A 47 -3.01 7.06 -4.54
N CYS A 48 -2.00 7.35 -3.74
CA CYS A 48 -2.27 7.73 -2.33
C CYS A 48 -2.52 9.24 -2.24
N PRO A 49 -2.86 9.74 -1.07
CA PRO A 49 -3.14 11.19 -0.89
C PRO A 49 -1.92 12.08 -1.14
N LYS A 50 -0.75 11.59 -0.82
CA LYS A 50 0.48 12.41 -1.03
C LYS A 50 0.65 12.78 -2.50
N CYS A 51 0.32 11.89 -3.39
CA CYS A 51 0.47 12.22 -4.84
C CYS A 51 -0.61 13.22 -5.24
N LEU A 52 -1.78 13.10 -4.67
CA LEU A 52 -2.89 14.05 -5.01
C LEU A 52 -2.56 15.45 -4.48
N ALA A 53 -1.94 15.54 -3.34
CA ALA A 53 -1.61 16.87 -2.76
C ALA A 53 -0.65 17.60 -3.71
N GLN A 54 0.04 16.88 -4.53
CA GLN A 54 0.99 17.51 -5.47
C GLN A 54 0.24 18.48 -6.36
N GLU A 55 -0.94 18.11 -6.76
CA GLU A 55 -1.76 19.00 -7.63
C GLU A 55 -2.17 20.25 -6.85
N ALA B 1 -3.33 0.31 -7.81
CA ALA B 1 -2.41 -0.04 -6.71
C ALA B 1 -1.82 -1.43 -6.97
N ARG B 2 -0.67 -1.70 -6.40
CA ARG B 2 -0.03 -3.02 -6.60
C ARG B 2 0.04 -3.73 -5.24
N THR B 3 -0.19 -5.01 -5.21
CA THR B 3 -0.19 -5.74 -3.91
C THR B 3 1.20 -6.17 -3.49
N LYS B 4 1.49 -6.06 -2.22
CA LYS B 4 2.81 -6.49 -1.68
C LYS B 4 2.54 -7.38 -0.45
N GLN B 5 3.40 -8.33 -0.19
CA GLN B 5 3.19 -9.23 0.97
C GLN B 5 4.48 -9.36 1.78
N THR B 6 4.39 -9.83 2.99
CA THR B 6 5.63 -10.00 3.81
C THR B 6 5.32 -10.85 5.04
N ALA B 7 5.46 -12.14 4.94
CA ALA B 7 5.19 -13.03 6.11
C ALA B 7 6.25 -12.82 7.18
N ARG B 8 7.38 -12.29 6.81
CA ARG B 8 8.47 -12.07 7.80
C ARG B 8 7.97 -11.18 8.95
N LYS B 9 7.10 -10.24 8.65
CA LYS B 9 6.58 -9.34 9.71
C LYS B 9 7.75 -8.61 10.38
N SER B 10 8.68 -8.12 9.62
CA SER B 10 9.84 -7.41 10.22
C SER B 10 10.24 -6.24 9.32
#